data_8Z9I
#
_entry.id   8Z9I
#
_cell.length_a   100.925
_cell.length_b   273.391
_cell.length_c   165.103
_cell.angle_alpha   90.00
_cell.angle_beta   90.00
_cell.angle_gamma   90.00
#
_symmetry.space_group_name_H-M   'C 2 2 21'
#
loop_
_entity.id
_entity.type
_entity.pdbx_description
1 polymer 'RaTG13 Spike glycoprotein'
2 polymer 'Angiotensin-converting enzyme'
3 non-polymer 2-acetamido-2-deoxy-beta-D-glucopyranose
#
loop_
_entity_poly.entity_id
_entity_poly.type
_entity_poly.pdbx_seq_one_letter_code
_entity_poly.pdbx_strand_id
1 'polypeptide(L)'
;TNLCPFGEVFNATTFASVYAWNRKRISNCVADYSVLYQSTSFSTFKCYGVSPTKLNDLCFTNVYADSFVITGDEVRQIAP
GQTGKIADYNYKLPDDFTGCVIAWNSKHIDAKEGGNFNYLYRLFRKANLKPFERDISTEIYQAGSKPCNGQTGLNCYYPL
YRYGFYPTDGVGHQPYRVVVLSFELLNAPATVCGHH
;
O,E
2 'polypeptide(L)'
;STTEDRAKIFLDNFNHEAEDLSYQSSLASWEYNTNISDENVQKMDEAGAKWSAFYEEQSKLAKNYPLEEIQTVPVKLQLQ
ILQQSGSPVLSEDKSKRLNSILNAMSTIYSTGKVCKPNNPQECFLLEPGLDNIMGTSKDYNERLWAWEGWRAEVGKQLRP
LYEEYVALKNEMARGYHYEDYGDYWRRDYETEESSGSGYSRDQLMKDVDRIFTEIKPLYEHLHAYVRTKLMDTYPFHISP
TGCLPAHLLGDMWGRFWTNLYPLTVPFGQKPNIDVTDAMVNQGWDANRIFKEAEKFFVSVGLPNMTEGFWNNSMLTEPGD
GRKVVCHPTAWDLGKGDFRIKMCTKVTMEDFLTAHHEMGHIQYDMAYATQPYLLRNGANEGFHEAVGEVMSLSVATPKHL
KTMGLLSPDFLEDNETEINFLLKQALNIVGTLPFTYMLEKWRWMVFRGEIPKEEWMKKWWEMKRDLVGVVEPVPHDETYC
DPASLFHVANDYSFIRYYTRTIFEFQFHEALCRIAQHDGPLHKCDISNSTDAGKKLHQMLSVGKSQPWTVTLKDIVDSRN
MDVGPLLRYFEPLYTWLQEQNRKSYVGWNTDWSPYSD
;
A,F
#
# COMPACT_ATOMS: atom_id res chain seq x y z
N THR A 1 -20.65 85.50 -29.64
CA THR A 1 -21.02 84.10 -29.40
C THR A 1 -19.91 83.15 -29.82
N ASN A 2 -18.91 82.94 -28.97
CA ASN A 2 -17.79 82.08 -29.31
C ASN A 2 -17.79 80.81 -28.47
N LEU A 3 -16.98 79.87 -28.93
CA LEU A 3 -17.01 78.50 -28.46
C LEU A 3 -16.61 78.33 -26.99
N CYS A 4 -17.13 77.26 -26.40
CA CYS A 4 -16.91 76.95 -25.00
C CYS A 4 -15.44 76.70 -24.73
N PRO A 5 -15.01 76.96 -23.53
CA PRO A 5 -13.61 76.75 -23.14
C PRO A 5 -13.40 75.35 -22.57
N PHE A 6 -13.59 74.32 -23.40
CA PHE A 6 -13.44 72.98 -22.85
C PHE A 6 -11.98 72.56 -22.72
N GLY A 7 -11.12 73.08 -23.59
CA GLY A 7 -9.70 72.73 -23.52
C GLY A 7 -9.07 73.05 -22.17
N GLU A 8 -9.41 74.20 -21.60
CA GLU A 8 -8.81 74.55 -20.31
C GLU A 8 -9.26 73.59 -19.22
N VAL A 9 -10.45 73.01 -19.35
CA VAL A 9 -10.87 71.97 -18.40
C VAL A 9 -10.15 70.65 -18.67
N PHE A 10 -10.22 70.16 -19.91
CA PHE A 10 -9.65 68.84 -20.25
C PHE A 10 -8.13 68.89 -20.33
N ASN A 11 -7.57 69.88 -21.01
CA ASN A 11 -6.15 69.92 -21.29
C ASN A 11 -5.40 70.69 -20.23
N ALA A 12 -6.02 70.92 -19.07
CA ALA A 12 -5.36 71.62 -17.97
C ALA A 12 -4.11 70.85 -17.53
N THR A 13 -3.06 71.59 -17.14
CA THR A 13 -1.82 70.96 -16.72
C THR A 13 -1.91 70.35 -15.33
N THR A 14 -2.68 70.92 -14.41
CA THR A 14 -2.86 70.29 -13.12
C THR A 14 -4.34 70.03 -12.86
N PHE A 15 -4.62 68.87 -12.26
CA PHE A 15 -5.96 68.50 -11.85
C PHE A 15 -6.04 68.50 -10.33
N ALA A 16 -7.25 68.59 -9.80
CA ALA A 16 -7.43 68.70 -8.35
C ALA A 16 -7.53 67.33 -7.69
N SER A 17 -7.39 67.30 -6.38
CA SER A 17 -7.66 66.06 -5.70
C SER A 17 -9.16 65.88 -5.63
N VAL A 18 -9.60 64.61 -5.61
CA VAL A 18 -11.04 64.33 -5.61
C VAL A 18 -11.71 64.94 -4.38
N TYR A 19 -11.06 64.87 -3.21
CA TYR A 19 -11.69 65.38 -1.99
C TYR A 19 -12.02 66.86 -2.12
N ALA A 20 -11.20 67.60 -2.84
CA ALA A 20 -11.42 69.00 -3.14
C ALA A 20 -11.55 69.14 -4.64
N TRP A 21 -12.54 68.47 -5.25
CA TRP A 21 -12.70 68.46 -6.71
C TRP A 21 -13.06 69.84 -7.24
N ASN A 22 -12.62 70.11 -8.48
CA ASN A 22 -12.72 71.42 -9.12
C ASN A 22 -13.94 71.52 -10.02
N ARG A 23 -14.66 72.63 -9.94
CA ARG A 23 -15.82 72.80 -10.80
C ARG A 23 -15.63 74.04 -11.64
N LYS A 24 -15.90 73.91 -12.94
CA LYS A 24 -15.95 75.04 -13.83
C LYS A 24 -17.36 75.14 -14.35
N ARG A 25 -17.86 76.35 -14.38
CA ARG A 25 -19.20 76.65 -14.84
C ARG A 25 -19.08 77.14 -16.27
N ILE A 26 -19.89 76.54 -17.16
CA ILE A 26 -19.90 76.84 -18.59
C ILE A 26 -21.23 77.50 -18.91
N SER A 27 -21.17 78.76 -19.35
CA SER A 27 -22.36 79.54 -19.62
C SER A 27 -22.09 80.43 -20.81
N ASN A 28 -23.19 80.92 -21.40
CA ASN A 28 -23.17 81.92 -22.47
C ASN A 28 -22.22 81.47 -23.57
N CYS A 29 -22.38 80.22 -24.01
CA CYS A 29 -21.45 79.72 -25.00
C CYS A 29 -22.13 78.80 -26.01
N VAL A 30 -21.34 78.44 -27.05
CA VAL A 30 -21.66 77.44 -28.08
C VAL A 30 -20.49 76.45 -28.20
N ALA A 31 -20.78 75.14 -28.20
CA ALA A 31 -19.72 74.16 -28.16
C ALA A 31 -19.88 73.10 -29.23
N ASP A 32 -18.73 72.57 -29.65
CA ASP A 32 -18.66 71.41 -30.55
C ASP A 32 -18.20 70.26 -29.67
N TYR A 33 -19.10 69.35 -29.37
CA TYR A 33 -18.77 68.21 -28.54
C TYR A 33 -18.17 67.10 -29.38
N SER A 34 -18.08 67.30 -30.70
CA SER A 34 -17.52 66.28 -31.56
C SER A 34 -16.05 66.02 -31.26
N VAL A 35 -15.29 67.06 -30.85
CA VAL A 35 -13.87 66.85 -30.48
C VAL A 35 -13.75 65.86 -29.33
N LEU A 36 -14.63 66.02 -28.33
CA LEU A 36 -14.67 65.09 -27.23
C LEU A 36 -14.97 63.69 -27.73
N TYR A 37 -15.96 63.58 -28.62
CA TYR A 37 -16.34 62.24 -29.02
C TYR A 37 -15.30 61.60 -29.94
N GLN A 38 -14.62 62.39 -30.75
CA GLN A 38 -13.65 61.91 -31.72
C GLN A 38 -12.23 61.83 -31.16
N SER A 39 -12.06 61.99 -29.84
CA SER A 39 -10.73 61.98 -29.24
C SER A 39 -10.01 60.65 -29.42
N THR A 40 -10.68 59.54 -29.08
CA THR A 40 -10.12 58.18 -29.07
C THR A 40 -8.95 58.06 -28.09
N SER A 41 -8.86 58.96 -27.11
CA SER A 41 -7.83 58.86 -26.10
C SER A 41 -8.43 58.68 -24.71
N PHE A 42 -9.73 58.39 -24.65
CA PHE A 42 -10.44 58.26 -23.39
C PHE A 42 -10.70 56.79 -23.10
N SER A 43 -10.34 56.37 -21.90
CA SER A 43 -10.67 55.01 -21.47
C SER A 43 -12.15 54.86 -21.17
N THR A 44 -12.78 55.91 -20.68
CA THR A 44 -14.17 55.87 -20.28
C THR A 44 -14.85 57.11 -20.82
N PHE A 45 -16.02 56.90 -21.39
CA PHE A 45 -16.82 57.99 -21.89
C PHE A 45 -18.23 57.46 -21.80
N LYS A 46 -18.91 57.76 -20.71
CA LYS A 46 -20.24 57.23 -20.43
C LYS A 46 -21.16 58.41 -20.25
N CYS A 47 -22.27 58.39 -20.94
CA CYS A 47 -23.15 59.54 -20.97
C CYS A 47 -24.47 59.05 -20.39
N TYR A 48 -25.11 59.87 -19.53
CA TYR A 48 -26.36 59.47 -18.87
C TYR A 48 -27.43 60.47 -19.20
N GLY A 49 -28.55 59.99 -19.69
CA GLY A 49 -29.63 60.88 -20.04
C GLY A 49 -29.46 61.63 -21.33
N VAL A 50 -28.31 61.49 -21.99
CA VAL A 50 -28.06 62.12 -23.27
C VAL A 50 -27.10 61.25 -24.08
N SER A 51 -27.09 61.45 -25.38
CA SER A 51 -26.16 60.77 -26.26
C SER A 51 -25.06 61.74 -26.68
N PRO A 52 -23.81 61.30 -26.77
CA PRO A 52 -22.75 62.27 -27.13
C PRO A 52 -23.01 62.92 -28.48
N THR A 53 -23.49 62.14 -29.45
CA THR A 53 -23.89 62.69 -30.75
C THR A 53 -25.18 63.51 -30.72
N LYS A 54 -26.05 63.31 -29.74
CA LYS A 54 -27.23 64.16 -29.67
C LYS A 54 -26.92 65.52 -29.06
N LEU A 55 -25.78 65.63 -28.37
CA LEU A 55 -25.44 66.87 -27.69
C LEU A 55 -25.16 68.00 -28.67
N ASN A 56 -24.89 67.66 -29.93
CA ASN A 56 -24.66 68.71 -30.92
C ASN A 56 -25.95 69.40 -31.32
N ASP A 57 -27.10 68.76 -31.14
CA ASP A 57 -28.37 69.40 -31.44
C ASP A 57 -29.00 70.08 -30.21
N LEU A 58 -28.42 69.88 -29.04
CA LEU A 58 -29.08 70.23 -27.80
C LEU A 58 -28.60 71.57 -27.29
N CYS A 59 -29.51 72.27 -26.59
CA CYS A 59 -29.23 73.56 -25.99
C CYS A 59 -29.46 73.43 -24.50
N PHE A 60 -28.51 73.94 -23.73
CA PHE A 60 -28.59 73.83 -22.28
C PHE A 60 -28.36 75.20 -21.66
N THR A 61 -29.03 75.41 -20.54
CA THR A 61 -28.90 76.68 -19.85
C THR A 61 -27.52 76.83 -19.21
N ASN A 62 -26.99 75.75 -18.63
CA ASN A 62 -25.69 75.80 -17.98
C ASN A 62 -25.04 74.44 -18.11
N VAL A 63 -23.71 74.41 -18.09
CA VAL A 63 -22.94 73.18 -18.05
C VAL A 63 -21.86 73.30 -16.97
N TYR A 64 -21.71 72.26 -16.14
CA TYR A 64 -20.69 72.24 -15.09
C TYR A 64 -19.69 71.14 -15.38
N ALA A 65 -18.42 71.51 -15.41
CA ALA A 65 -17.32 70.57 -15.61
C ALA A 65 -16.59 70.38 -14.29
N ASP A 66 -16.68 69.18 -13.72
CA ASP A 66 -15.97 68.83 -12.50
C ASP A 66 -14.81 67.91 -12.87
N SER A 67 -13.63 68.22 -12.36
CA SER A 67 -12.40 67.53 -12.70
C SER A 67 -11.58 67.19 -11.45
N PHE A 68 -10.99 66.00 -11.42
CA PHE A 68 -10.21 65.52 -10.30
C PHE A 68 -9.47 64.26 -10.79
N VAL A 69 -8.65 63.66 -9.92
CA VAL A 69 -7.87 62.46 -10.24
C VAL A 69 -8.16 61.35 -9.23
N ILE A 70 -8.40 60.11 -9.71
CA ILE A 70 -8.65 58.93 -8.88
C ILE A 70 -8.02 57.70 -9.54
N THR A 71 -8.11 56.54 -8.88
CA THR A 71 -7.53 55.36 -9.53
C THR A 71 -8.50 54.76 -10.55
N GLY A 72 -7.94 53.93 -11.44
CA GLY A 72 -8.75 53.29 -12.45
C GLY A 72 -9.85 52.45 -11.86
N ASP A 73 -9.54 51.69 -10.81
CA ASP A 73 -10.58 50.90 -10.16
C ASP A 73 -11.70 51.78 -9.62
N GLU A 74 -11.40 53.01 -9.24
CA GLU A 74 -12.40 53.88 -8.64
C GLU A 74 -13.29 54.58 -9.66
N VAL A 75 -12.95 54.56 -10.94
CA VAL A 75 -13.73 55.27 -11.94
C VAL A 75 -15.14 54.73 -11.99
N ARG A 76 -15.35 53.44 -11.72
CA ARG A 76 -16.71 52.90 -11.80
C ARG A 76 -17.65 53.57 -10.81
N GLN A 77 -17.11 54.13 -9.72
CA GLN A 77 -17.93 54.84 -8.74
C GLN A 77 -18.40 56.19 -9.22
N ILE A 78 -17.91 56.70 -10.33
CA ILE A 78 -18.36 58.00 -10.79
C ILE A 78 -19.61 57.83 -11.63
N ALA A 79 -20.70 57.40 -11.00
CA ALA A 79 -21.93 57.08 -11.73
C ALA A 79 -23.09 57.13 -10.76
N PRO A 80 -24.32 57.25 -11.27
CA PRO A 80 -25.46 57.37 -10.36
C PRO A 80 -25.63 56.11 -9.53
N GLY A 81 -26.07 56.30 -8.28
CA GLY A 81 -26.33 55.19 -7.38
C GLY A 81 -25.15 54.27 -7.15
N GLN A 82 -23.97 54.83 -7.00
CA GLN A 82 -22.80 54.04 -6.71
C GLN A 82 -22.35 54.37 -5.30
N THR A 83 -21.72 53.39 -4.67
CA THR A 83 -21.18 53.52 -3.32
C THR A 83 -19.73 53.03 -3.29
N GLY A 84 -18.96 53.63 -2.41
CA GLY A 84 -17.54 53.37 -2.30
C GLY A 84 -16.90 54.57 -1.62
N LYS A 85 -15.60 54.48 -1.42
CA LYS A 85 -14.98 55.59 -0.70
C LYS A 85 -15.14 56.87 -1.52
N ILE A 86 -14.97 56.78 -2.83
CA ILE A 86 -15.09 57.98 -3.65
C ILE A 86 -16.52 58.50 -3.63
N ALA A 87 -17.50 57.62 -3.92
CA ALA A 87 -18.89 58.04 -3.99
C ALA A 87 -19.44 58.42 -2.62
N ASP A 88 -19.11 57.64 -1.59
CA ASP A 88 -19.64 57.95 -0.26
C ASP A 88 -19.05 59.26 0.26
N TYR A 89 -17.73 59.43 0.16
CA TYR A 89 -17.11 60.54 0.88
C TYR A 89 -16.38 61.58 0.05
N ASN A 90 -16.31 61.48 -1.26
CA ASN A 90 -15.51 62.44 -2.03
C ASN A 90 -16.28 63.13 -3.15
N TYR A 91 -16.85 62.39 -4.09
CA TYR A 91 -17.61 62.96 -5.18
C TYR A 91 -18.82 62.07 -5.41
N LYS A 92 -20.01 62.64 -5.27
CA LYS A 92 -21.23 61.86 -5.39
C LYS A 92 -22.11 62.40 -6.51
N LEU A 93 -22.55 61.51 -7.35
CA LEU A 93 -23.43 61.92 -8.42
C LEU A 93 -24.88 61.60 -8.04
N PRO A 94 -25.80 62.49 -8.35
CA PRO A 94 -27.21 62.26 -8.02
C PRO A 94 -27.80 61.17 -8.89
N ASP A 95 -28.91 60.60 -8.42
CA ASP A 95 -29.62 59.62 -9.23
C ASP A 95 -30.14 60.27 -10.51
N ASP A 96 -30.62 61.52 -10.42
CA ASP A 96 -31.12 62.20 -11.62
C ASP A 96 -30.00 62.89 -12.40
N PHE A 97 -28.79 62.34 -12.34
CA PHE A 97 -27.69 62.99 -13.04
C PHE A 97 -27.94 62.85 -14.53
N THR A 98 -27.83 63.96 -15.24
CA THR A 98 -27.88 63.94 -16.69
C THR A 98 -26.65 64.67 -17.22
N GLY A 99 -25.79 63.94 -17.93
CA GLY A 99 -24.51 64.46 -18.36
C GLY A 99 -23.62 63.34 -18.85
N CYS A 100 -22.32 63.64 -18.98
CA CYS A 100 -21.35 62.62 -19.38
C CYS A 100 -20.20 62.58 -18.37
N VAL A 101 -19.58 61.41 -18.25
CA VAL A 101 -18.41 61.22 -17.41
C VAL A 101 -17.26 60.76 -18.30
N ILE A 102 -16.17 61.51 -18.32
CA ILE A 102 -15.04 61.16 -19.16
C ILE A 102 -13.82 60.96 -18.29
N ALA A 103 -13.05 59.91 -18.59
CA ALA A 103 -11.83 59.65 -17.83
C ALA A 103 -10.79 59.04 -18.75
N TRP A 104 -9.52 59.26 -18.41
CA TRP A 104 -8.47 58.66 -19.21
C TRP A 104 -7.27 58.38 -18.32
N ASN A 105 -6.47 57.40 -18.76
CA ASN A 105 -5.30 56.98 -18.03
C ASN A 105 -4.26 58.09 -18.04
N SER A 106 -3.82 58.42 -16.85
CA SER A 106 -3.03 59.61 -16.60
C SER A 106 -1.65 59.27 -16.04
N LYS A 107 -1.20 58.02 -16.22
CA LYS A 107 0.03 57.53 -15.62
C LYS A 107 1.28 58.31 -16.06
N HIS A 108 1.35 58.71 -17.33
CA HIS A 108 2.59 59.37 -17.74
C HIS A 108 2.79 60.70 -17.03
N ILE A 109 1.70 61.38 -16.70
CA ILE A 109 1.76 62.71 -16.12
C ILE A 109 1.75 62.65 -14.60
N ASP A 110 0.91 61.80 -14.02
CA ASP A 110 0.62 61.83 -12.60
C ASP A 110 1.31 60.74 -11.79
N ALA A 111 2.13 59.89 -12.42
CA ALA A 111 2.93 58.90 -11.71
C ALA A 111 4.40 59.21 -11.96
N LYS A 112 5.22 58.97 -10.95
CA LYS A 112 6.64 59.23 -11.02
C LYS A 112 7.42 58.12 -10.32
N GLU A 113 8.68 57.98 -10.69
CA GLU A 113 9.52 56.97 -10.05
C GLU A 113 9.62 57.27 -8.57
N GLY A 114 9.40 56.27 -7.73
CA GLY A 114 9.40 56.53 -6.32
C GLY A 114 8.07 56.95 -5.76
N GLY A 115 7.08 57.16 -6.61
CA GLY A 115 5.72 57.45 -6.21
C GLY A 115 5.39 58.93 -6.20
N ASN A 116 4.17 59.26 -6.64
CA ASN A 116 3.64 60.61 -6.67
C ASN A 116 2.53 60.70 -5.64
N PHE A 117 2.74 61.52 -4.60
CA PHE A 117 1.82 61.59 -3.49
C PHE A 117 1.15 62.95 -3.42
N ASN A 118 1.13 63.67 -4.53
CA ASN A 118 0.42 64.93 -4.62
C ASN A 118 -1.05 64.73 -4.28
N TYR A 119 -1.64 63.64 -4.76
CA TYR A 119 -3.08 63.46 -4.72
C TYR A 119 -3.65 62.77 -3.49
N LEU A 120 -4.66 63.40 -2.88
CA LEU A 120 -5.29 62.98 -1.65
C LEU A 120 -6.75 62.60 -1.88
N TYR A 121 -7.30 61.82 -0.95
CA TYR A 121 -8.71 61.44 -0.94
C TYR A 121 -9.16 61.36 0.51
N ARG A 122 -10.48 61.31 0.70
CA ARG A 122 -11.03 61.21 2.05
C ARG A 122 -11.39 59.75 2.31
N LEU A 123 -10.94 59.21 3.46
CA LEU A 123 -11.19 57.80 3.77
C LEU A 123 -12.32 57.59 4.78
N PHE A 124 -12.57 58.57 5.67
CA PHE A 124 -13.60 58.47 6.70
C PHE A 124 -14.47 59.71 6.70
N ARG A 125 -15.75 59.52 7.03
CA ARG A 125 -16.68 60.65 7.20
C ARG A 125 -17.83 60.23 8.10
N LYS A 126 -18.40 61.20 8.80
CA LYS A 126 -19.52 60.91 9.70
C LYS A 126 -20.77 60.44 8.95
N ALA A 127 -21.01 60.94 7.73
CA ALA A 127 -22.12 60.47 6.91
C ALA A 127 -21.76 60.61 5.44
N ASN A 128 -22.49 59.90 4.59
CA ASN A 128 -22.21 60.00 3.16
C ASN A 128 -22.56 61.39 2.66
N LEU A 129 -21.82 61.83 1.65
CA LEU A 129 -22.01 63.12 1.02
C LEU A 129 -23.33 63.17 0.26
N LYS A 130 -23.88 64.38 0.16
CA LYS A 130 -24.97 64.68 -0.75
C LYS A 130 -24.45 64.90 -2.16
N PRO A 131 -25.31 64.76 -3.17
CA PRO A 131 -24.84 64.92 -4.56
C PRO A 131 -24.23 66.30 -4.80
N PHE A 132 -23.08 66.32 -5.48
CA PHE A 132 -22.36 67.56 -5.79
C PHE A 132 -22.00 68.37 -4.55
N GLU A 133 -21.72 67.69 -3.43
CA GLU A 133 -21.28 68.36 -2.22
C GLU A 133 -19.79 68.16 -2.04
N ARG A 134 -19.11 69.15 -1.49
CA ARG A 134 -17.67 69.06 -1.32
C ARG A 134 -17.31 69.32 0.14
N ASP A 135 -16.47 68.46 0.70
CA ASP A 135 -16.05 68.57 2.08
C ASP A 135 -14.53 68.65 2.05
N ILE A 136 -13.98 69.82 2.41
CA ILE A 136 -12.54 70.01 2.47
C ILE A 136 -12.06 70.21 3.91
N SER A 137 -12.89 69.84 4.89
CA SER A 137 -12.49 69.95 6.28
C SER A 137 -11.40 68.95 6.59
N THR A 138 -10.49 69.32 7.49
CA THR A 138 -9.43 68.43 7.89
C THR A 138 -9.60 68.07 9.35
N GLU A 139 -10.85 67.79 9.73
CA GLU A 139 -11.19 67.55 11.13
C GLU A 139 -10.96 66.08 11.48
N ILE A 140 -10.36 65.86 12.64
CA ILE A 140 -10.04 64.52 13.06
C ILE A 140 -11.33 63.72 13.19
N TYR A 141 -11.33 62.54 12.59
CA TYR A 141 -12.51 61.69 12.56
C TYR A 141 -12.67 60.98 13.89
N GLN A 142 -13.83 61.09 14.49
CA GLN A 142 -14.07 60.49 15.80
C GLN A 142 -14.81 59.19 15.61
N ALA A 143 -14.06 58.08 15.68
CA ALA A 143 -14.58 56.73 15.56
C ALA A 143 -14.91 56.09 16.91
N GLY A 144 -14.61 56.78 18.02
CA GLY A 144 -14.82 56.20 19.32
C GLY A 144 -15.69 57.09 20.19
N SER A 145 -16.13 56.50 21.30
CA SER A 145 -16.87 57.24 22.31
C SER A 145 -16.03 58.36 22.88
N LYS A 146 -14.77 58.08 23.15
CA LYS A 146 -13.86 59.08 23.67
C LYS A 146 -13.64 60.20 22.65
N PRO A 147 -13.83 61.48 23.01
CA PRO A 147 -13.55 62.56 22.07
C PRO A 147 -12.05 62.65 21.84
N CYS A 148 -11.65 62.97 20.62
CA CYS A 148 -10.23 63.15 20.36
C CYS A 148 -9.82 64.58 20.35
N ASN A 149 -10.79 65.50 20.55
CA ASN A 149 -10.62 66.94 20.56
C ASN A 149 -9.37 67.36 19.81
N GLY A 150 -8.25 67.44 20.55
CA GLY A 150 -6.96 67.76 19.97
C GLY A 150 -6.69 67.04 18.67
N GLN A 151 -6.26 65.79 18.73
CA GLN A 151 -5.50 65.29 17.60
C GLN A 151 -5.64 63.78 17.46
N THR A 152 -4.80 63.24 16.58
CA THR A 152 -4.64 61.84 16.25
C THR A 152 -4.41 60.97 17.48
N GLY A 153 -4.47 59.66 17.26
CA GLY A 153 -4.35 58.69 18.32
C GLY A 153 -5.33 57.54 18.13
N LEU A 154 -5.41 56.67 19.14
CA LEU A 154 -6.30 55.51 19.07
C LEU A 154 -7.73 55.94 18.80
N ASN A 155 -8.35 55.28 17.84
CA ASN A 155 -9.75 55.45 17.43
C ASN A 155 -10.05 56.85 16.95
N CYS A 156 -9.03 57.64 16.61
CA CYS A 156 -9.21 58.86 15.84
C CYS A 156 -8.14 59.01 14.78
N TYR A 157 -8.60 59.28 13.57
CA TYR A 157 -7.75 59.25 12.42
C TYR A 157 -7.88 60.57 11.68
N TYR A 158 -6.85 60.93 11.00
CA TYR A 158 -6.90 62.11 10.15
C TYR A 158 -7.56 61.68 8.84
N PRO A 159 -8.61 62.38 8.39
CA PRO A 159 -9.47 61.81 7.31
C PRO A 159 -8.81 61.65 5.94
N LEU A 160 -7.87 62.51 5.55
CA LEU A 160 -7.33 62.53 4.20
C LEU A 160 -6.05 61.71 4.10
N TYR A 161 -5.95 60.87 3.08
CA TYR A 161 -4.75 60.08 2.85
C TYR A 161 -4.30 60.35 1.42
N ARG A 162 -3.04 60.05 1.11
CA ARG A 162 -2.53 60.32 -0.23
C ARG A 162 -2.44 59.05 -1.07
N TYR A 163 -2.79 59.18 -2.36
CA TYR A 163 -2.51 58.15 -3.34
C TYR A 163 -1.03 58.18 -3.63
N GLY A 164 -0.45 57.02 -3.90
CA GLY A 164 0.93 56.99 -4.37
C GLY A 164 0.99 56.30 -5.71
N PHE A 165 1.35 57.03 -6.76
CA PHE A 165 1.28 56.49 -8.11
C PHE A 165 2.70 56.24 -8.60
N TYR A 166 2.96 54.98 -9.01
CA TYR A 166 4.24 54.51 -9.51
C TYR A 166 4.00 54.06 -10.94
N PRO A 167 5.01 54.13 -11.80
CA PRO A 167 4.82 53.62 -13.16
C PRO A 167 4.54 52.14 -13.20
N THR A 168 5.03 51.36 -12.23
CA THR A 168 4.75 49.93 -12.17
C THR A 168 3.43 49.57 -11.52
N ASP A 169 2.61 50.55 -11.16
CA ASP A 169 1.34 50.21 -10.55
C ASP A 169 0.49 49.42 -11.54
N GLY A 170 -0.39 48.58 -11.00
CA GLY A 170 -1.39 47.93 -11.83
C GLY A 170 -2.43 48.93 -12.31
N VAL A 171 -3.09 48.58 -13.42
CA VAL A 171 -3.94 49.53 -14.14
C VAL A 171 -5.05 50.04 -13.24
N GLY A 172 -5.64 49.15 -12.45
CA GLY A 172 -6.70 49.57 -11.54
C GLY A 172 -6.25 50.60 -10.53
N HIS A 173 -4.96 50.61 -10.23
CA HIS A 173 -4.32 51.51 -9.30
C HIS A 173 -3.60 52.69 -9.93
N GLN A 174 -3.58 52.77 -11.26
CA GLN A 174 -2.92 53.86 -11.95
C GLN A 174 -3.78 55.11 -11.85
N PRO A 175 -3.19 56.29 -11.96
CA PRO A 175 -4.00 57.53 -11.88
C PRO A 175 -4.88 57.71 -13.12
N TYR A 176 -6.08 58.25 -12.91
CA TYR A 176 -6.99 58.55 -14.02
C TYR A 176 -7.54 59.97 -13.87
N ARG A 177 -7.60 60.70 -14.97
CA ARG A 177 -8.15 62.04 -14.94
C ARG A 177 -9.59 61.96 -15.40
N VAL A 178 -10.47 62.51 -14.59
CA VAL A 178 -11.91 62.44 -14.77
C VAL A 178 -12.42 63.86 -15.00
N VAL A 179 -13.28 64.00 -15.99
CA VAL A 179 -14.05 65.23 -16.17
C VAL A 179 -15.50 64.81 -16.19
N VAL A 180 -16.32 65.49 -15.39
CA VAL A 180 -17.75 65.25 -15.33
C VAL A 180 -18.47 66.52 -15.80
N LEU A 181 -19.20 66.39 -16.90
CA LEU A 181 -20.05 67.46 -17.46
C LEU A 181 -21.50 67.21 -17.04
N SER A 182 -22.10 68.15 -16.33
CA SER A 182 -23.50 68.04 -15.96
C SER A 182 -24.25 69.07 -16.78
N PHE A 183 -25.33 68.65 -17.40
CA PHE A 183 -26.12 69.57 -18.19
C PHE A 183 -27.40 69.82 -17.42
N GLU A 184 -27.58 71.04 -16.93
CA GLU A 184 -28.75 71.34 -16.14
C GLU A 184 -29.83 71.96 -17.02
N LEU A 185 -31.08 71.69 -16.65
CA LEU A 185 -32.26 72.07 -17.42
C LEU A 185 -32.96 73.22 -16.69
N LEU A 186 -32.43 74.42 -16.83
CA LEU A 186 -32.95 75.46 -15.97
C LEU A 186 -34.31 75.94 -16.51
N ASN A 187 -35.00 76.72 -15.67
CA ASN A 187 -36.26 77.31 -16.06
C ASN A 187 -36.06 78.45 -17.07
N ALA A 188 -34.91 79.11 -16.98
CA ALA A 188 -34.59 80.32 -17.75
C ALA A 188 -34.12 79.97 -19.18
N PRO A 189 -33.73 80.97 -19.99
CA PRO A 189 -33.22 80.67 -21.34
C PRO A 189 -31.92 79.89 -21.36
N ALA A 190 -31.78 79.07 -22.40
CA ALA A 190 -30.58 78.26 -22.61
C ALA A 190 -29.47 79.14 -23.16
N THR A 191 -28.28 79.04 -22.56
CA THR A 191 -27.16 79.84 -22.98
C THR A 191 -25.98 79.02 -23.51
N VAL A 192 -26.01 77.69 -23.36
CA VAL A 192 -24.92 76.80 -23.76
C VAL A 192 -25.46 75.84 -24.82
N CYS A 193 -25.16 76.08 -26.09
CA CYS A 193 -25.80 75.33 -27.18
C CYS A 193 -24.77 74.60 -28.04
N GLY A 194 -25.20 73.56 -28.77
CA GLY A 194 -24.32 72.83 -29.64
C GLY A 194 -24.38 73.36 -31.07
N HIS A 195 -23.58 72.76 -31.95
CA HIS A 195 -23.58 73.18 -33.36
C HIS A 195 -24.95 73.02 -34.05
N SER B 1 15.92 -51.47 -19.67
CA SER B 1 16.53 -51.03 -20.93
C SER B 1 16.86 -49.52 -20.88
N THR B 2 15.86 -48.69 -21.18
CA THR B 2 16.00 -47.25 -21.03
C THR B 2 16.03 -46.88 -19.55
N THR B 3 16.78 -45.83 -19.22
CA THR B 3 16.93 -45.45 -17.81
C THR B 3 15.59 -45.07 -17.19
N GLU B 4 14.66 -44.58 -18.00
CA GLU B 4 13.32 -44.29 -17.49
C GLU B 4 12.53 -45.56 -17.24
N ASP B 5 12.72 -46.57 -18.09
CA ASP B 5 12.06 -47.86 -17.87
C ASP B 5 12.49 -48.48 -16.54
N ARG B 6 13.78 -48.40 -16.22
CA ARG B 6 14.27 -48.94 -14.95
C ARG B 6 13.82 -48.08 -13.78
N ALA B 7 13.72 -46.77 -13.99
CA ALA B 7 13.22 -45.88 -12.96
C ALA B 7 11.79 -46.22 -12.57
N LYS B 8 10.91 -46.39 -13.57
CA LYS B 8 9.52 -46.77 -13.28
C LYS B 8 9.44 -48.03 -12.41
N ILE B 9 10.29 -49.02 -12.69
CA ILE B 9 10.27 -50.25 -11.91
C ILE B 9 10.73 -49.98 -10.48
N PHE B 10 11.84 -49.24 -10.33
CA PHE B 10 12.27 -48.85 -8.99
C PHE B 10 11.16 -48.15 -8.20
N LEU B 11 10.44 -47.21 -8.83
CA LEU B 11 9.33 -46.52 -8.17
C LEU B 11 8.15 -47.45 -7.89
N ASP B 12 7.87 -48.39 -8.79
CA ASP B 12 6.87 -49.41 -8.54
C ASP B 12 7.16 -50.11 -7.22
N ASN B 13 8.32 -50.79 -7.16
CA ASN B 13 8.76 -51.43 -5.92
C ASN B 13 8.74 -50.48 -4.71
N PHE B 14 9.30 -49.29 -4.88
CA PHE B 14 9.34 -48.38 -3.75
C PHE B 14 7.93 -48.13 -3.23
N ASN B 15 7.02 -47.70 -4.10
CA ASN B 15 5.68 -47.37 -3.66
C ASN B 15 5.04 -48.55 -2.96
N HIS B 16 5.32 -49.77 -3.44
CA HIS B 16 4.68 -50.94 -2.86
C HIS B 16 5.22 -51.27 -1.46
N GLU B 17 6.54 -51.14 -1.25
CA GLU B 17 7.07 -51.42 0.09
C GLU B 17 6.75 -50.25 1.03
N ALA B 18 6.77 -49.05 0.47
CA ALA B 18 6.53 -47.83 1.24
C ALA B 18 5.11 -47.82 1.77
N GLU B 19 4.16 -48.35 1.01
CA GLU B 19 2.77 -48.26 1.45
C GLU B 19 2.57 -49.06 2.73
N ASP B 20 3.01 -50.31 2.71
CA ASP B 20 2.93 -51.18 3.88
C ASP B 20 3.64 -50.55 5.07
N LEU B 21 4.89 -50.12 4.88
CA LEU B 21 5.66 -49.56 6.00
C LEU B 21 5.03 -48.30 6.54
N SER B 22 4.79 -47.31 5.67
CA SER B 22 4.10 -46.10 6.09
C SER B 22 2.90 -46.45 6.94
N TYR B 23 2.00 -47.30 6.42
CA TYR B 23 0.78 -47.60 7.16
C TYR B 23 1.10 -48.19 8.53
N GLN B 24 2.08 -49.10 8.58
CA GLN B 24 2.46 -49.66 9.87
C GLN B 24 2.87 -48.56 10.83
N SER B 25 3.72 -47.64 10.37
CA SER B 25 4.16 -46.54 11.22
C SER B 25 2.97 -45.68 11.66
N SER B 26 2.15 -45.23 10.71
CA SER B 26 0.99 -44.40 11.02
C SER B 26 0.11 -45.08 12.04
N LEU B 27 -0.01 -46.40 11.94
CA LEU B 27 -0.87 -47.17 12.81
C LEU B 27 -0.32 -47.19 14.24
N ALA B 28 0.98 -47.49 14.40
CA ALA B 28 1.64 -47.46 15.70
C ALA B 28 1.54 -46.08 16.33
N SER B 29 1.84 -45.05 15.54
CA SER B 29 1.79 -43.67 16.01
C SER B 29 0.37 -43.28 16.46
N TRP B 30 -0.63 -43.65 15.67
CA TRP B 30 -2.00 -43.33 16.07
C TRP B 30 -2.34 -43.99 17.39
N GLU B 31 -1.97 -45.26 17.56
CA GLU B 31 -2.23 -45.91 18.84
C GLU B 31 -1.62 -45.13 19.99
N TYR B 32 -0.37 -44.67 19.84
CA TYR B 32 0.22 -43.87 20.91
C TYR B 32 -0.64 -42.64 21.20
N ASN B 33 -0.90 -41.79 20.19
CA ASN B 33 -1.64 -40.55 20.45
C ASN B 33 -2.98 -40.78 21.12
N THR B 34 -3.66 -41.89 20.80
CA THR B 34 -4.94 -42.16 21.44
C THR B 34 -4.85 -43.13 22.61
N ASN B 35 -3.69 -43.18 23.31
CA ASN B 35 -3.47 -44.19 24.33
C ASN B 35 -2.05 -44.10 24.88
N ILE B 36 -1.71 -43.00 25.55
CA ILE B 36 -0.32 -42.72 25.90
C ILE B 36 0.18 -43.75 26.91
N SER B 37 1.16 -44.55 26.50
CA SER B 37 1.77 -45.54 27.36
C SER B 37 3.20 -45.74 26.88
N ASP B 38 4.02 -46.30 27.77
CA ASP B 38 5.40 -46.60 27.39
C ASP B 38 5.44 -47.69 26.32
N GLU B 39 4.65 -48.76 26.50
CA GLU B 39 4.53 -49.79 25.46
C GLU B 39 4.25 -49.18 24.09
N ASN B 40 3.24 -48.31 24.01
CA ASN B 40 2.88 -47.76 22.72
C ASN B 40 3.96 -46.82 22.17
N VAL B 41 4.71 -46.14 23.03
CA VAL B 41 5.78 -45.29 22.48
C VAL B 41 6.91 -46.17 21.95
N GLN B 42 7.08 -47.35 22.52
CA GLN B 42 8.01 -48.32 21.93
C GLN B 42 7.58 -48.68 20.52
N LYS B 43 6.31 -49.03 20.34
CA LYS B 43 5.85 -49.42 19.02
C LYS B 43 6.03 -48.28 18.02
N MET B 44 5.71 -47.05 18.43
CA MET B 44 5.78 -45.92 17.50
C MET B 44 7.22 -45.65 17.07
N ASP B 45 8.16 -45.73 18.01
CA ASP B 45 9.53 -45.41 17.59
C ASP B 45 10.13 -46.54 16.76
N GLU B 46 9.70 -47.80 16.97
CA GLU B 46 10.16 -48.89 16.12
C GLU B 46 9.61 -48.78 14.70
N ALA B 47 8.29 -48.60 14.57
CA ALA B 47 7.68 -48.36 13.27
C ALA B 47 8.35 -47.19 12.54
N GLY B 48 8.50 -46.06 13.24
CA GLY B 48 9.17 -44.93 12.64
C GLY B 48 10.59 -45.21 12.20
N ALA B 49 11.28 -46.13 12.88
CA ALA B 49 12.69 -46.36 12.53
C ALA B 49 12.86 -47.35 11.39
N LYS B 50 12.01 -48.38 11.30
CA LYS B 50 12.00 -49.20 10.08
C LYS B 50 11.61 -48.35 8.87
N TRP B 51 10.63 -47.47 9.06
CA TRP B 51 10.23 -46.59 7.97
C TRP B 51 11.37 -45.64 7.60
N SER B 52 12.14 -45.19 8.59
CA SER B 52 13.24 -44.27 8.30
C SER B 52 14.38 -44.94 7.58
N ALA B 53 14.77 -46.13 8.03
CA ALA B 53 15.81 -46.89 7.35
C ALA B 53 15.40 -47.23 5.93
N PHE B 54 14.13 -47.61 5.75
CA PHE B 54 13.68 -47.88 4.39
C PHE B 54 13.76 -46.64 3.53
N TYR B 55 13.40 -45.48 4.07
CA TYR B 55 13.39 -44.29 3.24
C TYR B 55 14.81 -43.82 2.90
N GLU B 56 15.73 -43.94 3.86
CA GLU B 56 17.15 -43.70 3.58
C GLU B 56 17.65 -44.60 2.46
N GLU B 57 17.47 -45.91 2.64
CA GLU B 57 17.94 -46.86 1.64
C GLU B 57 17.41 -46.48 0.26
N GLN B 58 16.09 -46.38 0.15
CA GLN B 58 15.47 -46.04 -1.14
C GLN B 58 16.01 -44.75 -1.69
N SER B 59 16.25 -43.77 -0.82
CA SER B 59 16.71 -42.47 -1.29
C SER B 59 18.13 -42.57 -1.85
N LYS B 60 19.02 -43.29 -1.18
CA LYS B 60 20.34 -43.56 -1.75
C LYS B 60 20.18 -44.18 -3.15
N LEU B 61 19.37 -45.24 -3.24
CA LEU B 61 19.26 -45.96 -4.50
C LEU B 61 18.66 -45.09 -5.60
N ALA B 62 17.79 -44.16 -5.23
CA ALA B 62 17.19 -43.25 -6.21
C ALA B 62 18.24 -42.49 -6.99
N LYS B 63 19.37 -42.17 -6.33
CA LYS B 63 20.42 -41.36 -6.93
C LYS B 63 21.09 -42.05 -8.10
N ASN B 64 20.78 -43.34 -8.32
CA ASN B 64 21.28 -44.15 -9.41
C ASN B 64 20.56 -43.92 -10.73
N TYR B 65 19.42 -43.22 -10.73
CA TYR B 65 18.66 -42.99 -11.96
C TYR B 65 18.77 -41.52 -12.33
N PRO B 66 19.61 -41.17 -13.32
CA PRO B 66 19.84 -39.76 -13.64
C PRO B 66 18.56 -39.06 -14.12
N LEU B 67 18.38 -37.83 -13.64
CA LEU B 67 17.13 -37.12 -13.90
C LEU B 67 17.02 -36.65 -15.34
N GLU B 68 18.14 -36.26 -15.96
CA GLU B 68 18.13 -35.82 -17.36
C GLU B 68 17.47 -36.85 -18.25
N GLU B 69 17.71 -38.13 -17.97
CA GLU B 69 17.28 -39.20 -18.85
C GLU B 69 15.77 -39.41 -18.77
N ILE B 70 15.15 -38.96 -17.69
CA ILE B 70 13.71 -39.13 -17.46
C ILE B 70 12.92 -38.07 -18.22
N GLN B 71 11.84 -38.50 -18.88
CA GLN B 71 10.94 -37.59 -19.59
C GLN B 71 9.58 -37.40 -18.92
N THR B 72 8.94 -38.47 -18.42
CA THR B 72 7.65 -38.36 -17.74
C THR B 72 7.74 -37.52 -16.46
N VAL B 73 6.72 -36.70 -16.24
CA VAL B 73 6.74 -35.71 -15.16
C VAL B 73 6.50 -36.40 -13.81
N PRO B 74 5.53 -37.30 -13.65
CA PRO B 74 5.42 -37.98 -12.34
C PRO B 74 6.62 -38.82 -11.97
N VAL B 75 7.17 -39.62 -12.90
CA VAL B 75 8.39 -40.37 -12.60
C VAL B 75 9.48 -39.41 -12.13
N LYS B 76 9.76 -38.38 -12.94
CA LYS B 76 10.82 -37.44 -12.61
C LYS B 76 10.57 -36.77 -11.27
N LEU B 77 9.33 -36.34 -11.01
CA LEU B 77 8.99 -35.67 -9.75
C LEU B 77 9.27 -36.57 -8.57
N GLN B 78 8.75 -37.80 -8.62
CA GLN B 78 9.01 -38.79 -7.58
C GLN B 78 10.51 -38.94 -7.34
N LEU B 79 11.25 -39.26 -8.41
CA LEU B 79 12.71 -39.33 -8.34
C LEU B 79 13.33 -38.10 -7.66
N GLN B 80 12.89 -36.89 -8.04
CA GLN B 80 13.43 -35.68 -7.44
C GLN B 80 13.24 -35.69 -5.93
N ILE B 81 11.99 -35.87 -5.50
CA ILE B 81 11.69 -35.89 -4.08
C ILE B 81 12.49 -36.97 -3.36
N LEU B 82 12.69 -38.10 -4.02
CA LEU B 82 13.45 -39.17 -3.39
C LEU B 82 14.95 -38.89 -3.38
N GLN B 83 15.43 -38.05 -4.28
CA GLN B 83 16.86 -37.84 -4.42
C GLN B 83 17.39 -36.72 -3.53
N GLN B 84 16.61 -35.66 -3.35
CA GLN B 84 17.07 -34.49 -2.59
C GLN B 84 16.89 -34.63 -1.06
N SER B 85 16.80 -35.86 -0.53
CA SER B 85 16.55 -36.02 0.90
C SER B 85 17.02 -37.41 1.32
N GLY B 86 16.69 -37.78 2.57
CA GLY B 86 16.85 -39.14 3.08
C GLY B 86 18.25 -39.70 3.11
N SER B 87 19.01 -39.48 2.03
CA SER B 87 20.35 -40.05 1.92
C SER B 87 21.29 -39.32 2.87
N PRO B 88 22.25 -40.02 3.48
CA PRO B 88 23.10 -39.38 4.48
C PRO B 88 24.15 -38.48 3.85
N VAL B 89 24.53 -37.48 4.64
CA VAL B 89 25.45 -36.42 4.23
C VAL B 89 26.43 -36.08 5.36
N LEU B 90 25.96 -36.18 6.62
CA LEU B 90 26.75 -36.01 7.84
C LEU B 90 27.31 -37.35 8.32
N SER B 91 28.45 -37.30 9.00
CA SER B 91 29.03 -38.50 9.59
C SER B 91 28.10 -39.11 10.63
N GLU B 92 28.30 -40.41 10.92
CA GLU B 92 27.55 -41.06 11.99
C GLU B 92 27.61 -40.24 13.27
N ASP B 93 28.81 -39.86 13.68
CA ASP B 93 28.97 -39.12 14.91
C ASP B 93 28.18 -37.81 14.87
N LYS B 94 28.24 -37.08 13.75
CA LYS B 94 27.59 -35.78 13.64
C LYS B 94 26.08 -35.90 13.38
N SER B 95 25.63 -37.01 12.76
CA SER B 95 24.21 -37.34 12.76
C SER B 95 23.70 -37.42 14.18
N LYS B 96 24.41 -38.20 15.00
CA LYS B 96 24.00 -38.40 16.37
C LYS B 96 24.05 -37.10 17.18
N ARG B 97 25.06 -36.25 16.98
CA ARG B 97 25.00 -34.98 17.72
C ARG B 97 23.82 -34.13 17.28
N LEU B 98 23.53 -34.07 15.97
CA LEU B 98 22.38 -33.26 15.56
C LEU B 98 21.07 -33.80 16.14
N ASN B 99 20.88 -35.11 16.13
CA ASN B 99 19.67 -35.66 16.72
C ASN B 99 19.57 -35.35 18.21
N SER B 100 20.67 -35.50 18.95
CA SER B 100 20.57 -35.23 20.36
C SER B 100 20.30 -33.75 20.63
N ILE B 101 20.78 -32.86 19.75
CA ILE B 101 20.44 -31.44 19.85
C ILE B 101 18.96 -31.21 19.58
N LEU B 102 18.43 -31.84 18.53
CA LEU B 102 17.02 -31.64 18.20
C LEU B 102 16.13 -32.10 19.34
N ASN B 103 16.46 -33.24 19.94
CA ASN B 103 15.62 -33.77 20.99
C ASN B 103 15.81 -32.97 22.29
N ALA B 104 17.02 -32.44 22.51
CA ALA B 104 17.28 -31.55 23.66
C ALA B 104 16.55 -30.23 23.56
N MET B 105 16.39 -29.69 22.35
CA MET B 105 15.66 -28.45 22.22
C MET B 105 14.18 -28.69 22.39
N SER B 106 13.67 -29.78 21.82
CA SER B 106 12.28 -30.11 22.06
C SER B 106 11.99 -30.25 23.54
N THR B 107 12.76 -31.09 24.25
CA THR B 107 12.42 -31.30 25.66
C THR B 107 12.70 -30.06 26.52
N ILE B 108 13.75 -29.27 26.23
CA ILE B 108 13.96 -28.00 26.96
C ILE B 108 12.75 -27.10 26.81
N TYR B 109 12.11 -27.12 25.64
CA TYR B 109 10.92 -26.30 25.43
C TYR B 109 9.71 -26.89 26.11
N SER B 110 9.50 -28.19 25.95
CA SER B 110 8.30 -28.82 26.48
C SER B 110 8.27 -28.78 28.00
N THR B 111 9.44 -28.71 28.63
CA THR B 111 9.54 -28.77 30.09
C THR B 111 9.90 -27.46 30.74
N GLY B 112 10.13 -26.40 29.97
CA GLY B 112 10.51 -25.16 30.60
C GLY B 112 9.55 -24.73 31.69
N LYS B 113 10.08 -24.34 32.86
CA LYS B 113 9.28 -23.79 33.94
C LYS B 113 9.89 -22.47 34.39
N VAL B 114 9.04 -21.47 34.60
CA VAL B 114 9.45 -20.13 35.03
C VAL B 114 8.80 -19.81 36.37
N CYS B 115 9.62 -19.45 37.34
CA CYS B 115 9.20 -19.33 38.73
C CYS B 115 8.89 -17.87 39.04
N LYS B 116 7.96 -17.67 39.98
CA LYS B 116 7.63 -16.32 40.40
C LYS B 116 8.84 -15.66 41.07
N PRO B 117 9.11 -14.38 40.77
CA PRO B 117 10.36 -13.75 41.24
C PRO B 117 10.57 -13.84 42.76
N ASN B 118 9.63 -13.32 43.55
CA ASN B 118 9.76 -13.29 45.01
C ASN B 118 9.10 -14.49 45.69
N ASN B 119 8.68 -15.50 44.93
CA ASN B 119 8.03 -16.69 45.48
C ASN B 119 8.54 -17.90 44.68
N PRO B 120 9.83 -18.26 44.85
CA PRO B 120 10.41 -19.31 43.99
C PRO B 120 9.70 -20.65 44.05
N GLN B 121 8.88 -20.90 45.07
CA GLN B 121 8.24 -22.21 45.18
C GLN B 121 7.20 -22.41 44.08
N GLU B 122 6.40 -21.37 43.79
CA GLU B 122 5.37 -21.45 42.76
C GLU B 122 5.99 -21.12 41.39
N CYS B 123 5.87 -22.04 40.45
CA CYS B 123 6.38 -21.86 39.10
C CYS B 123 5.30 -22.23 38.10
N PHE B 124 5.55 -21.91 36.82
CA PHE B 124 4.54 -22.10 35.77
C PHE B 124 5.19 -22.73 34.54
N LEU B 125 4.35 -23.41 33.76
CA LEU B 125 4.71 -23.97 32.47
C LEU B 125 4.10 -23.16 31.35
N LEU B 126 4.65 -23.28 30.14
CA LEU B 126 4.00 -22.62 29.02
C LEU B 126 2.64 -23.22 28.76
N GLU B 127 2.54 -24.55 28.78
CA GLU B 127 1.32 -25.21 28.35
C GLU B 127 0.06 -24.66 29.01
N PRO B 128 -0.06 -24.55 30.38
CA PRO B 128 -1.23 -23.87 30.96
C PRO B 128 -0.93 -22.44 31.43
N GLY B 129 -0.26 -22.32 32.57
CA GLY B 129 -0.04 -21.07 33.27
C GLY B 129 0.41 -19.86 32.45
N LEU B 130 1.57 -19.95 31.81
CA LEU B 130 2.12 -18.83 31.06
C LEU B 130 1.23 -18.47 29.87
N ASP B 131 0.78 -19.48 29.12
CA ASP B 131 -0.19 -19.25 28.06
C ASP B 131 -1.38 -18.45 28.59
N ASN B 132 -1.87 -18.84 29.76
CA ASN B 132 -3.01 -18.15 30.37
C ASN B 132 -2.66 -16.70 30.71
N ILE B 133 -1.52 -16.47 31.37
CA ILE B 133 -1.17 -15.11 31.77
C ILE B 133 -1.09 -14.22 30.55
N MET B 134 -0.35 -14.66 29.52
CA MET B 134 -0.15 -13.86 28.31
C MET B 134 -1.45 -13.68 27.52
N GLY B 135 -2.39 -14.61 27.62
CA GLY B 135 -3.67 -14.41 26.98
C GLY B 135 -4.62 -13.49 27.72
N THR B 136 -4.59 -13.51 29.05
CA THR B 136 -5.65 -12.88 29.84
C THR B 136 -5.21 -11.66 30.65
N SER B 137 -3.92 -11.47 30.90
CA SER B 137 -3.49 -10.47 31.86
C SER B 137 -3.61 -9.06 31.29
N LYS B 138 -4.01 -8.13 32.15
CA LYS B 138 -3.87 -6.70 31.88
C LYS B 138 -2.83 -6.05 32.79
N ASP B 139 -2.21 -6.81 33.68
CA ASP B 139 -1.12 -6.35 34.54
C ASP B 139 0.13 -6.19 33.69
N TYR B 140 0.58 -4.95 33.47
CA TYR B 140 1.80 -4.79 32.69
C TYR B 140 2.95 -5.59 33.32
N ASN B 141 3.14 -5.45 34.62
CA ASN B 141 4.32 -6.06 35.21
C ASN B 141 4.20 -7.59 35.26
N GLU B 142 2.97 -8.12 35.38
CA GLU B 142 2.79 -9.57 35.32
C GLU B 142 3.19 -10.12 33.96
N ARG B 143 2.63 -9.56 32.90
CA ARG B 143 3.01 -9.93 31.56
C ARG B 143 4.51 -9.80 31.33
N LEU B 144 5.11 -8.72 31.83
CA LEU B 144 6.55 -8.54 31.64
C LEU B 144 7.33 -9.64 32.32
N TRP B 145 6.96 -9.98 33.55
CA TRP B 145 7.61 -11.10 34.23
C TRP B 145 7.47 -12.39 33.44
N ALA B 146 6.28 -12.65 32.89
CA ALA B 146 6.11 -13.91 32.19
C ALA B 146 6.95 -13.93 30.93
N TRP B 147 6.83 -12.88 30.13
CA TRP B 147 7.54 -12.80 28.86
C TRP B 147 9.05 -12.92 29.05
N GLU B 148 9.62 -12.03 29.87
CA GLU B 148 11.06 -12.11 30.14
C GLU B 148 11.42 -13.43 30.78
N GLY B 149 10.62 -13.89 31.74
CA GLY B 149 10.95 -15.12 32.42
C GLY B 149 11.12 -16.27 31.44
N TRP B 150 10.12 -16.44 30.56
CA TRP B 150 10.17 -17.47 29.53
C TRP B 150 11.38 -17.30 28.63
N ARG B 151 11.71 -16.06 28.26
CA ARG B 151 12.84 -15.91 27.35
C ARG B 151 14.18 -16.17 28.03
N ALA B 152 14.26 -15.95 29.33
CA ALA B 152 15.53 -16.04 30.04
C ALA B 152 15.78 -17.45 30.52
N GLU B 153 14.75 -18.16 30.94
CA GLU B 153 14.93 -19.51 31.46
C GLU B 153 14.96 -20.57 30.35
N VAL B 154 14.29 -20.32 29.23
CA VAL B 154 14.26 -21.28 28.13
C VAL B 154 15.20 -20.84 27.02
N GLY B 155 15.00 -19.61 26.53
CA GLY B 155 15.77 -19.06 25.45
C GLY B 155 17.25 -19.29 25.67
N LYS B 156 17.77 -18.69 26.74
CA LYS B 156 19.18 -18.75 27.05
C LYS B 156 19.71 -20.18 27.10
N GLN B 157 18.85 -21.15 27.47
CA GLN B 157 19.24 -22.56 27.42
C GLN B 157 19.32 -23.06 25.99
N LEU B 158 18.46 -22.53 25.11
CA LEU B 158 18.47 -22.96 23.73
C LEU B 158 19.62 -22.37 22.93
N ARG B 159 20.12 -21.19 23.32
CA ARG B 159 21.07 -20.46 22.47
C ARG B 159 22.28 -21.27 21.99
N PRO B 160 23.06 -21.95 22.85
CA PRO B 160 24.20 -22.73 22.34
C PRO B 160 23.77 -23.85 21.40
N LEU B 161 22.68 -24.53 21.80
CA LEU B 161 22.11 -25.60 20.99
C LEU B 161 21.68 -25.06 19.63
N TYR B 162 20.95 -23.94 19.61
CA TYR B 162 20.49 -23.40 18.34
C TYR B 162 21.66 -23.07 17.44
N GLU B 163 22.77 -22.57 17.99
CA GLU B 163 23.92 -22.25 17.14
C GLU B 163 24.48 -23.51 16.47
N GLU B 164 24.77 -24.54 17.27
CA GLU B 164 25.32 -25.74 16.66
C GLU B 164 24.34 -26.40 15.71
N TYR B 165 23.04 -26.22 15.98
CA TYR B 165 21.99 -26.71 15.10
C TYR B 165 22.07 -26.06 13.72
N VAL B 166 22.14 -24.72 13.68
CA VAL B 166 22.31 -24.02 12.40
C VAL B 166 23.52 -24.58 11.63
N ALA B 167 24.63 -24.87 12.31
CA ALA B 167 25.79 -25.36 11.56
C ALA B 167 25.54 -26.75 10.97
N LEU B 168 25.06 -27.69 11.77
CA LEU B 168 24.87 -29.05 11.27
C LEU B 168 23.79 -29.09 10.19
N LYS B 169 22.64 -28.43 10.44
CA LYS B 169 21.59 -28.37 9.44
C LYS B 169 22.09 -27.76 8.14
N ASN B 170 22.85 -26.66 8.22
CA ASN B 170 23.43 -26.07 7.02
C ASN B 170 24.33 -27.10 6.32
N GLU B 171 25.12 -27.84 7.08
CA GLU B 171 26.04 -28.82 6.51
C GLU B 171 25.32 -29.90 5.72
N MET B 172 24.18 -30.39 6.25
CA MET B 172 23.37 -31.36 5.50
C MET B 172 22.77 -30.72 4.24
N ALA B 173 22.09 -29.56 4.41
CA ALA B 173 21.53 -28.84 3.27
C ALA B 173 22.54 -28.70 2.15
N ARG B 174 23.74 -28.19 2.46
CA ARG B 174 24.74 -27.99 1.43
C ARG B 174 25.21 -29.33 0.88
N GLY B 175 25.20 -30.36 1.71
CA GLY B 175 25.48 -31.69 1.21
C GLY B 175 24.55 -32.05 0.07
N TYR B 176 23.30 -31.59 0.14
CA TYR B 176 22.36 -31.78 -0.95
C TYR B 176 22.43 -30.70 -2.04
N HIS B 177 23.49 -29.88 -2.08
CA HIS B 177 23.64 -28.84 -3.11
C HIS B 177 22.55 -27.77 -3.03
N TYR B 178 21.99 -27.54 -1.85
CA TYR B 178 21.28 -26.32 -1.52
C TYR B 178 22.25 -25.33 -0.87
N GLU B 179 21.97 -24.02 -0.99
CA GLU B 179 23.00 -23.09 -0.55
C GLU B 179 23.03 -22.92 0.96
N ASP B 180 21.91 -23.06 1.64
CA ASP B 180 21.89 -23.15 3.09
C ASP B 180 20.61 -23.87 3.50
N TYR B 181 20.41 -24.01 4.81
CA TYR B 181 19.22 -24.72 5.26
C TYR B 181 17.93 -23.98 4.90
N GLY B 182 18.00 -22.65 4.74
CA GLY B 182 16.82 -21.90 4.33
C GLY B 182 16.46 -22.17 2.89
N ASP B 183 17.46 -22.25 2.03
CA ASP B 183 17.25 -22.58 0.64
C ASP B 183 16.66 -23.98 0.49
N TYR B 184 17.15 -24.91 1.30
CA TYR B 184 16.54 -26.24 1.37
C TYR B 184 15.05 -26.13 1.66
N TRP B 185 14.70 -25.50 2.78
CA TRP B 185 13.29 -25.37 3.12
C TRP B 185 12.48 -24.68 2.04
N ARG B 186 13.11 -23.88 1.19
CA ARG B 186 12.30 -23.24 0.17
C ARG B 186 12.04 -24.15 -1.04
N ARG B 187 12.65 -25.33 -1.12
CA ARG B 187 12.42 -26.16 -2.30
C ARG B 187 10.97 -26.61 -2.43
N ASP B 188 10.16 -26.39 -1.40
CA ASP B 188 8.77 -26.84 -1.43
C ASP B 188 7.99 -26.14 -2.54
N TYR B 189 8.35 -24.90 -2.84
CA TYR B 189 7.68 -24.11 -3.86
C TYR B 189 8.35 -24.22 -5.21
N GLU B 190 9.45 -24.94 -5.29
CA GLU B 190 10.16 -25.04 -6.55
C GLU B 190 9.32 -25.84 -7.52
N THR B 191 9.38 -25.47 -8.78
CA THR B 191 8.69 -26.21 -9.84
C THR B 191 9.58 -26.23 -11.07
N GLU B 192 9.45 -27.30 -11.87
CA GLU B 192 10.42 -27.55 -12.92
C GLU B 192 10.26 -26.57 -14.07
N GLU B 193 9.15 -26.62 -14.81
CA GLU B 193 9.33 -26.05 -16.14
C GLU B 193 8.02 -25.61 -16.79
N SER B 194 8.02 -25.67 -18.11
CA SER B 194 7.14 -25.28 -19.19
C SER B 194 8.14 -24.94 -20.28
N SER B 195 9.14 -24.14 -19.92
CA SER B 195 10.28 -23.81 -20.77
C SER B 195 11.30 -23.03 -19.94
N GLY B 196 11.67 -23.58 -18.78
CA GLY B 196 12.46 -22.80 -17.86
C GLY B 196 11.70 -21.71 -17.15
N SER B 197 10.35 -21.64 -17.32
CA SER B 197 9.47 -20.72 -16.60
C SER B 197 9.08 -21.21 -15.19
N GLY B 198 9.83 -22.19 -14.68
CA GLY B 198 9.49 -22.78 -13.40
C GLY B 198 9.68 -21.81 -12.26
N TYR B 199 8.81 -21.93 -11.26
CA TYR B 199 9.01 -21.24 -10.00
C TYR B 199 10.36 -21.60 -9.38
N SER B 200 11.20 -20.60 -9.11
CA SER B 200 12.54 -20.82 -8.57
C SER B 200 12.54 -20.53 -7.08
N ARG B 201 13.55 -21.06 -6.37
CA ARG B 201 13.51 -20.94 -4.92
C ARG B 201 13.79 -19.51 -4.46
N ASP B 202 14.34 -18.66 -5.31
CA ASP B 202 14.50 -17.28 -4.90
C ASP B 202 13.20 -16.52 -5.10
N GLN B 203 12.44 -16.94 -6.12
CA GLN B 203 11.16 -16.30 -6.40
C GLN B 203 10.25 -16.32 -5.17
N LEU B 204 10.34 -17.35 -4.31
CA LEU B 204 9.55 -17.31 -3.08
C LEU B 204 9.92 -16.09 -2.24
N MET B 205 11.21 -15.83 -2.07
CA MET B 205 11.61 -14.66 -1.31
C MET B 205 11.08 -13.40 -1.96
N LYS B 206 11.18 -13.32 -3.29
CA LYS B 206 10.69 -12.10 -3.93
C LYS B 206 9.21 -11.92 -3.68
N ASP B 207 8.44 -13.01 -3.75
CA ASP B 207 7.00 -12.89 -3.63
C ASP B 207 6.62 -12.50 -2.23
N VAL B 208 7.10 -13.26 -1.25
CA VAL B 208 6.86 -12.93 0.15
C VAL B 208 7.26 -11.47 0.47
N ASP B 209 8.28 -10.93 -0.21
CA ASP B 209 8.63 -9.50 -0.02
C ASP B 209 7.58 -8.59 -0.63
N ARG B 210 7.21 -8.85 -1.88
CA ARG B 210 6.23 -8.01 -2.58
C ARG B 210 4.92 -7.95 -1.80
N ILE B 211 4.44 -9.12 -1.37
CA ILE B 211 3.25 -9.19 -0.54
C ILE B 211 3.46 -8.42 0.76
N PHE B 212 4.55 -8.72 1.48
CA PHE B 212 4.83 -7.96 2.71
C PHE B 212 4.60 -6.47 2.48
N THR B 213 5.19 -5.89 1.42
CA THR B 213 5.07 -4.42 1.34
C THR B 213 3.67 -3.99 0.85
N GLU B 214 2.95 -4.84 0.09
CA GLU B 214 1.59 -4.50 -0.38
C GLU B 214 0.55 -4.55 0.74
N ILE B 215 0.86 -5.27 1.81
CA ILE B 215 0.07 -5.35 3.03
C ILE B 215 0.37 -4.21 3.99
N LYS B 216 1.33 -3.36 3.68
CA LYS B 216 1.72 -2.35 4.65
C LYS B 216 0.58 -1.39 5.00
N PRO B 217 -0.21 -0.87 4.05
CA PRO B 217 -1.31 0.03 4.47
C PRO B 217 -2.27 -0.58 5.49
N LEU B 218 -2.81 -1.78 5.19
CA LEU B 218 -3.77 -2.38 6.10
C LEU B 218 -3.15 -2.65 7.46
N TYR B 219 -1.97 -3.28 7.51
CA TYR B 219 -1.33 -3.62 8.78
C TYR B 219 -1.06 -2.37 9.61
N GLU B 220 -0.44 -1.36 9.01
CA GLU B 220 -0.10 -0.18 9.79
C GLU B 220 -1.34 0.58 10.26
N HIS B 221 -2.45 0.48 9.53
CA HIS B 221 -3.66 1.10 10.04
C HIS B 221 -4.23 0.29 11.19
N LEU B 222 -4.17 -1.03 11.06
CA LEU B 222 -4.67 -1.91 12.11
C LEU B 222 -3.89 -1.66 13.40
N HIS B 223 -2.58 -1.89 13.30
CA HIS B 223 -1.59 -1.55 14.31
C HIS B 223 -1.91 -0.20 14.95
N ALA B 224 -2.09 0.85 14.12
CA ALA B 224 -2.48 2.16 14.64
C ALA B 224 -3.66 2.05 15.61
N TYR B 225 -4.77 1.50 15.12
CA TYR B 225 -5.98 1.32 15.93
C TYR B 225 -5.67 0.60 17.24
N VAL B 226 -4.93 -0.51 17.15
CA VAL B 226 -4.61 -1.31 18.32
C VAL B 226 -3.77 -0.52 19.31
N ARG B 227 -2.87 0.33 18.80
CA ARG B 227 -2.02 1.15 19.66
C ARG B 227 -2.88 2.11 20.51
N THR B 228 -3.78 2.86 19.86
CA THR B 228 -4.62 3.78 20.64
C THR B 228 -5.56 3.03 21.61
N LYS B 229 -6.14 1.89 21.22
CA LYS B 229 -6.96 1.19 22.20
C LYS B 229 -6.13 0.64 23.36
N LEU B 230 -4.89 0.23 23.10
CA LEU B 230 -4.02 -0.24 24.18
C LEU B 230 -3.69 0.89 25.13
N MET B 231 -3.68 2.12 24.63
CA MET B 231 -3.36 3.24 25.51
C MET B 231 -4.38 3.35 26.65
N ASP B 232 -5.67 3.07 26.36
CA ASP B 232 -6.74 3.15 27.36
C ASP B 232 -6.44 2.27 28.57
N THR B 233 -5.89 1.08 28.34
CA THR B 233 -5.59 0.11 29.39
C THR B 233 -4.14 0.07 29.87
N TYR B 234 -3.16 0.58 29.10
CA TYR B 234 -1.78 0.67 29.57
C TYR B 234 -1.29 2.12 29.51
N PRO B 235 -1.82 2.98 30.37
CA PRO B 235 -1.63 4.42 30.16
C PRO B 235 -0.18 4.86 30.08
N PHE B 236 0.67 4.42 31.00
CA PHE B 236 2.03 4.97 31.05
C PHE B 236 2.96 4.36 30.02
N HIS B 237 2.63 3.18 29.48
CA HIS B 237 3.63 2.41 28.75
C HIS B 237 3.49 2.42 27.24
N ILE B 238 2.55 3.15 26.66
CA ILE B 238 2.35 3.09 25.21
C ILE B 238 2.59 4.47 24.61
N SER B 239 3.69 4.61 23.87
CA SER B 239 4.02 5.83 23.16
C SER B 239 3.16 5.98 21.92
N PRO B 240 2.41 7.08 21.77
CA PRO B 240 1.59 7.27 20.57
C PRO B 240 2.30 7.10 19.22
N THR B 241 3.63 7.08 19.17
CA THR B 241 4.33 6.95 17.89
C THR B 241 5.32 5.79 17.86
N GLY B 242 5.34 4.93 18.88
CA GLY B 242 6.33 3.89 19.00
C GLY B 242 5.83 2.50 18.66
N CYS B 243 6.76 1.54 18.64
CA CYS B 243 6.35 0.17 18.42
C CYS B 243 5.54 -0.34 19.60
N LEU B 244 4.71 -1.34 19.36
CA LEU B 244 3.94 -1.94 20.44
C LEU B 244 4.85 -2.85 21.25
N PRO B 245 4.96 -2.65 22.59
CA PRO B 245 5.82 -3.53 23.39
C PRO B 245 5.42 -4.99 23.21
N ALA B 246 6.44 -5.87 23.20
CA ALA B 246 6.23 -7.25 22.75
C ALA B 246 5.36 -8.05 23.72
N HIS B 247 5.32 -7.67 25.00
CA HIS B 247 4.66 -8.52 25.97
C HIS B 247 3.17 -8.19 26.15
N LEU B 248 2.66 -7.15 25.49
CA LEU B 248 1.25 -6.77 25.62
C LEU B 248 0.39 -7.17 24.43
N LEU B 249 0.77 -8.21 23.69
CA LEU B 249 0.17 -8.45 22.40
C LEU B 249 -0.81 -9.61 22.38
N GLY B 250 -1.08 -10.23 23.52
CA GLY B 250 -2.13 -11.21 23.60
C GLY B 250 -1.68 -12.65 23.77
N ASP B 251 -0.43 -12.96 23.46
CA ASP B 251 0.13 -14.27 23.76
C ASP B 251 1.63 -14.10 23.98
N MET B 252 2.35 -15.23 24.08
CA MET B 252 3.72 -15.17 24.60
C MET B 252 4.69 -14.50 23.62
N TRP B 253 4.27 -14.31 22.36
CA TRP B 253 5.15 -13.74 21.34
C TRP B 253 4.51 -12.65 20.51
N GLY B 254 3.19 -12.51 20.56
CA GLY B 254 2.51 -11.64 19.62
C GLY B 254 2.25 -12.26 18.27
N ARG B 255 2.09 -13.59 18.20
CA ARG B 255 1.89 -14.24 16.91
C ARG B 255 0.49 -14.00 16.38
N PHE B 256 -0.47 -13.90 17.28
CA PHE B 256 -1.83 -13.51 16.94
C PHE B 256 -2.20 -12.39 17.91
N TRP B 257 -3.01 -11.45 17.43
CA TRP B 257 -3.54 -10.43 18.32
C TRP B 257 -4.95 -10.76 18.75
N THR B 258 -5.36 -12.02 18.56
CA THR B 258 -6.76 -12.37 18.74
C THR B 258 -7.24 -11.99 20.14
N ASN B 259 -6.46 -12.30 21.15
CA ASN B 259 -6.91 -12.10 22.52
C ASN B 259 -7.00 -10.63 22.90
N LEU B 260 -6.78 -9.69 21.97
CA LEU B 260 -6.89 -8.28 22.29
C LEU B 260 -8.27 -7.74 21.97
N TYR B 261 -9.08 -8.58 21.33
CA TYR B 261 -10.45 -8.20 21.01
C TYR B 261 -11.21 -7.52 22.17
N PRO B 262 -11.20 -8.03 23.42
CA PRO B 262 -11.92 -7.30 24.48
C PRO B 262 -11.35 -5.93 24.73
N LEU B 263 -10.07 -5.73 24.42
CA LEU B 263 -9.45 -4.42 24.59
C LEU B 263 -9.67 -3.47 23.41
N THR B 264 -9.98 -3.99 22.23
CA THR B 264 -10.01 -3.18 21.03
C THR B 264 -11.30 -3.41 20.24
N VAL B 265 -12.34 -3.90 20.90
CA VAL B 265 -13.53 -4.17 20.09
C VAL B 265 -14.11 -2.86 19.58
N PRO B 266 -14.50 -2.77 18.27
CA PRO B 266 -15.12 -1.53 17.76
C PRO B 266 -16.38 -1.11 18.52
N PHE B 267 -17.39 -1.99 18.60
CA PHE B 267 -18.66 -1.66 19.25
C PHE B 267 -18.99 -2.68 20.32
N GLY B 268 -18.84 -2.29 21.59
CA GLY B 268 -18.96 -3.25 22.67
C GLY B 268 -20.37 -3.57 23.07
N GLN B 269 -21.34 -2.79 22.62
CA GLN B 269 -22.71 -3.06 23.01
C GLN B 269 -23.36 -4.10 22.11
N LYS B 270 -22.89 -4.21 20.87
CA LYS B 270 -23.44 -5.24 20.00
C LYS B 270 -23.00 -6.60 20.52
N PRO B 271 -23.86 -7.61 20.43
CA PRO B 271 -23.48 -8.94 20.92
C PRO B 271 -22.61 -9.69 19.92
N ASN B 272 -21.58 -10.35 20.44
CA ASN B 272 -20.77 -11.22 19.60
C ASN B 272 -21.60 -12.46 19.28
N ILE B 273 -21.33 -13.06 18.12
CA ILE B 273 -22.09 -14.22 17.66
C ILE B 273 -21.40 -15.47 18.23
N ASP B 274 -21.97 -16.01 19.30
CA ASP B 274 -21.46 -17.25 19.89
C ASP B 274 -22.63 -18.19 20.13
N VAL B 275 -22.71 -19.21 19.28
CA VAL B 275 -23.82 -20.16 19.29
C VAL B 275 -23.52 -21.37 20.17
N THR B 276 -22.52 -21.25 21.06
CA THR B 276 -22.27 -22.32 22.02
C THR B 276 -23.50 -22.58 22.89
N ASP B 277 -24.04 -21.51 23.50
CA ASP B 277 -25.28 -21.63 24.27
C ASP B 277 -26.37 -22.28 23.43
N ALA B 278 -26.56 -21.77 22.20
CA ALA B 278 -27.63 -22.24 21.33
C ALA B 278 -27.44 -23.71 20.97
N MET B 279 -26.19 -24.16 20.85
CA MET B 279 -25.94 -25.57 20.55
C MET B 279 -26.24 -26.45 21.75
N VAL B 280 -25.81 -26.04 22.95
CA VAL B 280 -26.12 -26.83 24.14
C VAL B 280 -27.63 -26.97 24.30
N ASN B 281 -28.38 -25.87 24.10
CA ASN B 281 -29.84 -25.93 24.25
C ASN B 281 -30.44 -27.04 23.40
N GLN B 282 -29.95 -27.23 22.18
CA GLN B 282 -30.47 -28.24 21.27
C GLN B 282 -29.82 -29.61 21.46
N GLY B 283 -29.24 -29.88 22.64
CA GLY B 283 -28.79 -31.21 22.98
C GLY B 283 -27.69 -31.76 22.10
N TRP B 284 -26.99 -30.88 21.38
CA TRP B 284 -25.99 -31.32 20.43
C TRP B 284 -24.83 -32.00 21.15
N ASP B 285 -24.34 -33.07 20.54
CA ASP B 285 -23.11 -33.76 20.94
C ASP B 285 -22.10 -33.68 19.79
N ALA B 286 -20.92 -34.25 20.00
CA ALA B 286 -19.86 -34.11 19.01
C ALA B 286 -20.27 -34.74 17.68
N ASN B 287 -20.95 -35.89 17.73
CA ASN B 287 -21.36 -36.56 16.50
C ASN B 287 -22.18 -35.65 15.61
N ARG B 288 -23.07 -34.86 16.22
CA ARG B 288 -23.89 -33.96 15.44
C ARG B 288 -23.02 -32.92 14.73
N ILE B 289 -22.00 -32.40 15.42
CA ILE B 289 -21.04 -31.46 14.83
C ILE B 289 -20.43 -32.06 13.56
N PHE B 290 -19.87 -33.26 13.67
CA PHE B 290 -19.22 -33.81 12.51
C PHE B 290 -20.21 -34.15 11.40
N LYS B 291 -21.44 -34.56 11.75
CA LYS B 291 -22.41 -34.85 10.68
C LYS B 291 -22.83 -33.57 9.96
N GLU B 292 -22.98 -32.47 10.69
CA GLU B 292 -23.26 -31.21 10.02
C GLU B 292 -22.11 -30.84 9.08
N ALA B 293 -20.86 -30.94 9.55
CA ALA B 293 -19.72 -30.62 8.69
C ALA B 293 -19.71 -31.47 7.42
N GLU B 294 -19.89 -32.78 7.57
CA GLU B 294 -20.03 -33.68 6.42
C GLU B 294 -21.14 -33.22 5.49
N LYS B 295 -22.28 -32.80 6.06
CA LYS B 295 -23.38 -32.27 5.26
C LYS B 295 -22.93 -31.06 4.46
N PHE B 296 -22.07 -30.23 5.06
CA PHE B 296 -21.57 -29.06 4.36
C PHE B 296 -20.74 -29.47 3.15
N PHE B 297 -19.91 -30.50 3.30
CA PHE B 297 -19.09 -30.89 2.14
C PHE B 297 -19.94 -31.59 1.08
N VAL B 298 -20.86 -32.47 1.49
CA VAL B 298 -21.73 -33.09 0.49
C VAL B 298 -22.56 -32.02 -0.19
N SER B 299 -22.87 -30.94 0.52
CA SER B 299 -23.75 -29.93 -0.05
C SER B 299 -23.09 -29.22 -1.20
N VAL B 300 -21.77 -29.26 -1.28
CA VAL B 300 -21.05 -28.69 -2.41
C VAL B 300 -20.64 -29.77 -3.41
N GLY B 301 -21.19 -30.96 -3.28
CA GLY B 301 -20.84 -32.01 -4.21
C GLY B 301 -19.58 -32.75 -3.88
N LEU B 302 -19.08 -32.67 -2.62
CA LEU B 302 -17.97 -33.53 -2.22
C LEU B 302 -18.49 -34.80 -1.54
N PRO B 303 -17.68 -35.86 -1.47
CA PRO B 303 -18.17 -37.14 -0.91
C PRO B 303 -18.36 -37.10 0.60
N ASN B 304 -19.26 -37.97 1.07
CA ASN B 304 -19.39 -38.18 2.51
C ASN B 304 -18.16 -38.91 3.06
N MET B 305 -18.00 -38.88 4.38
CA MET B 305 -16.89 -39.58 5.02
C MET B 305 -17.04 -41.09 4.83
N THR B 306 -15.94 -41.80 4.98
CA THR B 306 -15.96 -43.24 4.83
C THR B 306 -16.52 -43.88 6.11
N GLU B 307 -17.03 -45.11 6.01
CA GLU B 307 -17.49 -45.79 7.22
C GLU B 307 -16.33 -45.96 8.21
N GLY B 308 -15.14 -46.21 7.68
CA GLY B 308 -13.98 -46.28 8.56
C GLY B 308 -13.75 -44.99 9.31
N PHE B 309 -14.10 -43.85 8.71
CA PHE B 309 -13.95 -42.57 9.38
C PHE B 309 -14.74 -42.53 10.68
N TRP B 310 -15.97 -43.03 10.65
CA TRP B 310 -16.85 -42.97 11.81
C TRP B 310 -16.50 -44.02 12.87
N ASN B 311 -16.14 -45.24 12.46
CA ASN B 311 -15.79 -46.20 13.50
C ASN B 311 -14.45 -45.86 14.12
N ASN B 312 -13.51 -45.34 13.33
CA ASN B 312 -12.10 -45.27 13.73
C ASN B 312 -11.65 -43.92 14.30
N SER B 313 -12.33 -42.83 14.00
CA SER B 313 -11.83 -41.56 14.49
C SER B 313 -12.11 -41.44 15.98
N MET B 314 -11.27 -40.65 16.65
CA MET B 314 -11.54 -40.22 18.02
C MET B 314 -12.11 -38.82 17.96
N LEU B 315 -13.44 -38.73 18.05
CA LEU B 315 -14.12 -37.45 17.97
C LEU B 315 -14.30 -36.80 19.32
N THR B 316 -14.40 -37.59 20.38
CA THR B 316 -14.52 -37.03 21.73
C THR B 316 -13.34 -37.47 22.55
N GLU B 317 -13.05 -36.72 23.62
CA GLU B 317 -12.05 -37.17 24.58
C GLU B 317 -12.42 -38.56 25.05
N PRO B 318 -11.52 -39.55 24.91
CA PRO B 318 -11.96 -40.95 24.87
C PRO B 318 -12.57 -41.50 26.14
N GLY B 319 -13.81 -41.12 26.42
CA GLY B 319 -14.54 -41.70 27.52
C GLY B 319 -13.84 -41.60 28.86
N ASP B 320 -12.77 -40.80 28.92
CA ASP B 320 -12.00 -40.57 30.14
C ASP B 320 -11.56 -41.89 30.77
N GLY B 321 -11.01 -42.78 29.94
CA GLY B 321 -10.47 -44.05 30.39
C GLY B 321 -9.03 -44.23 30.01
N ARG B 322 -8.46 -43.28 29.26
CA ARG B 322 -7.11 -43.34 28.69
C ARG B 322 -6.54 -41.94 28.56
N LYS B 323 -5.21 -41.85 28.52
CA LYS B 323 -4.54 -40.56 28.34
C LYS B 323 -4.31 -40.33 26.85
N VAL B 324 -4.61 -39.12 26.37
CA VAL B 324 -4.79 -38.86 24.95
C VAL B 324 -4.30 -37.44 24.59
N VAL B 325 -3.90 -37.28 23.34
CA VAL B 325 -3.45 -35.99 22.80
C VAL B 325 -4.68 -35.28 22.22
N CYS B 326 -5.16 -34.23 22.90
CA CYS B 326 -6.37 -33.54 22.49
C CYS B 326 -6.17 -32.50 21.40
N HIS B 327 -4.95 -32.32 20.91
CA HIS B 327 -4.73 -31.30 19.89
C HIS B 327 -5.33 -31.78 18.58
N PRO B 328 -6.23 -31.01 17.97
CA PRO B 328 -6.96 -31.51 16.79
C PRO B 328 -6.06 -31.79 15.59
N THR B 329 -6.21 -32.98 15.01
CA THR B 329 -5.44 -33.41 13.84
C THR B 329 -6.34 -34.22 12.91
N ALA B 330 -5.99 -34.25 11.62
CA ALA B 330 -6.65 -35.05 10.59
C ALA B 330 -5.63 -36.02 9.99
N TRP B 331 -5.89 -37.31 10.13
CA TRP B 331 -4.91 -38.34 9.79
C TRP B 331 -5.23 -39.05 8.48
N ASP B 332 -4.30 -38.95 7.53
CA ASP B 332 -4.27 -39.79 6.34
C ASP B 332 -3.20 -40.86 6.57
N LEU B 333 -3.58 -41.95 7.23
CA LEU B 333 -2.62 -43.01 7.53
C LEU B 333 -2.16 -43.73 6.25
N GLY B 334 -3.07 -43.92 5.32
CA GLY B 334 -2.80 -44.62 4.10
C GLY B 334 -3.93 -45.55 3.79
N LYS B 335 -3.79 -46.29 2.68
CA LYS B 335 -4.75 -47.32 2.35
C LYS B 335 -6.21 -46.96 2.64
N GLY B 336 -6.66 -45.77 2.27
CA GLY B 336 -8.04 -45.41 2.52
C GLY B 336 -8.43 -45.24 3.96
N ASP B 337 -7.45 -45.07 4.86
CA ASP B 337 -7.69 -45.00 6.30
C ASP B 337 -7.62 -43.56 6.78
N PHE B 338 -8.77 -42.87 6.77
CA PHE B 338 -8.90 -41.46 7.12
C PHE B 338 -9.52 -41.31 8.51
N ARG B 339 -8.89 -40.52 9.38
CA ARG B 339 -9.33 -40.39 10.75
C ARG B 339 -9.17 -38.96 11.24
N ILE B 340 -9.98 -38.62 12.25
CA ILE B 340 -9.84 -37.36 12.98
C ILE B 340 -9.70 -37.66 14.47
N LYS B 341 -8.65 -37.11 15.10
CA LYS B 341 -8.45 -37.20 16.55
C LYS B 341 -8.65 -35.81 17.16
N MET B 342 -9.66 -35.67 17.99
CA MET B 342 -9.99 -34.35 18.48
C MET B 342 -10.90 -34.52 19.70
N CYS B 343 -10.68 -33.72 20.74
CA CYS B 343 -11.53 -33.83 21.93
C CYS B 343 -12.68 -32.84 21.80
N THR B 344 -13.61 -33.18 20.90
CA THR B 344 -14.69 -32.25 20.59
C THR B 344 -15.51 -31.92 21.83
N LYS B 345 -15.67 -30.62 22.07
CA LYS B 345 -16.62 -30.10 23.04
C LYS B 345 -17.70 -29.36 22.27
N VAL B 346 -18.88 -29.27 22.85
CA VAL B 346 -19.99 -28.66 22.12
C VAL B 346 -19.84 -27.15 22.21
N THR B 347 -18.79 -26.62 21.58
CA THR B 347 -18.56 -25.18 21.53
C THR B 347 -18.54 -24.72 20.08
N MET B 348 -18.67 -23.40 19.89
CA MET B 348 -18.56 -22.87 18.55
C MET B 348 -17.16 -23.05 17.98
N GLU B 349 -16.13 -22.82 18.81
CA GLU B 349 -14.76 -23.01 18.35
C GLU B 349 -14.54 -24.43 17.84
N ASP B 350 -15.04 -25.42 18.59
CA ASP B 350 -14.87 -26.80 18.19
C ASP B 350 -15.68 -27.12 16.93
N PHE B 351 -16.89 -26.55 16.83
CA PHE B 351 -17.68 -26.67 15.62
C PHE B 351 -16.90 -26.24 14.39
N LEU B 352 -16.35 -25.03 14.41
CA LEU B 352 -15.56 -24.57 13.26
C LEU B 352 -14.38 -25.48 13.00
N THR B 353 -13.60 -25.79 14.05
CA THR B 353 -12.44 -26.67 13.91
C THR B 353 -12.82 -27.95 13.17
N ALA B 354 -13.98 -28.52 13.50
CA ALA B 354 -14.43 -29.73 12.80
C ALA B 354 -14.44 -29.52 11.29
N HIS B 355 -14.96 -28.38 10.81
CA HIS B 355 -14.93 -28.15 9.36
C HIS B 355 -13.50 -28.03 8.85
N HIS B 356 -12.67 -27.24 9.53
CA HIS B 356 -11.25 -27.18 9.17
C HIS B 356 -10.66 -28.58 8.96
N GLU B 357 -10.95 -29.50 9.89
CA GLU B 357 -10.34 -30.81 9.90
C GLU B 357 -10.92 -31.72 8.83
N MET B 358 -12.23 -31.61 8.61
CA MET B 358 -12.84 -32.41 7.55
C MET B 358 -12.44 -31.87 6.19
N GLY B 359 -12.11 -30.58 6.11
CA GLY B 359 -11.43 -30.07 4.93
C GLY B 359 -10.11 -30.79 4.69
N HIS B 360 -9.25 -30.87 5.72
CA HIS B 360 -8.01 -31.61 5.57
C HIS B 360 -8.28 -33.01 5.02
N ILE B 361 -9.29 -33.70 5.60
CA ILE B 361 -9.57 -35.08 5.20
C ILE B 361 -10.10 -35.13 3.77
N GLN B 362 -10.93 -34.16 3.41
CA GLN B 362 -11.49 -34.13 2.07
C GLN B 362 -10.36 -34.06 1.04
N TYR B 363 -9.40 -33.15 1.31
CA TYR B 363 -8.17 -33.06 0.52
C TYR B 363 -7.45 -34.42 0.45
N ASP B 364 -7.27 -35.07 1.63
CA ASP B 364 -6.62 -36.38 1.65
C ASP B 364 -7.31 -37.34 0.69
N MET B 365 -8.64 -37.39 0.73
CA MET B 365 -9.37 -38.36 -0.06
C MET B 365 -9.19 -38.08 -1.55
N ALA B 366 -9.30 -36.80 -1.94
CA ALA B 366 -9.29 -36.47 -3.37
C ALA B 366 -8.05 -37.01 -4.07
N TYR B 367 -6.91 -37.02 -3.38
CA TYR B 367 -5.64 -37.39 -4.02
C TYR B 367 -5.15 -38.75 -3.55
N ALA B 368 -6.01 -39.51 -2.88
CA ALA B 368 -5.67 -40.83 -2.35
C ALA B 368 -5.06 -41.77 -3.39
N THR B 369 -5.36 -41.58 -4.69
CA THR B 369 -4.91 -42.54 -5.71
C THR B 369 -3.62 -42.15 -6.41
N GLN B 370 -3.09 -40.97 -6.15
CA GLN B 370 -1.80 -40.60 -6.70
C GLN B 370 -0.70 -41.46 -6.07
N PRO B 371 0.50 -41.47 -6.63
CA PRO B 371 1.62 -42.17 -5.99
C PRO B 371 1.89 -41.63 -4.59
N TYR B 372 2.58 -42.45 -3.78
CA TYR B 372 2.79 -42.10 -2.37
C TYR B 372 3.41 -40.71 -2.23
N LEU B 373 4.53 -40.48 -2.91
CA LEU B 373 5.26 -39.23 -2.75
C LEU B 373 4.46 -38.00 -3.19
N LEU B 374 3.36 -38.19 -3.92
CA LEU B 374 2.58 -37.08 -4.44
C LEU B 374 1.25 -36.90 -3.72
N ARG B 375 1.06 -37.58 -2.59
CA ARG B 375 -0.17 -37.44 -1.79
C ARG B 375 -0.01 -36.32 -0.77
N ASN B 376 0.02 -35.10 -1.30
CA ASN B 376 0.27 -33.93 -0.50
C ASN B 376 -0.34 -32.72 -1.17
N GLY B 377 -0.47 -31.65 -0.40
CA GLY B 377 -0.92 -30.40 -0.97
C GLY B 377 0.10 -29.80 -1.91
N ALA B 378 -0.41 -29.07 -2.91
CA ALA B 378 0.40 -28.60 -4.03
C ALA B 378 1.73 -28.03 -3.56
N ASN B 379 1.70 -27.33 -2.44
CA ASN B 379 2.88 -26.93 -1.66
C ASN B 379 2.43 -26.85 -0.21
N GLU B 380 3.32 -26.40 0.70
CA GLU B 380 2.95 -26.46 2.11
C GLU B 380 1.77 -25.56 2.45
N GLY B 381 1.50 -24.51 1.67
CA GLY B 381 0.41 -23.61 2.06
C GLY B 381 -0.98 -24.10 1.73
N PHE B 382 -1.09 -25.11 0.87
CA PHE B 382 -2.36 -25.45 0.24
C PHE B 382 -3.32 -26.13 1.21
N HIS B 383 -2.84 -27.16 1.91
CA HIS B 383 -3.69 -27.96 2.78
C HIS B 383 -4.42 -27.06 3.79
N GLU B 384 -3.64 -26.37 4.63
CA GLU B 384 -4.19 -25.50 5.66
C GLU B 384 -5.09 -24.41 5.07
N ALA B 385 -4.71 -23.89 3.90
CA ALA B 385 -5.59 -22.96 3.19
C ALA B 385 -6.99 -23.55 3.00
N VAL B 386 -7.07 -24.73 2.37
CA VAL B 386 -8.33 -25.45 2.15
C VAL B 386 -9.16 -25.52 3.45
N GLY B 387 -8.52 -25.92 4.55
CA GLY B 387 -9.21 -25.90 5.84
C GLY B 387 -9.78 -24.51 6.19
N GLU B 388 -8.93 -23.50 6.10
CA GLU B 388 -9.35 -22.15 6.49
C GLU B 388 -10.56 -21.73 5.66
N VAL B 389 -10.50 -21.95 4.35
CA VAL B 389 -11.58 -21.54 3.47
C VAL B 389 -12.88 -22.15 3.93
N MET B 390 -12.85 -23.45 4.28
CA MET B 390 -14.10 -24.07 4.74
C MET B 390 -14.66 -23.31 5.93
N SER B 391 -13.80 -23.08 6.94
CA SER B 391 -14.27 -22.37 8.12
C SER B 391 -14.88 -21.01 7.76
N LEU B 392 -14.40 -20.36 6.70
CA LEU B 392 -14.97 -19.07 6.34
C LEU B 392 -16.46 -19.17 6.04
N SER B 393 -16.81 -19.90 4.98
CA SER B 393 -18.21 -20.03 4.60
C SER B 393 -19.05 -20.41 5.81
N VAL B 394 -18.60 -21.44 6.52
CA VAL B 394 -19.45 -22.05 7.54
C VAL B 394 -19.79 -21.06 8.67
N ALA B 395 -18.86 -20.17 9.03
CA ALA B 395 -19.00 -19.30 10.19
C ALA B 395 -19.80 -18.02 9.91
N THR B 396 -20.33 -17.85 8.69
CA THR B 396 -21.01 -16.61 8.36
C THR B 396 -22.34 -16.56 9.11
N PRO B 397 -22.90 -15.35 9.31
CA PRO B 397 -24.18 -15.27 10.03
C PRO B 397 -25.33 -15.93 9.28
N LYS B 398 -25.34 -15.84 7.95
CA LYS B 398 -26.39 -16.49 7.16
C LYS B 398 -26.37 -18.01 7.34
N HIS B 399 -25.18 -18.63 7.33
CA HIS B 399 -25.07 -20.08 7.53
C HIS B 399 -25.70 -20.50 8.86
N LEU B 400 -25.32 -19.83 9.95
CA LEU B 400 -25.89 -20.15 11.25
C LEU B 400 -27.39 -19.88 11.29
N LYS B 401 -27.85 -18.84 10.59
CA LYS B 401 -29.28 -18.56 10.56
C LYS B 401 -30.04 -19.70 9.88
N THR B 402 -29.54 -20.18 8.73
CA THR B 402 -30.26 -21.28 8.05
C THR B 402 -30.18 -22.57 8.86
N MET B 403 -29.07 -22.74 9.61
CA MET B 403 -28.89 -23.96 10.41
C MET B 403 -29.80 -24.00 11.63
N GLY B 404 -30.25 -22.86 12.13
CA GLY B 404 -31.01 -22.79 13.38
C GLY B 404 -30.19 -22.46 14.62
N LEU B 405 -28.88 -22.23 14.46
CA LEU B 405 -28.01 -21.96 15.61
C LEU B 405 -28.04 -20.49 16.01
N LEU B 406 -28.43 -19.61 15.09
CA LEU B 406 -28.46 -18.18 15.32
C LEU B 406 -29.85 -17.69 14.95
N SER B 407 -30.40 -16.83 15.80
CA SER B 407 -31.78 -16.40 15.62
C SER B 407 -31.92 -15.61 14.32
N PRO B 408 -33.00 -15.80 13.56
CA PRO B 408 -33.25 -14.92 12.40
C PRO B 408 -33.41 -13.46 12.79
N ASP B 409 -33.91 -13.21 14.00
CA ASP B 409 -34.02 -11.86 14.56
C ASP B 409 -32.66 -11.18 14.73
N PHE B 410 -31.55 -11.92 14.60
CA PHE B 410 -30.25 -11.28 14.65
C PHE B 410 -30.10 -10.29 13.49
N LEU B 411 -29.50 -9.16 13.78
CA LEU B 411 -29.48 -8.05 12.86
C LEU B 411 -28.05 -7.78 12.42
N GLU B 412 -27.85 -7.84 11.10
CA GLU B 412 -26.53 -7.70 10.51
C GLU B 412 -26.35 -6.26 10.01
N ASP B 413 -26.29 -5.33 10.97
CA ASP B 413 -26.00 -3.96 10.57
C ASP B 413 -24.52 -3.76 10.33
N ASN B 414 -24.15 -2.53 9.97
CA ASN B 414 -22.76 -2.29 9.64
C ASN B 414 -21.86 -2.46 10.86
N GLU B 415 -22.38 -2.20 12.07
CA GLU B 415 -21.58 -2.35 13.29
C GLU B 415 -21.18 -3.81 13.52
N THR B 416 -22.15 -4.74 13.52
CA THR B 416 -21.82 -6.15 13.73
C THR B 416 -20.69 -6.60 12.79
N GLU B 417 -20.82 -6.25 11.52
CA GLU B 417 -19.83 -6.67 10.54
C GLU B 417 -18.46 -6.09 10.84
N ILE B 418 -18.41 -4.85 11.32
CA ILE B 418 -17.11 -4.30 11.68
C ILE B 418 -16.50 -5.08 12.85
N ASN B 419 -17.30 -5.40 13.88
CA ASN B 419 -16.75 -6.18 15.00
C ASN B 419 -16.16 -7.50 14.50
N PHE B 420 -16.89 -8.20 13.63
CA PHE B 420 -16.40 -9.45 13.05
C PHE B 420 -15.10 -9.24 12.26
N LEU B 421 -15.10 -8.29 11.32
CA LEU B 421 -13.91 -8.03 10.52
C LEU B 421 -12.70 -7.66 11.37
N LEU B 422 -12.91 -6.94 12.48
CA LEU B 422 -11.77 -6.59 13.32
C LEU B 422 -11.24 -7.81 14.05
N LYS B 423 -12.13 -8.74 14.47
CA LYS B 423 -11.63 -9.96 15.12
C LYS B 423 -10.82 -10.80 14.15
N GLN B 424 -11.35 -10.96 12.94
CA GLN B 424 -10.60 -11.56 11.84
C GLN B 424 -9.26 -10.86 11.65
N ALA B 425 -9.26 -9.54 11.67
CA ALA B 425 -8.03 -8.83 11.35
C ALA B 425 -6.99 -9.07 12.42
N LEU B 426 -7.38 -9.02 13.70
CA LEU B 426 -6.45 -9.39 14.76
C LEU B 426 -5.76 -10.70 14.40
N ASN B 427 -6.53 -11.78 14.28
CA ASN B 427 -5.92 -13.09 14.00
C ASN B 427 -5.12 -13.10 12.71
N ILE B 428 -5.77 -12.79 11.59
CA ILE B 428 -5.25 -13.06 10.25
C ILE B 428 -4.22 -12.02 9.84
N VAL B 429 -4.56 -10.73 9.95
CA VAL B 429 -3.61 -9.69 9.51
C VAL B 429 -2.47 -9.56 10.50
N GLY B 430 -2.73 -9.74 11.81
CA GLY B 430 -1.65 -9.70 12.79
C GLY B 430 -0.50 -10.62 12.45
N THR B 431 -0.79 -11.88 12.14
CA THR B 431 0.27 -12.86 12.10
C THR B 431 1.18 -12.72 10.87
N LEU B 432 0.78 -11.93 9.87
CA LEU B 432 1.58 -11.89 8.64
C LEU B 432 2.94 -11.26 8.86
N PRO B 433 3.07 -10.00 9.30
CA PRO B 433 4.42 -9.46 9.50
C PRO B 433 5.20 -10.22 10.55
N PHE B 434 4.51 -10.80 11.54
CA PHE B 434 5.20 -11.62 12.52
C PHE B 434 5.85 -12.81 11.85
N THR B 435 5.11 -13.44 10.94
CA THR B 435 5.57 -14.66 10.29
C THR B 435 6.65 -14.33 9.25
N TYR B 436 6.36 -13.37 8.38
CA TYR B 436 7.37 -12.81 7.50
C TYR B 436 8.66 -12.54 8.27
N MET B 437 8.58 -11.72 9.32
CA MET B 437 9.78 -11.34 10.09
C MET B 437 10.53 -12.56 10.60
N LEU B 438 9.81 -13.52 11.22
CA LEU B 438 10.49 -14.68 11.80
C LEU B 438 11.19 -15.49 10.73
N GLU B 439 10.50 -15.86 9.65
CA GLU B 439 11.18 -16.66 8.66
C GLU B 439 12.27 -15.87 7.97
N LYS B 440 12.12 -14.57 7.82
CA LYS B 440 13.20 -13.79 7.24
C LYS B 440 14.43 -13.83 8.14
N TRP B 441 14.24 -13.65 9.45
CA TRP B 441 15.37 -13.76 10.36
C TRP B 441 16.05 -15.10 10.19
N ARG B 442 15.27 -16.17 10.01
CA ARG B 442 15.90 -17.49 9.97
C ARG B 442 16.60 -17.75 8.65
N TRP B 443 15.98 -17.35 7.54
CA TRP B 443 16.65 -17.40 6.24
C TRP B 443 17.96 -16.63 6.28
N MET B 444 17.93 -15.41 6.80
CA MET B 444 19.15 -14.63 6.89
C MET B 444 20.17 -15.33 7.79
N VAL B 445 19.71 -15.94 8.89
CA VAL B 445 20.65 -16.53 9.84
C VAL B 445 21.29 -17.75 9.22
N PHE B 446 20.51 -18.54 8.50
CA PHE B 446 21.05 -19.71 7.81
C PHE B 446 22.08 -19.28 6.77
N ARG B 447 21.73 -18.33 5.91
CA ARG B 447 22.64 -17.95 4.84
C ARG B 447 23.94 -17.32 5.33
N GLY B 448 24.06 -16.99 6.62
CA GLY B 448 25.25 -16.34 7.11
C GLY B 448 25.24 -14.81 7.11
N GLU B 449 24.12 -14.18 6.76
CA GLU B 449 24.11 -12.74 6.70
C GLU B 449 24.08 -12.12 8.09
N ILE B 450 23.51 -12.82 9.06
CA ILE B 450 23.46 -12.40 10.46
C ILE B 450 24.46 -13.27 11.22
N PRO B 451 25.57 -12.73 11.67
CA PRO B 451 26.54 -13.51 12.44
C PRO B 451 26.04 -13.65 13.88
N LYS B 452 26.55 -14.69 14.55
CA LYS B 452 26.19 -14.96 15.94
C LYS B 452 26.15 -13.69 16.80
N GLU B 453 27.23 -12.91 16.79
CA GLU B 453 27.33 -11.74 17.67
C GLU B 453 26.21 -10.74 17.49
N GLU B 454 25.38 -10.88 16.46
CA GLU B 454 24.28 -9.96 16.22
C GLU B 454 22.94 -10.62 16.07
N TRP B 455 22.84 -11.92 16.39
CA TRP B 455 21.59 -12.62 16.23
C TRP B 455 20.46 -11.85 16.89
N MET B 456 20.56 -11.64 18.21
CA MET B 456 19.44 -10.97 18.85
C MET B 456 19.40 -9.52 18.42
N LYS B 457 20.56 -8.91 18.21
CA LYS B 457 20.55 -7.50 17.85
C LYS B 457 19.67 -7.29 16.62
N LYS B 458 19.84 -8.13 15.60
CA LYS B 458 19.04 -8.00 14.39
C LYS B 458 17.59 -8.44 14.62
N TRP B 459 17.39 -9.50 15.43
CA TRP B 459 16.05 -9.97 15.69
C TRP B 459 15.16 -8.81 16.14
N TRP B 460 15.56 -8.17 17.24
CA TRP B 460 14.84 -6.99 17.70
C TRP B 460 14.80 -5.86 16.65
N GLU B 461 15.91 -5.56 15.96
CA GLU B 461 15.84 -4.55 14.91
C GLU B 461 14.73 -4.90 13.92
N MET B 462 14.66 -6.18 13.49
CA MET B 462 13.62 -6.62 12.57
C MET B 462 12.24 -6.53 13.21
N LYS B 463 12.08 -6.97 14.46
CA LYS B 463 10.81 -6.79 15.15
C LYS B 463 10.37 -5.32 15.13
N ARG B 464 11.31 -4.39 15.30
CA ARG B 464 10.92 -2.98 15.32
C ARG B 464 10.64 -2.45 13.91
N ASP B 465 11.31 -2.98 12.88
CA ASP B 465 11.21 -2.31 11.59
C ASP B 465 10.06 -2.86 10.77
N LEU B 466 9.95 -4.20 10.72
CA LEU B 466 8.95 -4.93 9.94
C LEU B 466 7.65 -5.17 10.73
N VAL B 467 7.74 -5.45 12.04
CA VAL B 467 6.56 -5.75 12.82
C VAL B 467 6.03 -4.56 13.59
N GLY B 468 6.82 -3.50 13.75
CA GLY B 468 6.36 -2.40 14.61
C GLY B 468 6.11 -2.84 16.03
N VAL B 469 7.02 -3.65 16.57
CA VAL B 469 6.96 -4.22 17.90
C VAL B 469 8.34 -4.11 18.52
N VAL B 470 8.38 -3.67 19.80
CA VAL B 470 9.60 -3.34 20.54
C VAL B 470 9.67 -4.17 21.81
N GLU B 471 10.84 -4.72 22.08
CA GLU B 471 11.01 -5.54 23.26
C GLU B 471 10.93 -4.64 24.50
N PRO B 472 10.37 -5.14 25.59
CA PRO B 472 10.22 -4.33 26.81
C PRO B 472 11.49 -4.18 27.64
N VAL B 473 12.39 -5.16 27.53
CA VAL B 473 13.66 -5.23 28.23
C VAL B 473 14.73 -5.50 27.17
N PRO B 474 15.93 -4.95 27.26
CA PRO B 474 16.94 -5.29 26.25
C PRO B 474 17.48 -6.71 26.45
N HIS B 475 17.88 -7.32 25.34
CA HIS B 475 18.42 -8.67 25.34
C HIS B 475 19.78 -8.69 24.68
N ASP B 476 20.74 -9.36 25.31
CA ASP B 476 22.07 -9.48 24.78
C ASP B 476 22.14 -10.78 24.02
N GLU B 477 23.33 -11.21 23.61
CA GLU B 477 23.45 -12.42 22.78
C GLU B 477 23.45 -13.72 23.59
N THR B 478 23.25 -13.66 24.91
CA THR B 478 23.06 -14.90 25.65
C THR B 478 21.66 -15.43 25.42
N TYR B 479 20.75 -14.57 24.96
CA TYR B 479 19.38 -14.92 24.64
C TYR B 479 19.27 -15.51 23.24
N CYS B 480 18.17 -16.22 22.99
CA CYS B 480 17.80 -16.75 21.70
C CYS B 480 16.28 -16.68 21.58
N ASP B 481 15.75 -15.46 21.56
CA ASP B 481 14.30 -15.27 21.59
C ASP B 481 13.55 -15.92 20.43
N PRO B 482 14.04 -15.92 19.19
CA PRO B 482 13.40 -16.79 18.19
C PRO B 482 13.10 -18.18 18.74
N ALA B 483 14.08 -18.80 19.39
CA ALA B 483 13.93 -20.19 19.83
C ALA B 483 12.92 -20.38 20.95
N SER B 484 12.43 -19.30 21.57
CA SER B 484 11.42 -19.52 22.59
C SER B 484 10.04 -19.77 22.01
N LEU B 485 9.95 -20.00 20.71
CA LEU B 485 8.71 -20.32 20.02
C LEU B 485 8.76 -21.81 19.66
N PHE B 486 7.60 -22.46 19.72
CA PHE B 486 7.56 -23.90 19.47
C PHE B 486 8.25 -24.26 18.15
N HIS B 487 7.78 -23.69 17.04
CA HIS B 487 8.26 -24.08 15.70
C HIS B 487 9.76 -23.87 15.53
N VAL B 488 10.29 -22.76 16.03
CA VAL B 488 11.71 -22.48 15.88
C VAL B 488 12.51 -23.61 16.49
N ALA B 489 12.20 -23.93 17.76
CA ALA B 489 12.97 -24.88 18.56
C ALA B 489 12.69 -26.33 18.20
N ASN B 490 11.64 -26.58 17.41
CA ASN B 490 11.29 -27.91 16.95
C ASN B 490 11.53 -28.07 15.45
N ASP B 491 12.40 -27.28 14.86
CA ASP B 491 12.87 -27.51 13.49
C ASP B 491 11.74 -27.51 12.46
N TYR B 492 10.66 -26.75 12.67
CA TYR B 492 9.61 -26.65 11.67
C TYR B 492 9.79 -25.38 10.85
N SER B 493 9.65 -25.49 9.53
CA SER B 493 9.56 -24.27 8.73
C SER B 493 8.29 -23.52 9.15
N PHE B 494 8.36 -22.19 9.06
CA PHE B 494 7.31 -21.35 9.57
C PHE B 494 6.58 -20.53 8.49
N ILE B 495 7.19 -20.32 7.32
CA ILE B 495 6.60 -19.43 6.34
C ILE B 495 5.32 -20.01 5.78
N ARG B 496 5.07 -21.30 5.97
CA ARG B 496 3.85 -21.88 5.42
C ARG B 496 2.65 -21.06 5.87
N TYR B 497 2.65 -20.62 7.13
CA TYR B 497 1.50 -19.90 7.68
C TYR B 497 1.26 -18.57 6.98
N TYR B 498 2.31 -17.98 6.40
CA TYR B 498 2.17 -16.83 5.51
C TYR B 498 1.50 -17.21 4.21
N THR B 499 2.09 -18.18 3.47
CA THR B 499 1.56 -18.52 2.15
C THR B 499 0.14 -19.04 2.28
N ARG B 500 -0.09 -19.91 3.26
CA ARG B 500 -1.42 -20.39 3.57
C ARG B 500 -2.42 -19.23 3.53
N THR B 501 -2.17 -18.20 4.34
CA THR B 501 -3.12 -17.09 4.42
C THR B 501 -3.36 -16.49 3.05
N ILE B 502 -2.29 -16.12 2.34
CA ILE B 502 -2.41 -15.55 0.99
C ILE B 502 -3.30 -16.43 0.13
N PHE B 503 -3.03 -17.73 0.12
CA PHE B 503 -3.77 -18.65 -0.75
C PHE B 503 -5.23 -18.73 -0.34
N GLU B 504 -5.47 -18.82 0.98
CA GLU B 504 -6.83 -19.03 1.47
C GLU B 504 -7.80 -18.08 0.77
N PHE B 505 -7.45 -16.80 0.75
CA PHE B 505 -8.35 -15.78 0.22
C PHE B 505 -8.38 -15.80 -1.29
N GLN B 506 -7.24 -16.05 -1.94
CA GLN B 506 -7.29 -16.36 -3.37
C GLN B 506 -8.31 -17.46 -3.65
N PHE B 507 -8.29 -18.53 -2.84
CA PHE B 507 -9.30 -19.54 -3.00
C PHE B 507 -10.67 -18.95 -2.78
N HIS B 508 -10.86 -18.31 -1.63
CA HIS B 508 -12.19 -17.94 -1.21
C HIS B 508 -12.82 -17.04 -2.26
N GLU B 509 -12.10 -15.98 -2.65
CA GLU B 509 -12.66 -15.05 -3.62
C GLU B 509 -13.08 -15.75 -4.91
N ALA B 510 -12.22 -16.65 -5.41
CA ALA B 510 -12.56 -17.39 -6.62
C ALA B 510 -13.84 -18.18 -6.43
N LEU B 511 -13.87 -19.02 -5.39
CA LEU B 511 -15.00 -19.93 -5.19
C LEU B 511 -16.31 -19.16 -5.03
N CYS B 512 -16.29 -18.09 -4.22
CA CYS B 512 -17.47 -17.23 -4.10
C CYS B 512 -17.85 -16.61 -5.45
N ARG B 513 -16.87 -16.20 -6.26
CA ARG B 513 -17.18 -15.75 -7.61
C ARG B 513 -18.02 -16.81 -8.31
N ILE B 514 -17.56 -18.07 -8.22
CA ILE B 514 -18.15 -19.17 -8.97
C ILE B 514 -19.53 -19.50 -8.42
N ALA B 515 -19.68 -19.39 -7.10
CA ALA B 515 -20.96 -19.56 -6.42
C ALA B 515 -21.90 -18.38 -6.64
N GLN B 516 -21.62 -17.50 -7.62
CA GLN B 516 -22.47 -16.35 -7.94
C GLN B 516 -22.88 -15.57 -6.70
N HIS B 517 -21.97 -15.49 -5.74
CA HIS B 517 -22.22 -14.73 -4.54
C HIS B 517 -22.35 -13.26 -4.87
N ASP B 518 -23.52 -12.68 -4.61
CA ASP B 518 -23.76 -11.24 -4.74
C ASP B 518 -23.57 -10.58 -3.37
N GLY B 519 -22.52 -9.76 -3.26
CA GLY B 519 -22.28 -8.98 -2.07
C GLY B 519 -20.85 -8.99 -1.54
N PRO B 520 -20.72 -8.70 -0.25
CA PRO B 520 -19.40 -8.59 0.38
C PRO B 520 -18.74 -9.95 0.55
N LEU B 521 -17.48 -10.04 0.15
CA LEU B 521 -16.76 -11.30 0.14
C LEU B 521 -16.71 -11.92 1.53
N HIS B 522 -16.70 -11.11 2.59
CA HIS B 522 -16.59 -11.71 3.91
C HIS B 522 -17.90 -12.36 4.35
N LYS B 523 -19.02 -12.01 3.72
CA LYS B 523 -20.30 -12.69 3.94
C LYS B 523 -20.59 -13.70 2.85
N CYS B 524 -19.62 -14.50 2.46
CA CYS B 524 -19.86 -15.47 1.42
C CYS B 524 -20.07 -16.84 2.05
N ASP B 525 -20.85 -17.67 1.36
CA ASP B 525 -21.14 -19.03 1.80
C ASP B 525 -21.28 -19.92 0.56
N ILE B 526 -20.28 -20.77 0.31
CA ILE B 526 -20.22 -21.58 -0.90
C ILE B 526 -21.10 -22.83 -0.76
N SER B 527 -21.87 -22.92 0.32
CA SER B 527 -22.73 -24.08 0.48
C SER B 527 -23.67 -24.18 -0.73
N ASN B 528 -24.02 -25.40 -1.13
CA ASN B 528 -24.79 -25.62 -2.36
C ASN B 528 -24.31 -24.84 -3.56
N SER B 529 -22.99 -24.76 -3.70
CA SER B 529 -22.38 -24.40 -4.97
C SER B 529 -21.63 -25.65 -5.42
N THR B 530 -22.37 -26.60 -5.99
CA THR B 530 -21.71 -27.77 -6.55
C THR B 530 -20.69 -27.36 -7.61
N ASP B 531 -20.90 -26.23 -8.28
CA ASP B 531 -19.90 -25.75 -9.21
C ASP B 531 -18.59 -25.50 -8.49
N ALA B 532 -18.64 -24.73 -7.40
CA ALA B 532 -17.45 -24.54 -6.58
C ALA B 532 -16.88 -25.87 -6.14
N GLY B 533 -17.74 -26.76 -5.65
CA GLY B 533 -17.28 -28.09 -5.33
C GLY B 533 -16.45 -28.70 -6.43
N LYS B 534 -16.94 -28.63 -7.68
CA LYS B 534 -16.22 -29.22 -8.81
C LYS B 534 -14.84 -28.59 -8.99
N LYS B 535 -14.76 -27.26 -8.93
CA LYS B 535 -13.46 -26.63 -9.14
C LYS B 535 -12.52 -26.93 -7.97
N LEU B 536 -13.07 -27.05 -6.76
CA LEU B 536 -12.31 -27.41 -5.58
C LEU B 536 -11.79 -28.85 -5.66
N HIS B 537 -12.64 -29.78 -6.10
CA HIS B 537 -12.17 -31.15 -6.23
C HIS B 537 -11.12 -31.27 -7.32
N GLN B 538 -11.29 -30.54 -8.43
CA GLN B 538 -10.22 -30.43 -9.42
C GLN B 538 -8.91 -30.13 -8.74
N MET B 539 -8.89 -29.07 -7.95
CA MET B 539 -7.63 -28.70 -7.32
C MET B 539 -7.16 -29.77 -6.34
N LEU B 540 -8.07 -30.35 -5.59
CA LEU B 540 -7.64 -31.22 -4.52
C LEU B 540 -7.03 -32.50 -5.07
N SER B 541 -7.68 -33.10 -6.10
CA SER B 541 -7.31 -34.42 -6.62
C SER B 541 -5.89 -34.50 -7.19
N VAL B 542 -5.34 -33.38 -7.68
CA VAL B 542 -4.03 -33.38 -8.31
C VAL B 542 -2.89 -33.61 -7.32
N GLY B 543 -3.11 -33.39 -6.03
CA GLY B 543 -2.02 -33.54 -5.08
C GLY B 543 -0.90 -32.57 -5.42
N LYS B 544 0.33 -33.01 -5.19
CA LYS B 544 1.48 -32.27 -5.69
C LYS B 544 2.13 -33.00 -6.87
N SER B 545 1.29 -33.65 -7.68
CA SER B 545 1.67 -34.32 -8.94
C SER B 545 1.83 -33.35 -10.10
N GLN B 546 1.66 -32.06 -9.87
CA GLN B 546 1.67 -31.02 -10.88
C GLN B 546 2.36 -29.82 -10.26
N PRO B 547 3.04 -28.99 -11.08
CA PRO B 547 3.50 -27.68 -10.59
C PRO B 547 2.35 -26.90 -9.96
N TRP B 548 2.50 -26.51 -8.70
CA TRP B 548 1.43 -25.82 -7.99
C TRP B 548 1.01 -24.53 -8.68
N THR B 549 1.90 -23.92 -9.46
CA THR B 549 1.53 -22.81 -10.33
C THR B 549 0.40 -23.19 -11.29
N VAL B 550 0.45 -24.40 -11.86
CA VAL B 550 -0.61 -24.83 -12.76
C VAL B 550 -1.92 -25.09 -12.00
N THR B 551 -1.85 -25.79 -10.86
CA THR B 551 -3.12 -26.10 -10.19
C THR B 551 -3.74 -24.81 -9.65
N LEU B 552 -2.91 -23.93 -9.09
CA LEU B 552 -3.38 -22.65 -8.61
C LEU B 552 -4.02 -21.86 -9.72
N LYS B 553 -3.44 -21.92 -10.93
CA LYS B 553 -4.07 -21.25 -12.04
C LYS B 553 -5.41 -21.91 -12.38
N ASP B 554 -5.54 -23.22 -12.22
CA ASP B 554 -6.81 -23.83 -12.58
C ASP B 554 -7.93 -23.35 -11.66
N ILE B 555 -7.67 -23.17 -10.36
CA ILE B 555 -8.74 -22.69 -9.48
C ILE B 555 -9.02 -21.19 -9.65
N VAL B 556 -8.01 -20.36 -9.42
CA VAL B 556 -8.29 -18.94 -9.24
C VAL B 556 -8.02 -18.13 -10.51
N ASP B 557 -7.73 -18.82 -11.62
CA ASP B 557 -7.28 -18.23 -12.87
C ASP B 557 -6.04 -17.34 -12.70
N SER B 558 -5.23 -17.54 -11.66
CA SER B 558 -3.97 -16.83 -11.55
C SER B 558 -2.84 -17.82 -11.35
N ARG B 559 -1.70 -17.50 -11.95
CA ARG B 559 -0.51 -18.31 -11.81
C ARG B 559 0.33 -17.97 -10.58
N ASN B 560 0.26 -16.74 -10.06
CA ASN B 560 1.12 -16.30 -8.96
C ASN B 560 0.30 -15.85 -7.74
N MET B 561 0.91 -15.90 -6.53
CA MET B 561 0.24 -15.49 -5.30
C MET B 561 -0.24 -14.05 -5.37
N ASP B 562 -1.37 -13.77 -4.73
CA ASP B 562 -1.95 -12.43 -4.74
C ASP B 562 -2.55 -12.12 -3.37
N VAL B 563 -2.19 -10.97 -2.78
CA VAL B 563 -2.94 -10.47 -1.64
C VAL B 563 -4.18 -9.70 -2.04
N GLY B 564 -4.42 -9.49 -3.33
CA GLY B 564 -5.62 -8.85 -3.77
C GLY B 564 -6.85 -9.34 -3.02
N PRO B 565 -7.16 -10.63 -3.17
CA PRO B 565 -8.33 -11.16 -2.45
C PRO B 565 -8.31 -10.88 -0.97
N LEU B 566 -7.15 -10.92 -0.29
CA LEU B 566 -7.14 -10.67 1.15
C LEU B 566 -7.40 -9.20 1.45
N LEU B 567 -6.70 -8.31 0.76
CA LEU B 567 -7.00 -6.90 0.86
C LEU B 567 -8.47 -6.63 0.62
N ARG B 568 -9.04 -7.22 -0.43
CA ARG B 568 -10.42 -6.95 -0.80
C ARG B 568 -11.40 -7.52 0.21
N TYR B 569 -11.06 -8.67 0.81
CA TYR B 569 -11.88 -9.23 1.88
C TYR B 569 -11.98 -8.25 3.03
N PHE B 570 -10.86 -7.62 3.37
CA PHE B 570 -10.81 -6.74 4.52
C PHE B 570 -11.07 -5.28 4.19
N GLU B 571 -11.40 -4.94 2.94
CA GLU B 571 -11.48 -3.52 2.62
C GLU B 571 -12.51 -2.73 3.43
N PRO B 572 -13.66 -3.28 3.86
CA PRO B 572 -14.58 -2.46 4.69
C PRO B 572 -14.00 -2.08 6.04
N LEU B 573 -13.33 -3.03 6.68
CA LEU B 573 -12.54 -2.72 7.87
C LEU B 573 -11.49 -1.66 7.56
N TYR B 574 -10.84 -1.74 6.40
CA TYR B 574 -9.85 -0.73 6.03
C TYR B 574 -10.44 0.68 6.08
N THR B 575 -11.38 0.99 5.17
CA THR B 575 -11.91 2.34 5.11
C THR B 575 -12.45 2.77 6.48
N TRP B 576 -13.03 1.84 7.23
CA TRP B 576 -13.41 2.20 8.60
C TRP B 576 -12.20 2.63 9.42
N LEU B 577 -11.17 1.81 9.45
CA LEU B 577 -9.98 2.12 10.23
C LEU B 577 -9.42 3.50 9.85
N GLN B 578 -9.41 3.82 8.55
CA GLN B 578 -8.94 5.13 8.12
C GLN B 578 -9.73 6.25 8.77
N GLU B 579 -11.07 6.15 8.80
CA GLU B 579 -11.74 7.26 9.50
C GLU B 579 -11.37 7.24 10.98
N GLN B 580 -11.17 6.05 11.56
CA GLN B 580 -10.90 5.99 12.99
C GLN B 580 -9.54 6.58 13.34
N ASN B 581 -8.52 6.30 12.52
CA ASN B 581 -7.18 6.83 12.78
C ASN B 581 -7.02 8.30 12.34
N ARG B 582 -8.12 9.04 12.10
CA ARG B 582 -7.98 10.38 11.55
C ARG B 582 -7.29 11.30 12.53
N LYS B 583 -7.42 11.01 13.82
CA LYS B 583 -6.83 11.79 14.92
C LYS B 583 -5.84 10.92 15.69
N SER B 584 -5.10 10.10 14.96
CA SER B 584 -4.04 9.28 15.54
C SER B 584 -2.90 9.19 14.54
N TYR B 585 -1.74 8.83 15.06
CA TYR B 585 -0.58 8.56 14.23
C TYR B 585 -0.65 7.14 13.67
N VAL B 586 -0.08 6.97 12.47
CA VAL B 586 -0.05 5.69 11.79
C VAL B 586 1.37 5.41 11.31
N GLY B 587 1.88 4.22 11.64
CA GLY B 587 3.29 3.91 11.48
C GLY B 587 4.00 4.05 12.81
N TRP B 588 5.28 3.73 12.82
CA TRP B 588 6.02 3.75 14.07
C TRP B 588 7.41 4.31 13.91
N ASN B 589 7.96 4.72 15.06
CA ASN B 589 9.33 5.17 15.26
C ASN B 589 10.13 4.04 15.85
N THR B 590 11.15 3.56 15.12
CA THR B 590 11.89 2.42 15.65
C THR B 590 12.87 2.78 16.77
N ASP B 591 13.03 4.05 17.12
CA ASP B 591 14.01 4.37 18.14
C ASP B 591 13.45 4.22 19.55
N TRP B 592 12.19 4.61 19.75
CA TRP B 592 11.59 4.56 21.08
C TRP B 592 11.55 3.15 21.63
N SER B 593 11.87 3.01 22.91
CA SER B 593 11.71 1.75 23.63
C SER B 593 11.22 2.04 25.04
N PRO B 594 10.46 1.11 25.64
CA PRO B 594 10.03 1.31 27.03
C PRO B 594 11.15 1.65 27.96
N TYR B 595 12.31 1.01 27.82
CA TYR B 595 13.41 1.19 28.75
C TYR B 595 14.33 2.35 28.39
N SER B 596 14.03 3.08 27.31
CA SER B 596 14.85 4.23 26.90
C SER B 596 13.98 5.46 26.59
N THR C 1 -26.79 -89.59 -9.75
CA THR C 1 -26.90 -88.16 -9.98
C THR C 1 -26.59 -87.33 -8.72
N ASN C 2 -25.32 -87.00 -8.48
CA ASN C 2 -24.99 -86.21 -7.30
C ASN C 2 -24.47 -84.83 -7.69
N LEU C 3 -24.61 -83.91 -6.75
CA LEU C 3 -24.40 -82.48 -7.00
C LEU C 3 -22.94 -82.06 -7.10
N CYS C 4 -22.71 -80.96 -7.83
CA CYS C 4 -21.35 -80.45 -8.04
C CYS C 4 -20.72 -79.99 -6.73
N PRO C 5 -19.47 -80.06 -6.61
CA PRO C 5 -18.83 -79.67 -5.36
C PRO C 5 -18.50 -78.19 -5.33
N PHE C 6 -19.52 -77.34 -5.49
CA PHE C 6 -19.30 -75.91 -5.42
C PHE C 6 -19.18 -75.47 -3.97
N GLY C 7 -19.75 -76.25 -3.06
CA GLY C 7 -19.59 -75.93 -1.66
C GLY C 7 -18.14 -75.84 -1.25
N GLU C 8 -17.31 -76.79 -1.71
CA GLU C 8 -15.89 -76.75 -1.32
C GLU C 8 -15.22 -75.51 -1.86
N VAL C 9 -15.65 -75.07 -3.03
CA VAL C 9 -15.05 -73.88 -3.60
C VAL C 9 -15.48 -72.64 -2.82
N PHE C 10 -16.78 -72.40 -2.75
CA PHE C 10 -17.24 -71.13 -2.21
C PHE C 10 -17.00 -71.05 -0.72
N ASN C 11 -17.25 -72.14 0.00
CA ASN C 11 -17.22 -72.12 1.44
C ASN C 11 -15.86 -72.55 2.03
N ALA C 12 -14.79 -72.56 1.22
CA ALA C 12 -13.45 -72.94 1.68
C ALA C 12 -13.02 -72.05 2.82
N THR C 13 -12.29 -72.63 3.79
CA THR C 13 -11.88 -71.81 4.94
C THR C 13 -10.84 -70.76 4.51
N THR C 14 -9.81 -71.15 3.76
CA THR C 14 -8.92 -70.15 3.17
C THR C 14 -8.79 -70.39 1.68
N PHE C 15 -8.58 -69.29 0.95
CA PHE C 15 -8.44 -69.25 -0.49
C PHE C 15 -6.94 -69.17 -0.83
N ALA C 16 -6.60 -69.36 -2.10
CA ALA C 16 -5.20 -69.27 -2.49
C ALA C 16 -4.83 -67.84 -2.85
N SER C 17 -3.52 -67.57 -2.91
CA SER C 17 -3.05 -66.27 -3.33
C SER C 17 -3.24 -66.13 -4.83
N VAL C 18 -3.51 -64.90 -5.27
CA VAL C 18 -3.87 -64.70 -6.67
C VAL C 18 -2.75 -65.21 -7.57
N TYR C 19 -1.50 -64.97 -7.19
CA TYR C 19 -0.41 -65.33 -8.09
C TYR C 19 -0.40 -66.82 -8.38
N ALA C 20 -0.73 -67.62 -7.37
CA ALA C 20 -0.81 -69.07 -7.49
C ALA C 20 -2.28 -69.46 -7.29
N TRP C 21 -3.14 -68.99 -8.20
CA TRP C 21 -4.58 -69.15 -8.03
C TRP C 21 -4.98 -70.62 -8.07
N ASN C 22 -6.02 -70.95 -7.32
CA ASN C 22 -6.48 -72.32 -7.15
C ASN C 22 -7.60 -72.56 -8.17
N ARG C 23 -7.57 -73.72 -8.82
CA ARG C 23 -8.62 -74.08 -9.78
C ARG C 23 -9.19 -75.44 -9.46
N LYS C 24 -10.52 -75.55 -9.45
CA LYS C 24 -11.16 -76.86 -9.36
C LYS C 24 -11.97 -77.12 -10.61
N ARG C 25 -11.78 -78.31 -11.16
CA ARG C 25 -12.44 -78.72 -12.37
C ARG C 25 -13.69 -79.47 -11.92
N ILE C 26 -14.83 -79.07 -12.47
CA ILE C 26 -16.13 -79.55 -12.04
C ILE C 26 -16.72 -80.33 -13.20
N SER C 27 -16.99 -81.62 -13.01
CA SER C 27 -17.50 -82.50 -14.07
C SER C 27 -18.50 -83.49 -13.52
N ASN C 28 -19.28 -84.08 -14.43
CA ASN C 28 -20.20 -85.19 -14.14
C ASN C 28 -21.11 -84.90 -12.95
N CYS C 29 -21.74 -83.73 -12.91
CA CYS C 29 -22.64 -83.58 -11.78
C CYS C 29 -23.84 -82.76 -12.26
N VAL C 30 -24.74 -82.50 -11.31
CA VAL C 30 -25.85 -81.56 -11.45
C VAL C 30 -25.81 -80.54 -10.30
N ALA C 31 -25.94 -79.24 -10.61
CA ALA C 31 -25.85 -78.18 -9.61
C ALA C 31 -26.96 -77.17 -9.85
N ASP C 32 -27.40 -76.47 -8.78
CA ASP C 32 -28.39 -75.40 -8.90
C ASP C 32 -27.69 -74.05 -8.79
N TYR C 33 -27.60 -73.30 -9.90
CA TYR C 33 -26.95 -72.00 -9.89
C TYR C 33 -27.89 -70.90 -9.45
N SER C 34 -29.17 -71.20 -9.21
CA SER C 34 -30.07 -70.19 -8.68
C SER C 34 -29.65 -69.80 -7.28
N VAL C 35 -29.03 -70.74 -6.55
CA VAL C 35 -28.45 -70.44 -5.24
C VAL C 35 -27.41 -69.34 -5.35
N LEU C 36 -26.51 -69.46 -6.32
CA LEU C 36 -25.51 -68.43 -6.52
C LEU C 36 -26.14 -67.10 -6.96
N TYR C 37 -27.04 -67.12 -7.95
CA TYR C 37 -27.58 -65.86 -8.43
C TYR C 37 -28.44 -65.16 -7.39
N GLN C 38 -29.20 -65.92 -6.62
CA GLN C 38 -30.11 -65.35 -5.65
C GLN C 38 -29.47 -65.26 -4.27
N SER C 39 -28.14 -65.42 -4.20
CA SER C 39 -27.43 -65.49 -2.92
C SER C 39 -27.60 -64.21 -2.10
N THR C 40 -27.42 -63.05 -2.72
CA THR C 40 -27.43 -61.72 -2.06
C THR C 40 -26.32 -61.59 -1.00
N SER C 41 -25.25 -62.37 -1.11
CA SER C 41 -24.10 -62.22 -0.25
C SER C 41 -22.85 -61.93 -1.06
N PHE C 42 -23.02 -61.60 -2.35
CA PHE C 42 -21.95 -61.33 -3.29
C PHE C 42 -21.95 -59.85 -3.63
N SER C 43 -20.80 -59.21 -3.49
CA SER C 43 -20.65 -57.82 -3.92
C SER C 43 -20.62 -57.71 -5.43
N THR C 44 -20.12 -58.73 -6.12
CA THR C 44 -19.92 -58.68 -7.56
C THR C 44 -20.44 -59.98 -8.13
N PHE C 45 -21.22 -59.90 -9.20
CA PHE C 45 -21.67 -61.11 -9.89
C PHE C 45 -21.95 -60.68 -11.34
N LYS C 46 -20.96 -60.84 -12.20
CA LYS C 46 -21.03 -60.43 -13.61
C LYS C 46 -20.67 -61.61 -14.49
N CYS C 47 -21.50 -61.85 -15.48
CA CYS C 47 -21.44 -63.04 -16.32
C CYS C 47 -21.11 -62.60 -17.76
N TYR C 48 -20.32 -63.41 -18.46
CA TYR C 48 -19.86 -63.08 -19.80
C TYR C 48 -20.19 -64.22 -20.76
N GLY C 49 -20.87 -63.90 -21.87
CA GLY C 49 -21.21 -64.89 -22.87
C GLY C 49 -22.39 -65.77 -22.50
N VAL C 50 -22.96 -65.59 -21.31
CA VAL C 50 -24.05 -66.42 -20.82
C VAL C 50 -24.94 -65.58 -19.91
N SER C 51 -26.20 -66.02 -19.75
CA SER C 51 -27.12 -65.33 -18.84
C SER C 51 -27.29 -66.13 -17.56
N PRO C 52 -27.17 -65.48 -16.41
CA PRO C 52 -27.25 -66.21 -15.14
C PRO C 52 -28.59 -66.85 -14.86
N THR C 53 -29.71 -66.21 -15.24
CA THR C 53 -31.02 -66.81 -15.02
C THR C 53 -31.22 -68.08 -15.84
N LYS C 54 -30.34 -68.32 -16.79
CA LYS C 54 -30.58 -69.28 -17.82
C LYS C 54 -29.54 -70.38 -17.85
N LEU C 55 -28.48 -70.25 -17.04
CA LEU C 55 -27.53 -71.34 -16.89
C LEU C 55 -28.08 -72.47 -16.06
N ASN C 56 -29.26 -72.31 -15.45
CA ASN C 56 -29.95 -73.51 -14.97
C ASN C 56 -30.53 -74.35 -16.11
N ASP C 57 -30.65 -73.80 -17.32
CA ASP C 57 -31.10 -74.54 -18.49
C ASP C 57 -29.97 -75.13 -19.34
N LEU C 58 -28.72 -74.90 -18.96
CA LEU C 58 -27.55 -75.19 -19.77
C LEU C 58 -26.70 -76.35 -19.26
N CYS C 59 -26.07 -77.08 -20.17
CA CYS C 59 -25.18 -78.20 -19.84
C CYS C 59 -23.82 -77.98 -20.48
N PHE C 60 -22.78 -78.24 -19.72
CA PHE C 60 -21.46 -77.83 -20.12
C PHE C 60 -20.54 -79.05 -20.01
N THR C 61 -19.57 -79.15 -20.92
CA THR C 61 -18.68 -80.32 -20.85
C THR C 61 -17.80 -80.26 -19.61
N ASN C 62 -17.35 -79.06 -19.24
CA ASN C 62 -16.49 -78.83 -18.08
C ASN C 62 -16.86 -77.49 -17.47
N VAL C 63 -16.66 -77.35 -16.17
CA VAL C 63 -16.75 -76.05 -15.50
C VAL C 63 -15.54 -75.90 -14.60
N TYR C 64 -14.90 -74.74 -14.67
CA TYR C 64 -13.72 -74.48 -13.86
C TYR C 64 -14.05 -73.40 -12.85
N ALA C 65 -13.86 -73.71 -11.57
CA ALA C 65 -14.03 -72.75 -10.51
C ALA C 65 -12.63 -72.34 -10.05
N ASP C 66 -12.25 -71.10 -10.32
CA ASP C 66 -10.98 -70.54 -9.88
C ASP C 66 -11.29 -69.60 -8.72
N SER C 67 -10.48 -69.70 -7.67
CA SER C 67 -10.68 -68.90 -6.47
C SER C 67 -9.33 -68.33 -6.04
N PHE C 68 -9.33 -67.07 -5.61
CA PHE C 68 -8.13 -66.37 -5.15
C PHE C 68 -8.58 -65.13 -4.37
N VAL C 69 -7.63 -64.38 -3.84
CA VAL C 69 -7.95 -63.18 -3.07
C VAL C 69 -7.18 -61.99 -3.63
N ILE C 70 -7.86 -60.85 -3.76
CA ILE C 70 -7.28 -59.56 -4.23
C ILE C 70 -7.93 -58.42 -3.45
N THR C 71 -7.47 -57.19 -3.67
CA THR C 71 -8.10 -56.08 -2.97
C THR C 71 -9.36 -55.64 -3.72
N GLY C 72 -10.21 -54.89 -3.01
CA GLY C 72 -11.47 -54.48 -3.62
C GLY C 72 -11.26 -53.67 -4.89
N ASP C 73 -10.33 -52.72 -4.84
CA ASP C 73 -10.07 -51.89 -6.01
C ASP C 73 -9.67 -52.73 -7.21
N GLU C 74 -9.06 -53.90 -6.99
CA GLU C 74 -8.57 -54.78 -8.04
C GLU C 74 -9.63 -55.68 -8.66
N VAL C 75 -10.83 -55.79 -8.05
CA VAL C 75 -11.84 -56.72 -8.56
C VAL C 75 -12.19 -56.36 -10.01
N ARG C 76 -12.13 -55.07 -10.36
CA ARG C 76 -12.49 -54.64 -11.71
C ARG C 76 -11.60 -55.30 -12.76
N GLN C 77 -10.38 -55.70 -12.38
CA GLN C 77 -9.47 -56.34 -13.35
C GLN C 77 -9.85 -57.77 -13.69
N ILE C 78 -10.79 -58.37 -12.96
CA ILE C 78 -11.18 -59.74 -13.26
C ILE C 78 -12.29 -59.68 -14.29
N ALA C 79 -11.93 -59.26 -15.49
CA ALA C 79 -12.85 -59.05 -16.58
C ALA C 79 -12.08 -59.11 -17.86
N PRO C 80 -12.73 -59.38 -18.99
CA PRO C 80 -11.99 -59.51 -20.23
C PRO C 80 -11.41 -58.18 -20.66
N GLY C 81 -10.26 -58.25 -21.33
CA GLY C 81 -9.61 -57.07 -21.89
C GLY C 81 -9.27 -55.98 -20.90
N GLN C 82 -8.72 -56.35 -19.75
CA GLN C 82 -8.37 -55.42 -18.70
C GLN C 82 -6.86 -55.41 -18.52
N THR C 83 -6.36 -54.30 -17.97
CA THR C 83 -4.95 -54.19 -17.65
C THR C 83 -4.76 -53.72 -16.21
N GLY C 84 -3.66 -54.14 -15.63
CA GLY C 84 -3.35 -53.87 -14.24
C GLY C 84 -2.30 -54.88 -13.79
N LYS C 85 -1.87 -54.76 -12.54
CA LYS C 85 -0.87 -55.72 -12.08
C LYS C 85 -1.46 -57.12 -12.10
N ILE C 86 -2.73 -57.26 -11.66
CA ILE C 86 -3.39 -58.56 -11.55
C ILE C 86 -3.64 -59.16 -12.92
N ALA C 87 -4.28 -58.41 -13.80
CA ALA C 87 -4.63 -58.92 -15.12
C ALA C 87 -3.40 -59.18 -15.97
N ASP C 88 -2.40 -58.31 -15.89
CA ASP C 88 -1.19 -58.51 -16.67
C ASP C 88 -0.38 -59.70 -16.17
N TYR C 89 -0.15 -59.80 -14.87
CA TYR C 89 0.79 -60.78 -14.35
C TYR C 89 0.25 -61.83 -13.36
N ASN C 90 -1.06 -61.88 -13.08
CA ASN C 90 -1.51 -62.81 -12.06
C ASN C 90 -2.63 -63.73 -12.53
N TYR C 91 -3.77 -63.20 -12.92
CA TYR C 91 -4.88 -64.00 -13.43
C TYR C 91 -5.46 -63.25 -14.61
N LYS C 92 -5.46 -63.88 -15.79
CA LYS C 92 -5.90 -63.19 -17.00
C LYS C 92 -7.09 -63.90 -17.62
N LEU C 93 -8.09 -63.13 -17.99
CA LEU C 93 -9.28 -63.72 -18.59
C LEU C 93 -9.26 -63.52 -20.11
N PRO C 94 -9.64 -64.52 -20.91
CA PRO C 94 -9.65 -64.36 -22.37
C PRO C 94 -10.69 -63.35 -22.81
N ASP C 95 -10.50 -62.79 -24.02
CA ASP C 95 -11.48 -61.84 -24.57
C ASP C 95 -12.83 -62.51 -24.84
N ASP C 96 -12.80 -63.72 -25.41
CA ASP C 96 -14.00 -64.51 -25.72
C ASP C 96 -14.44 -65.30 -24.50
N PHE C 97 -14.36 -64.69 -23.31
CA PHE C 97 -14.64 -65.41 -22.07
C PHE C 97 -16.15 -65.73 -21.96
N THR C 98 -16.43 -66.97 -21.57
CA THR C 98 -17.78 -67.45 -21.22
C THR C 98 -17.74 -67.97 -19.79
N GLY C 99 -18.36 -67.24 -18.89
CA GLY C 99 -18.35 -67.60 -17.49
C GLY C 99 -18.80 -66.43 -16.65
N CYS C 100 -18.68 -66.61 -15.34
CA CYS C 100 -19.11 -65.57 -14.42
C CYS C 100 -18.00 -65.24 -13.45
N VAL C 101 -18.01 -64.00 -12.99
CA VAL C 101 -17.05 -63.52 -12.02
C VAL C 101 -17.84 -63.15 -10.78
N ILE C 102 -17.54 -63.81 -9.67
CA ILE C 102 -18.24 -63.58 -8.41
C ILE C 102 -17.21 -63.17 -7.37
N ALA C 103 -17.55 -62.16 -6.56
CA ALA C 103 -16.66 -61.68 -5.53
C ALA C 103 -17.48 -61.16 -4.36
N TRP C 104 -16.88 -61.20 -3.18
CA TRP C 104 -17.52 -60.67 -1.99
C TRP C 104 -16.45 -60.18 -1.01
N ASN C 105 -16.82 -59.23 -0.16
CA ASN C 105 -15.87 -58.72 0.79
C ASN C 105 -15.53 -59.77 1.84
N SER C 106 -14.23 -59.97 2.07
CA SER C 106 -13.68 -61.01 2.91
C SER C 106 -12.99 -60.47 4.16
N LYS C 107 -13.30 -59.23 4.56
CA LYS C 107 -12.57 -58.59 5.66
C LYS C 107 -12.66 -59.40 6.94
N HIS C 108 -13.82 -59.99 7.23
CA HIS C 108 -13.95 -60.65 8.53
C HIS C 108 -13.11 -61.92 8.63
N ILE C 109 -12.91 -62.65 7.54
CA ILE C 109 -12.06 -63.85 7.56
C ILE C 109 -10.60 -63.53 7.31
N ASP C 110 -10.29 -62.68 6.33
CA ASP C 110 -8.92 -62.55 5.82
C ASP C 110 -8.18 -61.29 6.29
N ALA C 111 -8.73 -60.52 7.21
CA ALA C 111 -8.00 -59.41 7.81
C ALA C 111 -7.89 -59.68 9.29
N LYS C 112 -6.72 -59.38 9.87
CA LYS C 112 -6.48 -59.60 11.28
C LYS C 112 -5.75 -58.41 11.88
N GLU C 113 -5.90 -58.24 13.19
CA GLU C 113 -5.24 -57.12 13.85
C GLU C 113 -3.74 -57.27 13.69
N GLY C 114 -3.06 -56.19 13.31
CA GLY C 114 -1.64 -56.27 13.06
C GLY C 114 -1.29 -56.69 11.65
N GLY C 115 -2.28 -57.06 10.86
CA GLY C 115 -2.14 -57.36 9.45
C GLY C 115 -2.01 -58.84 9.14
N ASN C 116 -2.62 -59.23 8.03
CA ASN C 116 -2.55 -60.57 7.46
C ASN C 116 -1.75 -60.49 6.18
N PHE C 117 -0.60 -61.16 6.16
CA PHE C 117 0.29 -61.14 5.01
C PHE C 117 0.42 -62.54 4.42
N ASN C 118 -0.55 -63.40 4.68
CA ASN C 118 -0.55 -64.75 4.12
C ASN C 118 -0.65 -64.72 2.59
N TYR C 119 -1.38 -63.74 2.02
CA TYR C 119 -1.67 -63.65 0.58
C TYR C 119 -0.65 -62.85 -0.24
N LEU C 120 -0.14 -63.45 -1.30
CA LEU C 120 0.88 -62.84 -2.14
C LEU C 120 0.35 -62.57 -3.54
N TYR C 121 1.03 -61.65 -4.23
CA TYR C 121 0.71 -61.35 -5.61
C TYR C 121 2.03 -61.12 -6.35
N ARG C 122 1.95 -61.15 -7.68
CA ARG C 122 3.09 -60.92 -8.55
C ARG C 122 3.09 -59.48 -8.98
N LEU C 123 4.23 -58.81 -8.80
CA LEU C 123 4.37 -57.39 -9.12
C LEU C 123 5.10 -57.13 -10.42
N PHE C 124 6.02 -58.00 -10.83
CA PHE C 124 6.80 -57.84 -12.05
C PHE C 124 6.83 -59.11 -12.86
N ARG C 125 6.82 -58.95 -14.18
CA ARG C 125 6.96 -60.06 -15.10
C ARG C 125 7.43 -59.53 -16.45
N LYS C 126 8.19 -60.37 -17.16
CA LYS C 126 8.81 -60.02 -18.46
C LYS C 126 7.79 -59.81 -19.59
N ALA C 127 6.66 -60.50 -19.55
CA ALA C 127 5.59 -60.25 -20.52
C ALA C 127 4.26 -60.54 -19.84
N ASN C 128 3.18 -60.04 -20.42
CA ASN C 128 1.91 -60.32 -19.80
C ASN C 128 1.58 -61.80 -19.87
N LEU C 129 0.77 -62.25 -18.92
CA LEU C 129 0.29 -63.62 -18.90
C LEU C 129 -0.63 -63.85 -20.08
N LYS C 130 -0.64 -65.07 -20.59
CA LYS C 130 -1.67 -65.51 -21.50
C LYS C 130 -2.94 -65.90 -20.71
N PRO C 131 -4.12 -65.88 -21.34
CA PRO C 131 -5.34 -66.21 -20.59
C PRO C 131 -5.23 -67.57 -19.91
N PHE C 132 -5.72 -67.61 -18.68
CA PHE C 132 -5.74 -68.83 -17.84
C PHE C 132 -4.36 -69.44 -17.60
N GLU C 133 -3.34 -68.62 -17.60
CA GLU C 133 -2.00 -69.12 -17.37
C GLU C 133 -1.64 -68.85 -15.92
N ARG C 134 -0.87 -69.76 -15.33
CA ARG C 134 -0.46 -69.57 -13.95
C ARG C 134 1.06 -69.61 -13.94
N ASP C 135 1.64 -68.62 -13.27
CA ASP C 135 3.08 -68.47 -13.10
C ASP C 135 3.37 -68.41 -11.60
N ILE C 136 4.07 -69.42 -11.07
CA ILE C 136 4.44 -69.41 -9.66
C ILE C 136 5.94 -69.24 -9.49
N SER C 137 6.67 -68.80 -10.51
CA SER C 137 8.10 -68.72 -10.32
C SER C 137 8.47 -67.64 -9.32
N THR C 138 9.54 -67.90 -8.58
CA THR C 138 10.03 -66.99 -7.56
C THR C 138 11.40 -66.47 -8.00
N GLU C 139 11.49 -66.10 -9.28
CA GLU C 139 12.73 -65.66 -9.89
C GLU C 139 12.96 -64.18 -9.74
N ILE C 140 14.20 -63.82 -9.38
CA ILE C 140 14.52 -62.40 -9.20
C ILE C 140 14.30 -61.71 -10.53
N TYR C 141 13.53 -60.62 -10.53
CA TYR C 141 13.23 -59.92 -11.77
C TYR C 141 14.44 -59.11 -12.15
N GLN C 142 14.95 -59.28 -13.38
CA GLN C 142 16.16 -58.57 -13.80
C GLN C 142 15.77 -57.41 -14.73
N ALA C 143 15.76 -56.19 -14.20
CA ALA C 143 15.36 -54.99 -14.95
C ALA C 143 16.54 -54.28 -15.60
N GLY C 144 17.76 -54.77 -15.39
CA GLY C 144 18.92 -54.17 -15.98
C GLY C 144 19.66 -55.20 -16.81
N SER C 145 20.61 -54.70 -17.61
CA SER C 145 21.49 -55.59 -18.34
C SER C 145 22.30 -56.44 -17.39
N LYS C 146 22.72 -55.86 -16.26
CA LYS C 146 23.54 -56.59 -15.32
C LYS C 146 22.79 -57.83 -14.83
N PRO C 147 23.41 -59.01 -14.86
CA PRO C 147 22.72 -60.21 -14.40
C PRO C 147 22.53 -60.17 -12.91
N CYS C 148 21.36 -60.58 -12.45
CA CYS C 148 21.17 -60.77 -11.03
C CYS C 148 21.28 -62.22 -10.69
N ASN C 149 22.16 -62.49 -9.77
CA ASN C 149 22.36 -63.85 -9.37
C ASN C 149 21.42 -64.20 -8.23
N GLY C 150 20.93 -63.18 -7.53
CA GLY C 150 20.01 -63.38 -6.44
C GLY C 150 19.92 -62.13 -5.59
N GLN C 151 19.36 -62.32 -4.40
CA GLN C 151 19.13 -61.26 -3.43
C GLN C 151 18.46 -60.11 -4.19
N THR C 152 18.88 -58.87 -4.02
CA THR C 152 18.03 -57.75 -4.39
C THR C 152 18.90 -56.51 -4.55
N GLY C 153 18.27 -55.41 -4.98
CA GLY C 153 19.00 -54.18 -5.20
C GLY C 153 19.58 -54.19 -6.60
N LEU C 154 20.37 -53.16 -6.90
CA LEU C 154 21.00 -53.01 -8.21
C LEU C 154 20.03 -53.40 -9.32
N ASN C 155 18.80 -52.89 -9.25
CA ASN C 155 17.80 -53.12 -10.29
C ASN C 155 17.37 -54.58 -10.39
N CYS C 156 17.39 -55.31 -9.28
CA CYS C 156 16.82 -56.65 -9.27
C CYS C 156 15.93 -56.84 -8.06
N TYR C 157 14.70 -57.28 -8.33
CA TYR C 157 13.64 -57.31 -7.34
C TYR C 157 13.01 -58.70 -7.27
N TYR C 158 12.54 -59.01 -6.08
CA TYR C 158 11.87 -60.26 -5.85
C TYR C 158 10.45 -60.12 -6.35
N PRO C 159 9.99 -61.01 -7.22
CA PRO C 159 8.75 -60.75 -7.98
C PRO C 159 7.49 -60.73 -7.14
N LEU C 160 7.45 -61.47 -6.04
CA LEU C 160 6.21 -61.59 -5.28
C LEU C 160 6.18 -60.62 -4.10
N TYR C 161 5.03 -60.00 -3.89
CA TYR C 161 4.81 -59.12 -2.76
C TYR C 161 3.63 -59.62 -1.96
N ARG C 162 3.58 -59.23 -0.71
CA ARG C 162 2.52 -59.67 0.16
C ARG C 162 1.52 -58.55 0.38
N TYR C 163 0.23 -58.89 0.26
CA TYR C 163 -0.80 -57.97 0.67
C TYR C 163 -0.75 -57.84 2.20
N GLY C 164 -1.10 -56.66 2.69
CA GLY C 164 -1.28 -56.58 4.12
C GLY C 164 -2.73 -56.17 4.37
N PHE C 165 -3.51 -57.06 4.97
CA PHE C 165 -4.93 -56.82 5.14
C PHE C 165 -5.21 -56.56 6.60
N TYR C 166 -5.72 -55.37 6.90
CA TYR C 166 -6.03 -54.87 8.23
C TYR C 166 -7.52 -54.61 8.31
N PRO C 167 -8.11 -54.67 9.51
CA PRO C 167 -9.52 -54.28 9.65
C PRO C 167 -9.75 -52.80 9.38
N THR C 168 -8.74 -51.97 9.63
CA THR C 168 -8.84 -50.52 9.40
C THR C 168 -8.51 -50.11 7.97
N ASP C 169 -8.36 -51.08 7.06
CA ASP C 169 -8.12 -50.76 5.66
C ASP C 169 -9.35 -50.05 5.08
N GLY C 170 -9.09 -49.17 4.10
CA GLY C 170 -10.17 -48.59 3.31
C GLY C 170 -10.74 -49.63 2.37
N VAL C 171 -12.01 -49.43 1.98
CA VAL C 171 -12.77 -50.49 1.32
C VAL C 171 -12.03 -50.96 0.08
N GLY C 172 -11.44 -50.01 -0.64
CA GLY C 172 -10.67 -50.35 -1.82
C GLY C 172 -9.51 -51.29 -1.55
N HIS C 173 -8.98 -51.28 -0.32
CA HIS C 173 -7.85 -52.13 0.05
C HIS C 173 -8.23 -53.36 0.84
N GLN C 174 -9.50 -53.54 1.17
CA GLN C 174 -9.89 -54.66 1.97
C GLN C 174 -9.83 -55.92 1.11
N PRO C 175 -9.70 -57.09 1.73
CA PRO C 175 -9.64 -58.33 0.93
C PRO C 175 -11.00 -58.70 0.36
N TYR C 176 -10.96 -59.26 -0.85
CA TYR C 176 -12.16 -59.76 -1.52
C TYR C 176 -11.86 -61.16 -2.05
N ARG C 177 -12.82 -62.06 -1.87
CA ARG C 177 -12.68 -63.42 -2.33
C ARG C 177 -13.39 -63.55 -3.68
N VAL C 178 -12.68 -64.07 -4.67
CA VAL C 178 -13.19 -64.14 -6.02
C VAL C 178 -13.26 -65.61 -6.47
N VAL C 179 -14.42 -65.98 -7.02
CA VAL C 179 -14.61 -67.25 -7.70
C VAL C 179 -14.96 -66.90 -9.13
N VAL C 180 -14.26 -67.51 -10.08
CA VAL C 180 -14.50 -67.31 -11.49
C VAL C 180 -14.93 -68.63 -12.02
N LEU C 181 -16.20 -68.73 -12.43
CA LEU C 181 -16.73 -69.94 -13.02
C LEU C 181 -16.57 -69.81 -14.52
N SER C 182 -15.86 -70.76 -15.13
CA SER C 182 -15.68 -70.83 -16.58
C SER C 182 -16.41 -72.04 -17.09
N PHE C 183 -17.20 -71.85 -18.14
CA PHE C 183 -17.95 -72.89 -18.82
C PHE C 183 -17.23 -73.24 -20.10
N GLU C 184 -16.74 -74.48 -20.23
CA GLU C 184 -15.86 -74.81 -21.37
C GLU C 184 -16.75 -75.20 -22.54
N LEU C 185 -17.32 -74.17 -23.17
CA LEU C 185 -18.34 -74.37 -24.20
C LEU C 185 -17.68 -74.42 -25.55
N LEU C 186 -17.42 -75.65 -25.89
CA LEU C 186 -16.72 -75.97 -27.11
C LEU C 186 -17.43 -77.20 -27.66
N ASN C 187 -17.29 -78.34 -26.99
CA ASN C 187 -17.60 -79.60 -27.65
C ASN C 187 -17.33 -80.72 -26.64
N ALA C 188 -17.73 -81.95 -27.04
CA ALA C 188 -17.69 -83.25 -26.35
C ALA C 188 -19.01 -83.52 -25.61
N PRO C 189 -19.16 -84.63 -24.90
CA PRO C 189 -20.36 -84.81 -24.06
C PRO C 189 -20.38 -83.85 -22.87
N ALA C 190 -21.52 -83.17 -22.69
CA ALA C 190 -21.72 -82.27 -21.57
C ALA C 190 -22.25 -83.04 -20.37
N THR C 191 -21.51 -83.00 -19.27
CA THR C 191 -21.91 -83.75 -18.08
C THR C 191 -22.20 -82.88 -16.87
N VAL C 192 -21.97 -81.55 -16.95
CA VAL C 192 -22.12 -80.63 -15.82
C VAL C 192 -23.37 -79.80 -16.08
N CYS C 193 -24.48 -80.18 -15.43
CA CYS C 193 -25.76 -79.61 -15.79
C CYS C 193 -26.48 -78.96 -14.62
N GLY C 194 -27.33 -77.99 -14.92
CA GLY C 194 -28.10 -77.31 -13.90
C GLY C 194 -29.52 -77.83 -13.79
N HIS C 195 -29.95 -78.16 -12.57
CA HIS C 195 -31.36 -78.45 -12.29
C HIS C 195 -32.05 -77.20 -11.78
N HIS C 196 -33.31 -77.32 -11.34
CA HIS C 196 -34.13 -76.16 -11.02
C HIS C 196 -34.75 -76.21 -9.60
N SER D 1 -19.41 53.28 18.51
CA SER D 1 -20.32 52.26 19.04
C SER D 1 -19.61 50.92 19.17
N THR D 2 -20.12 49.91 18.46
CA THR D 2 -19.72 48.52 18.68
C THR D 2 -18.22 48.35 18.50
N THR D 3 -17.61 47.55 19.39
CA THR D 3 -16.18 47.28 19.29
C THR D 3 -15.80 46.84 17.88
N GLU D 4 -16.65 46.05 17.24
CA GLU D 4 -16.31 45.59 15.90
C GLU D 4 -16.36 46.73 14.89
N ASP D 5 -17.32 47.63 15.04
CA ASP D 5 -17.30 48.86 14.24
C ASP D 5 -15.92 49.51 14.30
N ARG D 6 -15.46 49.74 15.52
CA ARG D 6 -14.20 50.42 15.71
C ARG D 6 -13.04 49.59 15.15
N ALA D 7 -13.10 48.28 15.29
CA ALA D 7 -12.03 47.46 14.74
C ALA D 7 -12.01 47.55 13.22
N LYS D 8 -13.18 47.56 12.57
CA LYS D 8 -13.22 47.72 11.12
C LYS D 8 -12.59 49.03 10.68
N ILE D 9 -12.84 50.12 11.41
CA ILE D 9 -12.18 51.37 11.04
C ILE D 9 -10.67 51.27 11.26
N PHE D 10 -10.26 50.72 12.41
CA PHE D 10 -8.85 50.50 12.68
C PHE D 10 -8.16 49.80 11.51
N LEU D 11 -8.71 48.64 11.10
CA LEU D 11 -8.14 47.86 10.01
C LEU D 11 -8.23 48.57 8.66
N ASP D 12 -9.30 49.32 8.42
CA ASP D 12 -9.37 50.19 7.26
C ASP D 12 -8.13 51.07 7.18
N ASN D 13 -7.91 51.86 8.23
CA ASN D 13 -6.71 52.68 8.31
C ASN D 13 -5.46 51.82 8.10
N PHE D 14 -5.44 50.65 8.71
CA PHE D 14 -4.24 49.84 8.64
C PHE D 14 -3.94 49.40 7.22
N ASN D 15 -4.98 49.04 6.45
CA ASN D 15 -4.82 48.65 5.06
C ASN D 15 -4.23 49.79 4.24
N HIS D 16 -4.83 51.00 4.36
CA HIS D 16 -4.40 52.10 3.48
C HIS D 16 -2.99 52.57 3.82
N GLU D 17 -2.63 52.60 5.11
CA GLU D 17 -1.28 52.98 5.49
C GLU D 17 -0.28 51.87 5.21
N ALA D 18 -0.71 50.63 5.23
CA ALA D 18 0.21 49.54 4.93
C ALA D 18 0.50 49.40 3.44
N GLU D 19 -0.40 49.88 2.57
CA GLU D 19 -0.23 49.61 1.15
C GLU D 19 1.13 50.09 0.62
N ASP D 20 1.42 51.40 0.72
CA ASP D 20 2.66 51.90 0.12
C ASP D 20 3.90 51.34 0.80
N LEU D 21 3.84 51.10 2.12
CA LEU D 21 4.96 50.51 2.82
C LEU D 21 5.30 49.12 2.27
N SER D 22 4.31 48.22 2.24
CA SER D 22 4.61 46.91 1.69
C SER D 22 5.07 47.05 0.25
N TYR D 23 4.37 47.87 -0.55
CA TYR D 23 4.69 48.03 -1.96
C TYR D 23 6.14 48.40 -2.15
N GLN D 24 6.61 49.36 -1.36
CA GLN D 24 7.99 49.80 -1.52
C GLN D 24 8.96 48.71 -1.09
N SER D 25 8.52 47.84 -0.17
CA SER D 25 9.37 46.73 0.26
C SER D 25 9.44 45.65 -0.82
N SER D 26 8.30 45.28 -1.42
CA SER D 26 8.30 44.37 -2.57
C SER D 26 9.14 44.93 -3.69
N LEU D 27 8.95 46.22 -3.98
CA LEU D 27 9.59 46.85 -5.11
C LEU D 27 11.10 46.80 -4.97
N ALA D 28 11.61 47.10 -3.77
CA ALA D 28 13.06 47.11 -3.54
C ALA D 28 13.62 45.69 -3.48
N SER D 29 12.92 44.79 -2.77
CA SER D 29 13.28 43.38 -2.80
C SER D 29 13.38 42.85 -4.24
N TRP D 30 12.46 43.29 -5.10
CA TRP D 30 12.46 42.87 -6.49
C TRP D 30 13.67 43.42 -7.23
N GLU D 31 13.89 44.73 -7.16
CA GLU D 31 15.10 45.31 -7.73
C GLU D 31 16.34 44.50 -7.34
N TYR D 32 16.41 44.08 -6.06
CA TYR D 32 17.53 43.26 -5.60
C TYR D 32 17.59 41.89 -6.29
N ASN D 33 16.44 41.24 -6.55
CA ASN D 33 16.52 39.91 -7.15
C ASN D 33 16.75 39.95 -8.66
N THR D 34 16.35 41.03 -9.34
CA THR D 34 16.67 41.19 -10.77
C THR D 34 18.04 41.81 -10.99
N ASN D 35 18.58 42.52 -9.99
CA ASN D 35 19.86 43.19 -10.13
C ASN D 35 20.51 43.11 -8.75
N ILE D 36 21.33 42.08 -8.51
CA ILE D 36 21.90 41.86 -7.18
C ILE D 36 23.22 42.61 -7.07
N SER D 37 23.36 43.38 -6.00
CA SER D 37 24.50 44.25 -5.72
C SER D 37 24.40 44.65 -4.26
N ASP D 38 25.49 45.18 -3.72
CA ASP D 38 25.43 45.60 -2.32
C ASP D 38 24.46 46.76 -2.14
N GLU D 39 24.54 47.77 -3.01
CA GLU D 39 23.61 48.91 -2.94
C GLU D 39 22.16 48.44 -2.81
N ASN D 40 21.74 47.57 -3.72
CA ASN D 40 20.37 47.06 -3.68
C ASN D 40 20.08 46.29 -2.40
N VAL D 41 21.11 45.71 -1.76
CA VAL D 41 20.93 45.09 -0.46
C VAL D 41 20.58 46.16 0.57
N GLN D 42 21.32 47.27 0.59
CA GLN D 42 20.97 48.37 1.48
C GLN D 42 19.51 48.80 1.29
N LYS D 43 19.07 48.95 0.03
CA LYS D 43 17.70 49.40 -0.21
C LYS D 43 16.69 48.41 0.36
N MET D 44 16.97 47.11 0.18
CA MET D 44 16.09 46.08 0.71
C MET D 44 16.00 46.16 2.22
N ASP D 45 17.13 46.45 2.88
CA ASP D 45 17.18 46.49 4.34
C ASP D 45 16.38 47.67 4.88
N GLU D 46 16.62 48.89 4.38
CA GLU D 46 15.86 50.01 4.94
C GLU D 46 14.36 49.87 4.63
N ALA D 47 14.01 49.48 3.40
CA ALA D 47 12.60 49.30 3.04
C ALA D 47 11.93 48.28 3.96
N GLY D 48 12.54 47.09 4.09
CA GLY D 48 12.05 46.10 5.04
C GLY D 48 11.96 46.63 6.46
N ALA D 49 12.85 47.55 6.83
CA ALA D 49 12.86 48.07 8.20
C ALA D 49 11.63 48.89 8.48
N LYS D 50 11.24 49.79 7.55
CA LYS D 50 10.00 50.53 7.71
C LYS D 50 8.78 49.61 7.74
N TRP D 51 8.78 48.56 6.90
CA TRP D 51 7.72 47.56 6.99
C TRP D 51 7.63 46.99 8.41
N SER D 52 8.79 46.65 9.02
CA SER D 52 8.79 46.05 10.35
C SER D 52 8.31 47.02 11.41
N ALA D 53 8.85 48.24 11.43
CA ALA D 53 8.47 49.22 12.43
C ALA D 53 6.96 49.44 12.43
N PHE D 54 6.43 49.85 11.26
CA PHE D 54 4.99 50.04 11.10
C PHE D 54 4.21 48.82 11.59
N TYR D 55 4.66 47.62 11.19
CA TYR D 55 3.94 46.42 11.59
C TYR D 55 3.88 46.30 13.10
N GLU D 56 5.02 46.46 13.78
CA GLU D 56 5.01 46.44 15.24
C GLU D 56 3.91 47.35 15.77
N GLU D 57 3.98 48.65 15.43
CA GLU D 57 3.09 49.61 16.08
C GLU D 57 1.63 49.24 15.84
N GLN D 58 1.31 48.78 14.63
CA GLN D 58 -0.05 48.32 14.32
C GLN D 58 -0.43 47.08 15.12
N SER D 59 0.44 46.07 15.14
CA SER D 59 0.23 44.85 15.92
C SER D 59 -0.11 45.14 17.38
N LYS D 60 0.68 46.00 18.04
CA LYS D 60 0.34 46.39 19.40
C LYS D 60 -1.04 47.05 19.45
N LEU D 61 -1.27 48.05 18.57
CA LEU D 61 -2.57 48.75 18.61
C LEU D 61 -3.77 47.82 18.37
N ALA D 62 -3.55 46.67 17.74
CA ALA D 62 -4.64 45.74 17.45
C ALA D 62 -5.15 45.05 18.72
N LYS D 63 -4.34 45.02 19.77
CA LYS D 63 -4.70 44.35 21.00
C LYS D 63 -5.74 45.14 21.80
N ASN D 64 -5.98 46.41 21.46
CA ASN D 64 -7.06 47.18 22.06
C ASN D 64 -8.42 46.65 21.65
N TYR D 65 -8.49 45.93 20.56
CA TYR D 65 -9.77 45.42 20.10
C TYR D 65 -9.83 43.95 20.47
N PRO D 66 -10.48 43.61 21.59
CA PRO D 66 -10.43 42.24 22.09
C PRO D 66 -11.27 41.29 21.24
N LEU D 67 -10.73 40.10 21.01
CA LEU D 67 -11.36 39.19 20.09
C LEU D 67 -12.75 38.77 20.55
N GLU D 68 -13.00 38.75 21.87
CA GLU D 68 -14.27 38.19 22.39
C GLU D 68 -15.48 38.93 21.83
N GLU D 69 -15.39 40.24 21.60
CA GLU D 69 -16.54 41.00 21.16
C GLU D 69 -16.50 41.31 19.66
N ILE D 70 -15.82 40.48 18.85
CA ILE D 70 -15.87 40.59 17.40
C ILE D 70 -16.77 39.48 16.86
N GLN D 71 -17.79 39.87 16.10
CA GLN D 71 -18.83 38.97 15.61
C GLN D 71 -18.47 38.33 14.27
N THR D 72 -17.79 39.07 13.39
CA THR D 72 -17.52 38.64 12.01
C THR D 72 -16.22 37.87 11.91
N VAL D 73 -16.21 36.83 11.07
CA VAL D 73 -15.05 35.98 10.99
C VAL D 73 -13.88 36.66 10.27
N PRO D 74 -14.06 37.31 9.12
CA PRO D 74 -12.89 37.95 8.47
C PRO D 74 -12.28 39.08 9.28
N VAL D 75 -13.11 39.83 10.02
CA VAL D 75 -12.59 40.85 10.92
C VAL D 75 -11.80 40.19 12.04
N LYS D 76 -12.37 39.17 12.68
CA LYS D 76 -11.65 38.50 13.77
C LYS D 76 -10.35 37.92 13.27
N LEU D 77 -10.33 37.44 12.03
CA LEU D 77 -9.14 36.84 11.46
C LEU D 77 -8.04 37.87 11.29
N GLN D 78 -8.36 38.99 10.63
CA GLN D 78 -7.41 40.08 10.48
C GLN D 78 -6.86 40.50 11.83
N LEU D 79 -7.75 40.71 12.79
CA LEU D 79 -7.28 41.09 14.11
C LEU D 79 -6.40 40.00 14.70
N GLN D 80 -6.66 38.75 14.37
CA GLN D 80 -5.81 37.69 14.88
C GLN D 80 -4.39 37.84 14.33
N ILE D 81 -4.27 37.99 13.01
CA ILE D 81 -2.94 38.03 12.40
C ILE D 81 -2.17 39.24 12.87
N LEU D 82 -2.86 40.37 13.09
CA LEU D 82 -2.20 41.54 13.69
C LEU D 82 -1.80 41.30 15.15
N GLN D 83 -2.74 40.81 15.97
CA GLN D 83 -2.55 40.71 17.40
C GLN D 83 -1.43 39.74 17.76
N GLN D 84 -1.51 38.53 17.23
CA GLN D 84 -0.49 37.51 17.47
C GLN D 84 0.70 37.73 16.53
N SER D 85 1.31 38.90 16.66
CA SER D 85 2.54 39.21 15.96
C SER D 85 3.46 40.01 16.88
N GLY D 86 3.79 41.23 16.48
CA GLY D 86 4.84 41.98 17.14
C GLY D 86 6.21 41.54 16.67
N SER D 87 7.21 42.37 16.96
CA SER D 87 8.58 42.03 16.64
C SER D 87 9.50 41.96 17.86
N PRO D 88 9.05 42.52 19.18
CA PRO D 88 10.10 42.51 20.22
C PRO D 88 10.26 41.13 20.84
N VAL D 89 10.93 40.22 20.13
CA VAL D 89 11.04 38.83 20.58
C VAL D 89 12.48 38.42 20.90
N LEU D 90 13.45 38.76 20.05
CA LEU D 90 14.86 38.42 20.24
C LEU D 90 15.67 39.69 20.51
N SER D 91 16.69 39.58 21.35
CA SER D 91 17.57 40.73 21.58
C SER D 91 18.16 41.24 20.27
N GLU D 92 18.48 42.54 20.20
CA GLU D 92 19.00 43.10 18.95
C GLU D 92 20.25 42.39 18.49
N ASP D 93 21.20 42.14 19.41
CA ASP D 93 22.40 41.38 19.09
C ASP D 93 22.05 40.06 18.40
N LYS D 94 21.12 39.30 19.00
CA LYS D 94 20.74 38.01 18.46
C LYS D 94 20.03 38.12 17.11
N SER D 95 19.24 39.18 16.90
CA SER D 95 18.63 39.36 15.59
C SER D 95 19.69 39.63 14.54
N LYS D 96 20.57 40.61 14.78
CA LYS D 96 21.66 40.86 13.83
C LYS D 96 22.47 39.59 13.57
N ARG D 97 22.68 38.76 14.58
CA ARG D 97 23.44 37.53 14.36
C ARG D 97 22.66 36.51 13.54
N LEU D 98 21.35 36.41 13.78
CA LEU D 98 20.55 35.50 12.97
C LEU D 98 20.56 35.95 11.51
N ASN D 99 20.31 37.24 11.27
CA ASN D 99 20.25 37.72 9.90
C ASN D 99 21.58 37.53 9.21
N SER D 100 22.67 37.73 9.94
CA SER D 100 23.96 37.51 9.29
C SER D 100 24.19 36.02 9.00
N ILE D 101 23.68 35.13 9.87
CA ILE D 101 23.80 33.70 9.61
C ILE D 101 22.97 33.31 8.38
N LEU D 102 21.69 33.67 8.36
CA LEU D 102 20.85 33.56 7.17
C LEU D 102 21.56 34.04 5.90
N ASN D 103 21.96 35.32 5.88
CA ASN D 103 22.74 35.83 4.74
C ASN D 103 23.89 34.90 4.38
N ALA D 104 24.71 34.55 5.36
CA ALA D 104 25.89 33.75 5.07
C ALA D 104 25.46 32.46 4.39
N MET D 105 24.48 31.76 4.98
CA MET D 105 24.07 30.49 4.40
C MET D 105 23.61 30.68 2.96
N SER D 106 22.80 31.69 2.73
CA SER D 106 22.28 31.95 1.39
C SER D 106 23.40 32.19 0.38
N THR D 107 24.34 33.06 0.71
CA THR D 107 25.32 33.39 -0.31
C THR D 107 26.35 32.27 -0.47
N ILE D 108 26.58 31.44 0.56
CA ILE D 108 27.39 30.24 0.38
C ILE D 108 26.74 29.30 -0.61
N TYR D 109 25.46 29.03 -0.41
CA TYR D 109 24.73 28.19 -1.35
C TYR D 109 24.82 28.74 -2.77
N SER D 110 24.65 30.05 -2.93
CA SER D 110 24.55 30.56 -4.29
C SER D 110 25.90 30.90 -4.89
N THR D 111 26.97 30.88 -4.12
CA THR D 111 28.28 31.10 -4.66
C THR D 111 29.19 29.90 -4.53
N GLY D 112 28.84 28.92 -3.70
CA GLY D 112 29.71 27.78 -3.51
C GLY D 112 30.04 27.11 -4.85
N LYS D 113 31.28 26.65 -4.97
CA LYS D 113 31.68 26.00 -6.21
C LYS D 113 32.69 24.88 -5.95
N VAL D 114 32.61 23.80 -6.72
CA VAL D 114 33.49 22.64 -6.55
C VAL D 114 34.39 22.54 -7.79
N CYS D 115 35.72 22.48 -7.58
CA CYS D 115 36.59 22.18 -8.71
C CYS D 115 36.89 20.73 -8.94
N LYS D 116 37.32 20.47 -10.17
CA LYS D 116 37.69 19.13 -10.56
C LYS D 116 39.02 18.78 -9.88
N PRO D 117 39.22 17.51 -9.55
CA PRO D 117 40.46 17.14 -8.85
C PRO D 117 41.69 17.26 -9.73
N ASN D 118 41.54 17.04 -11.04
CA ASN D 118 42.64 17.11 -11.98
C ASN D 118 42.68 18.43 -12.73
N ASN D 119 42.03 19.47 -12.20
CA ASN D 119 42.13 20.84 -12.69
C ASN D 119 41.53 21.80 -11.67
N PRO D 120 42.26 22.09 -10.58
CA PRO D 120 41.73 23.00 -9.54
C PRO D 120 41.53 24.42 -10.03
N GLN D 121 41.93 24.70 -11.27
CA GLN D 121 41.60 25.96 -11.93
C GLN D 121 40.18 25.94 -12.46
N GLU D 122 39.63 24.77 -12.72
CA GLU D 122 38.33 24.57 -13.34
C GLU D 122 37.28 24.10 -12.32
N CYS D 123 36.54 25.06 -11.73
CA CYS D 123 35.39 24.72 -10.92
C CYS D 123 34.06 24.95 -11.62
N PHE D 124 33.00 24.56 -10.91
CA PHE D 124 31.61 24.72 -11.33
C PHE D 124 30.80 25.27 -10.15
N LEU D 125 29.81 26.12 -10.46
CA LEU D 125 28.80 26.49 -9.48
C LEU D 125 27.72 25.42 -9.44
N LEU D 126 26.80 25.53 -8.50
CA LEU D 126 25.67 24.61 -8.57
C LEU D 126 24.71 25.03 -9.66
N GLU D 127 24.46 26.33 -9.78
CA GLU D 127 23.23 26.76 -10.42
C GLU D 127 23.24 26.53 -11.94
N PRO D 128 24.38 26.66 -12.63
CA PRO D 128 24.48 26.01 -13.97
C PRO D 128 25.16 24.63 -13.96
N GLY D 129 26.48 24.54 -13.73
CA GLY D 129 27.23 23.39 -14.20
C GLY D 129 26.99 22.14 -13.42
N LEU D 130 26.90 22.25 -12.10
CA LEU D 130 26.69 21.07 -11.28
C LEU D 130 25.27 20.52 -11.45
N ASP D 131 24.29 21.41 -11.59
CA ASP D 131 22.95 21.01 -11.96
C ASP D 131 22.98 20.19 -13.24
N ASN D 132 23.70 20.69 -14.25
CA ASN D 132 23.78 19.98 -15.53
C ASN D 132 24.39 18.59 -15.36
N ILE D 133 25.52 18.51 -14.67
CA ILE D 133 26.13 17.19 -14.46
C ILE D 133 25.13 16.25 -13.80
N MET D 134 24.55 16.66 -12.66
CA MET D 134 23.72 15.74 -11.89
C MET D 134 22.43 15.41 -12.62
N GLY D 135 22.04 16.23 -13.60
CA GLY D 135 20.78 15.99 -14.25
C GLY D 135 20.91 15.20 -15.53
N THR D 136 22.10 15.16 -16.11
CA THR D 136 22.30 14.42 -17.35
C THR D 136 23.36 13.34 -17.31
N SER D 137 24.35 13.44 -16.43
CA SER D 137 25.49 12.51 -16.47
C SER D 137 25.08 11.07 -16.24
N LYS D 138 25.75 10.16 -16.95
CA LYS D 138 25.51 8.74 -16.79
C LYS D 138 26.73 7.98 -16.30
N ASP D 139 27.79 8.70 -15.89
CA ASP D 139 28.99 8.08 -15.31
C ASP D 139 28.91 8.15 -13.80
N TYR D 140 29.15 7.00 -13.17
CA TYR D 140 29.07 6.90 -11.72
C TYR D 140 30.06 7.85 -11.03
N ASN D 141 31.34 7.72 -11.36
CA ASN D 141 32.37 8.51 -10.70
C ASN D 141 32.14 10.00 -10.85
N GLU D 142 31.69 10.45 -12.03
CA GLU D 142 31.38 11.85 -12.21
C GLU D 142 30.31 12.30 -11.22
N ARG D 143 29.18 11.57 -11.21
CA ARG D 143 28.09 11.92 -10.31
C ARG D 143 28.55 11.89 -8.86
N LEU D 144 29.46 10.96 -8.53
CA LEU D 144 29.99 10.90 -7.17
C LEU D 144 30.78 12.16 -6.85
N TRP D 145 31.72 12.51 -7.73
CA TRP D 145 32.53 13.71 -7.52
C TRP D 145 31.66 14.94 -7.30
N ALA D 146 30.56 15.09 -8.06
CA ALA D 146 29.75 16.29 -7.93
C ALA D 146 28.91 16.25 -6.65
N TRP D 147 28.33 15.09 -6.36
CA TRP D 147 27.49 14.92 -5.18
C TRP D 147 28.29 15.16 -3.89
N GLU D 148 29.40 14.44 -3.73
CA GLU D 148 30.30 14.58 -2.60
C GLU D 148 30.96 15.95 -2.56
N GLY D 149 31.48 16.41 -3.70
CA GLY D 149 32.10 17.74 -3.74
C GLY D 149 31.17 18.84 -3.26
N TRP D 150 29.91 18.82 -3.70
CA TRP D 150 28.95 19.79 -3.21
C TRP D 150 28.78 19.66 -1.69
N ARG D 151 28.58 18.43 -1.20
CA ARG D 151 28.28 18.30 0.22
C ARG D 151 29.48 18.62 1.12
N ALA D 152 30.70 18.52 0.58
CA ALA D 152 31.97 18.71 1.28
C ALA D 152 32.45 20.15 1.18
N GLU D 153 32.36 20.77 0.01
CA GLU D 153 32.80 22.16 -0.16
C GLU D 153 31.77 23.15 0.38
N VAL D 154 30.48 22.91 0.17
CA VAL D 154 29.44 23.84 0.58
C VAL D 154 28.73 23.41 1.86
N GLY D 155 28.33 22.14 1.96
CA GLY D 155 27.71 21.68 3.21
C GLY D 155 28.55 21.91 4.44
N LYS D 156 29.80 21.42 4.41
CA LYS D 156 30.68 21.51 5.57
C LYS D 156 30.80 22.93 6.08
N GLN D 157 30.74 23.89 5.17
CA GLN D 157 30.68 25.29 5.53
C GLN D 157 29.37 25.61 6.21
N LEU D 158 28.27 25.05 5.70
CA LEU D 158 26.98 25.42 6.28
C LEU D 158 26.72 24.76 7.62
N ARG D 159 27.52 23.77 8.03
CA ARG D 159 27.22 23.08 9.28
C ARG D 159 27.24 24.02 10.49
N PRO D 160 28.36 24.66 10.85
CA PRO D 160 28.35 25.46 12.08
C PRO D 160 27.33 26.59 12.05
N LEU D 161 27.23 27.27 10.89
CA LEU D 161 26.17 28.21 10.67
C LEU D 161 24.80 27.60 10.97
N TYR D 162 24.51 26.42 10.40
CA TYR D 162 23.19 25.84 10.59
C TYR D 162 22.93 25.56 12.06
N GLU D 163 23.93 25.02 12.77
CA GLU D 163 23.75 24.73 14.19
C GLU D 163 23.32 25.97 14.94
N GLU D 164 23.99 27.10 14.70
CA GLU D 164 23.58 28.32 15.40
C GLU D 164 22.18 28.76 14.95
N TYR D 165 21.91 28.64 13.66
CA TYR D 165 20.63 29.04 13.08
C TYR D 165 19.46 28.34 13.77
N VAL D 166 19.62 27.04 14.05
CA VAL D 166 18.57 26.30 14.75
C VAL D 166 18.29 26.92 16.11
N ALA D 167 19.31 27.00 16.97
CA ALA D 167 19.13 27.56 18.30
C ALA D 167 18.38 28.89 18.25
N LEU D 168 18.82 29.82 17.38
CA LEU D 168 18.19 31.14 17.35
C LEU D 168 16.73 31.07 16.87
N LYS D 169 16.47 30.38 15.76
CA LYS D 169 15.11 30.25 15.25
C LYS D 169 14.20 29.63 16.29
N ASN D 170 14.71 28.64 17.00
CA ASN D 170 13.95 28.00 18.06
C ASN D 170 13.64 28.98 19.18
N GLU D 171 14.61 29.84 19.52
CA GLU D 171 14.37 30.86 20.54
C GLU D 171 13.26 31.79 20.12
N MET D 172 13.35 32.30 18.89
CA MET D 172 12.32 33.17 18.35
C MET D 172 10.96 32.49 18.41
N ALA D 173 10.92 31.23 17.96
CA ALA D 173 9.71 30.42 18.00
C ALA D 173 9.13 30.32 19.42
N ARG D 174 9.96 29.98 20.42
CA ARG D 174 9.51 29.90 21.80
C ARG D 174 8.99 31.25 22.27
N GLY D 175 9.64 32.34 21.86
CA GLY D 175 9.13 33.67 22.16
C GLY D 175 7.75 33.94 21.60
N TYR D 176 7.47 33.45 20.40
CA TYR D 176 6.14 33.64 19.85
C TYR D 176 5.07 32.76 20.50
N HIS D 177 5.44 31.88 21.45
CA HIS D 177 4.55 30.97 22.16
C HIS D 177 4.21 29.74 21.32
N TYR D 178 5.25 29.18 20.70
CA TYR D 178 5.26 27.97 19.92
C TYR D 178 6.22 26.97 20.54
N GLU D 179 5.97 25.69 20.27
CA GLU D 179 6.82 24.67 20.86
C GLU D 179 8.25 24.79 20.38
N ASP D 180 8.44 25.07 19.10
CA ASP D 180 9.76 25.07 18.48
C ASP D 180 9.57 25.75 17.13
N TYR D 181 10.66 25.92 16.39
CA TYR D 181 10.55 26.54 15.08
C TYR D 181 9.66 25.73 14.16
N GLY D 182 9.72 24.39 14.25
CA GLY D 182 8.87 23.55 13.41
C GLY D 182 7.38 23.78 13.64
N ASP D 183 6.95 23.76 14.90
CA ASP D 183 5.58 24.11 15.24
C ASP D 183 5.17 25.43 14.57
N TYR D 184 5.97 26.46 14.78
CA TYR D 184 5.75 27.77 14.19
C TYR D 184 5.59 27.67 12.68
N TRP D 185 6.31 26.74 12.05
CA TRP D 185 6.14 26.55 10.61
C TRP D 185 4.79 25.94 10.30
N ARG D 186 4.42 24.91 11.05
CA ARG D 186 3.18 24.20 10.84
C ARG D 186 1.96 25.06 11.13
N ARG D 187 2.12 26.25 11.74
CA ARG D 187 0.94 27.06 12.01
C ARG D 187 0.17 27.40 10.74
N ASP D 188 0.79 27.22 9.57
CA ASP D 188 0.18 27.71 8.34
C ASP D 188 -1.16 27.03 8.07
N TYR D 189 -1.32 25.77 8.46
CA TYR D 189 -2.56 25.05 8.22
C TYR D 189 -3.56 25.22 9.34
N GLU D 190 -3.13 25.74 10.48
CA GLU D 190 -4.01 25.77 11.63
C GLU D 190 -5.30 26.57 11.35
N THR D 191 -6.42 26.08 11.88
CA THR D 191 -7.71 26.77 11.73
C THR D 191 -8.37 26.90 13.09
N GLU D 192 -9.14 27.97 13.25
CA GLU D 192 -9.55 28.39 14.59
C GLU D 192 -10.54 27.41 15.19
N GLU D 193 -11.71 27.29 14.56
CA GLU D 193 -12.78 26.62 15.27
C GLU D 193 -13.91 26.30 14.33
N SER D 194 -15.09 26.15 14.94
CA SER D 194 -16.39 26.00 14.34
C SER D 194 -17.27 25.48 15.47
N SER D 195 -16.90 24.29 15.97
CA SER D 195 -17.49 23.69 17.17
C SER D 195 -16.41 23.41 18.21
N GLY D 196 -15.25 24.00 18.07
CA GLY D 196 -14.08 23.53 18.78
C GLY D 196 -13.26 22.52 17.99
N SER D 197 -13.75 22.12 16.82
CA SER D 197 -13.08 21.13 15.95
C SER D 197 -12.41 21.89 14.81
N GLY D 198 -11.14 22.21 15.00
CA GLY D 198 -10.37 22.87 13.96
C GLY D 198 -9.13 22.05 13.66
N TYR D 199 -8.44 22.46 12.60
CA TYR D 199 -7.15 21.87 12.30
C TYR D 199 -6.13 22.38 13.31
N SER D 200 -5.53 21.45 14.08
CA SER D 200 -4.46 21.79 15.01
C SER D 200 -3.11 21.46 14.40
N ARG D 201 -2.06 22.07 14.97
CA ARG D 201 -0.73 21.92 14.38
C ARG D 201 -0.20 20.49 14.47
N ASP D 202 -0.58 19.75 15.51
CA ASP D 202 -0.12 18.36 15.60
C ASP D 202 -0.81 17.51 14.53
N GLN D 203 -2.08 17.84 14.24
CA GLN D 203 -2.84 17.14 13.22
C GLN D 203 -2.08 17.04 11.91
N LEU D 204 -1.50 18.16 11.45
CA LEU D 204 -0.73 18.11 10.20
C LEU D 204 0.31 17.01 10.25
N MET D 205 1.01 16.87 11.38
CA MET D 205 1.91 15.73 11.53
C MET D 205 1.15 14.40 11.37
N LYS D 206 -0.02 14.28 11.98
CA LYS D 206 -0.76 13.02 11.90
C LYS D 206 -1.17 12.68 10.46
N ASP D 207 -1.77 13.62 9.76
CA ASP D 207 -2.22 13.39 8.38
C ASP D 207 -1.04 13.11 7.46
N VAL D 208 0.01 13.91 7.58
CA VAL D 208 1.20 13.66 6.77
C VAL D 208 1.71 12.23 7.02
N ASP D 209 1.72 11.81 8.28
CA ASP D 209 2.22 10.48 8.64
C ASP D 209 1.32 9.36 8.09
N ARG D 210 0.01 9.63 7.99
CA ARG D 210 -0.96 8.64 7.55
C ARG D 210 -0.89 8.44 6.04
N ILE D 211 -0.88 9.54 5.32
CA ILE D 211 -0.67 9.52 3.88
C ILE D 211 0.65 8.85 3.52
N PHE D 212 1.71 9.07 4.33
CA PHE D 212 2.99 8.44 3.97
C PHE D 212 2.86 6.91 3.88
N THR D 213 2.24 6.30 4.91
CA THR D 213 2.03 4.86 4.85
C THR D 213 1.09 4.50 3.69
N GLU D 214 0.03 5.30 3.47
CA GLU D 214 -0.90 4.96 2.39
C GLU D 214 -0.23 4.97 1.01
N ILE D 215 0.82 5.74 0.86
CA ILE D 215 1.58 5.81 -0.38
C ILE D 215 2.64 4.74 -0.48
N LYS D 216 2.96 4.05 0.63
CA LYS D 216 4.04 3.05 0.59
C LYS D 216 4.02 2.07 -0.59
N PRO D 217 2.92 1.37 -0.91
CA PRO D 217 3.03 0.36 -2.00
C PRO D 217 3.41 0.95 -3.34
N LEU D 218 2.70 1.99 -3.76
CA LEU D 218 2.99 2.62 -5.04
C LEU D 218 4.43 3.10 -5.08
N TYR D 219 4.86 3.81 -4.02
CA TYR D 219 6.25 4.29 -4.01
C TYR D 219 7.19 3.11 -4.16
N GLU D 220 7.01 2.09 -3.32
CA GLU D 220 7.98 1.00 -3.26
C GLU D 220 8.08 0.24 -4.58
N HIS D 221 6.95 0.08 -5.28
CA HIS D 221 6.98 -0.54 -6.59
C HIS D 221 7.72 0.33 -7.60
N LEU D 222 7.46 1.63 -7.57
CA LEU D 222 8.22 2.53 -8.42
C LEU D 222 9.71 2.38 -8.16
N HIS D 223 10.05 2.24 -6.89
CA HIS D 223 11.43 2.16 -6.48
C HIS D 223 12.05 0.87 -6.99
N ALA D 224 11.33 -0.25 -6.88
CA ALA D 224 11.90 -1.53 -7.34
C ALA D 224 12.17 -1.49 -8.84
N TYR D 225 11.21 -0.96 -9.60
CA TYR D 225 11.34 -0.75 -11.05
C TYR D 225 12.59 0.09 -11.38
N VAL D 226 12.64 1.31 -10.86
CA VAL D 226 13.79 2.17 -11.10
C VAL D 226 15.09 1.46 -10.72
N ARG D 227 15.06 0.64 -9.65
CA ARG D 227 16.27 -0.06 -9.21
C ARG D 227 16.73 -1.05 -10.27
N THR D 228 15.81 -1.82 -10.81
CA THR D 228 16.26 -2.80 -11.78
C THR D 228 16.77 -2.11 -13.04
N LYS D 229 16.11 -1.04 -13.50
CA LYS D 229 16.61 -0.41 -14.71
C LYS D 229 17.97 0.25 -14.46
N LEU D 230 18.15 0.86 -13.30
CA LEU D 230 19.45 1.45 -13.04
C LEU D 230 20.54 0.39 -13.08
N MET D 231 20.24 -0.85 -12.68
CA MET D 231 21.26 -1.89 -12.78
C MET D 231 21.91 -1.95 -14.16
N ASP D 232 21.19 -1.57 -15.21
CA ASP D 232 21.72 -1.67 -16.58
C ASP D 232 22.75 -0.59 -16.88
N THR D 233 22.59 0.60 -16.31
CA THR D 233 23.48 1.66 -16.67
C THR D 233 24.62 1.83 -15.67
N TYR D 234 24.46 1.28 -14.47
CA TYR D 234 25.52 1.25 -13.47
C TYR D 234 25.63 -0.22 -13.01
N PRO D 235 26.25 -1.08 -13.84
CA PRO D 235 26.17 -2.52 -13.62
C PRO D 235 26.57 -2.99 -12.25
N PHE D 236 27.75 -2.66 -11.78
CA PHE D 236 28.16 -3.35 -10.58
C PHE D 236 27.99 -2.52 -9.34
N HIS D 237 27.17 -1.47 -9.40
CA HIS D 237 26.99 -0.52 -8.32
C HIS D 237 25.61 -0.55 -7.66
N ILE D 238 24.71 -1.43 -8.07
CA ILE D 238 23.35 -1.39 -7.52
C ILE D 238 23.03 -2.75 -6.93
N SER D 239 22.50 -2.74 -5.73
CA SER D 239 22.09 -4.02 -5.17
C SER D 239 20.64 -4.28 -5.49
N PRO D 240 20.27 -5.48 -5.91
CA PRO D 240 18.86 -5.71 -6.25
C PRO D 240 17.95 -5.73 -5.04
N THR D 241 18.50 -5.75 -3.82
CA THR D 241 17.76 -5.59 -2.58
C THR D 241 18.23 -4.39 -1.76
N GLY D 242 19.32 -3.75 -2.16
CA GLY D 242 19.85 -2.62 -1.45
C GLY D 242 19.06 -1.35 -1.70
N CYS D 243 19.43 -0.31 -0.97
CA CYS D 243 18.87 1.01 -1.22
C CYS D 243 19.43 1.56 -2.53
N LEU D 244 18.89 2.64 -2.94
CA LEU D 244 19.34 3.30 -4.14
C LEU D 244 20.42 4.35 -3.79
N PRO D 245 21.59 4.32 -4.42
CA PRO D 245 22.58 5.40 -4.21
C PRO D 245 22.01 6.79 -4.46
N ALA D 246 22.26 7.70 -3.51
CA ALA D 246 21.70 9.06 -3.60
C ALA D 246 22.26 9.85 -4.79
N HIS D 247 23.48 9.57 -5.21
CA HIS D 247 24.03 10.41 -6.25
C HIS D 247 23.57 9.97 -7.65
N LEU D 248 22.69 8.98 -7.76
CA LEU D 248 22.31 8.44 -9.06
C LEU D 248 20.87 8.75 -9.47
N LEU D 249 20.22 9.73 -8.84
CA LEU D 249 18.78 9.85 -8.93
C LEU D 249 18.32 11.00 -9.80
N GLY D 250 19.18 11.58 -10.60
CA GLY D 250 18.72 12.52 -11.60
C GLY D 250 18.83 14.00 -11.26
N ASP D 251 19.14 14.37 -10.03
CA ASP D 251 19.47 15.75 -9.69
C ASP D 251 20.43 15.72 -8.49
N MET D 252 20.74 16.90 -7.93
CA MET D 252 21.80 16.91 -6.93
C MET D 252 21.40 16.17 -5.66
N TRP D 253 20.10 16.00 -5.43
CA TRP D 253 19.66 15.39 -4.18
C TRP D 253 18.80 14.15 -4.40
N GLY D 254 18.31 13.93 -5.60
CA GLY D 254 17.23 12.97 -5.79
C GLY D 254 15.91 13.53 -5.32
N ARG D 255 15.73 14.85 -5.36
CA ARG D 255 14.44 15.44 -5.03
C ARG D 255 13.35 14.96 -5.98
N PHE D 256 13.70 14.76 -7.26
CA PHE D 256 12.78 14.37 -8.31
C PHE D 256 13.46 13.33 -9.16
N TRP D 257 12.74 12.25 -9.49
CA TRP D 257 13.33 11.23 -10.32
C TRP D 257 13.07 11.47 -11.80
N THR D 258 12.53 12.64 -12.16
CA THR D 258 12.20 12.94 -13.56
C THR D 258 13.31 12.59 -14.52
N ASN D 259 14.49 13.16 -14.31
CA ASN D 259 15.57 12.99 -15.26
C ASN D 259 16.06 11.54 -15.35
N LEU D 260 15.53 10.61 -14.56
CA LEU D 260 15.84 9.20 -14.78
C LEU D 260 15.04 8.60 -15.94
N TYR D 261 14.15 9.38 -16.54
CA TYR D 261 13.20 8.84 -17.50
C TYR D 261 13.90 8.21 -18.70
N PRO D 262 14.96 8.78 -19.30
CA PRO D 262 15.63 8.05 -20.39
C PRO D 262 16.26 6.74 -19.94
N LEU D 263 16.58 6.59 -18.66
CA LEU D 263 17.14 5.36 -18.17
C LEU D 263 16.07 4.37 -17.71
N THR D 264 14.81 4.79 -17.68
CA THR D 264 13.75 3.93 -17.15
C THR D 264 12.52 3.84 -18.04
N VAL D 265 12.51 4.45 -19.22
CA VAL D 265 11.28 4.50 -20.02
C VAL D 265 10.79 3.09 -20.33
N PRO D 266 9.52 2.75 -19.99
CA PRO D 266 9.01 1.40 -20.32
C PRO D 266 9.14 1.03 -21.78
N PHE D 267 8.56 1.82 -22.68
CA PHE D 267 8.45 1.54 -24.11
C PHE D 267 9.09 2.66 -24.94
N GLY D 268 10.41 2.62 -25.05
CA GLY D 268 11.13 3.70 -25.69
C GLY D 268 11.00 3.71 -27.19
N GLN D 269 10.53 2.60 -27.78
CA GLN D 269 10.29 2.62 -29.21
C GLN D 269 9.19 3.60 -29.58
N LYS D 270 8.26 3.87 -28.68
CA LYS D 270 7.17 4.80 -28.96
C LYS D 270 7.75 6.20 -28.90
N PRO D 271 7.08 7.20 -29.53
CA PRO D 271 7.68 8.52 -29.74
C PRO D 271 8.46 9.16 -28.58
N ASN D 272 7.92 10.22 -27.99
CA ASN D 272 8.54 10.86 -26.84
C ASN D 272 7.56 11.84 -26.22
N ILE D 273 7.21 11.64 -24.96
CA ILE D 273 6.33 12.56 -24.29
C ILE D 273 7.17 13.57 -23.51
N ASP D 274 8.48 13.53 -23.70
CA ASP D 274 9.33 14.65 -23.29
C ASP D 274 9.48 15.53 -24.52
N VAL D 275 8.73 16.61 -24.54
CA VAL D 275 8.51 17.37 -25.75
C VAL D 275 9.58 18.44 -25.85
N THR D 276 10.68 18.25 -25.12
CA THR D 276 11.76 19.22 -25.13
C THR D 276 12.28 19.42 -26.55
N ASP D 277 12.69 18.32 -27.19
CA ASP D 277 13.31 18.39 -28.50
C ASP D 277 12.36 18.98 -29.53
N ALA D 278 11.09 18.57 -29.48
CA ALA D 278 10.10 19.13 -30.38
C ALA D 278 9.95 20.62 -30.17
N MET D 279 9.91 21.06 -28.90
CA MET D 279 9.82 22.48 -28.58
C MET D 279 10.97 23.26 -29.22
N VAL D 280 12.18 22.73 -29.07
CA VAL D 280 13.35 23.43 -29.62
C VAL D 280 13.25 23.50 -31.13
N ASN D 281 12.94 22.35 -31.76
CA ASN D 281 12.90 22.28 -33.23
C ASN D 281 11.89 23.25 -33.82
N GLN D 282 10.79 23.50 -33.11
CA GLN D 282 9.72 24.39 -33.57
C GLN D 282 10.00 25.87 -33.31
N GLY D 283 11.14 26.24 -32.76
CA GLY D 283 11.42 27.65 -32.62
C GLY D 283 10.78 28.31 -31.42
N TRP D 284 10.56 27.56 -30.34
CA TRP D 284 9.96 28.13 -29.16
C TRP D 284 10.97 29.00 -28.43
N ASP D 285 10.47 30.07 -27.82
CA ASP D 285 11.27 30.93 -26.95
C ASP D 285 10.54 31.13 -25.63
N ALA D 286 11.11 31.95 -24.76
CA ALA D 286 10.45 32.23 -23.49
C ALA D 286 9.06 32.78 -23.73
N ASN D 287 8.97 33.75 -24.64
CA ASN D 287 7.69 34.40 -24.84
C ASN D 287 6.64 33.40 -25.30
N ARG D 288 7.04 32.43 -26.13
CA ARG D 288 6.08 31.42 -26.57
C ARG D 288 5.57 30.61 -25.40
N ILE D 289 6.48 30.11 -24.57
CA ILE D 289 6.11 29.30 -23.41
C ILE D 289 5.07 30.04 -22.56
N PHE D 290 5.30 31.34 -22.33
CA PHE D 290 4.40 32.02 -21.39
C PHE D 290 3.10 32.43 -22.06
N LYS D 291 3.16 32.88 -23.32
CA LYS D 291 1.92 33.16 -24.05
C LYS D 291 1.03 31.92 -24.12
N GLU D 292 1.65 30.74 -24.30
CA GLU D 292 0.88 29.49 -24.37
C GLU D 292 0.25 29.14 -23.03
N ALA D 293 1.03 29.21 -21.95
CA ALA D 293 0.44 29.03 -20.63
C ALA D 293 -0.76 29.95 -20.44
N GLU D 294 -0.57 31.24 -20.73
CA GLU D 294 -1.66 32.21 -20.64
C GLU D 294 -2.88 31.68 -21.37
N LYS D 295 -2.72 31.32 -22.65
CA LYS D 295 -3.83 30.81 -23.45
C LYS D 295 -4.58 29.69 -22.71
N PHE D 296 -3.82 28.76 -22.10
CA PHE D 296 -4.47 27.67 -21.37
C PHE D 296 -5.34 28.23 -20.26
N PHE D 297 -4.82 29.15 -19.44
CA PHE D 297 -5.64 29.65 -18.34
C PHE D 297 -6.87 30.38 -18.87
N VAL D 298 -6.70 31.22 -19.89
CA VAL D 298 -7.81 31.91 -20.50
C VAL D 298 -8.88 30.90 -20.85
N SER D 299 -8.47 29.74 -21.37
CA SER D 299 -9.44 28.83 -21.96
C SER D 299 -10.46 28.31 -20.94
N VAL D 300 -10.14 28.35 -19.65
CA VAL D 300 -11.05 27.81 -18.64
C VAL D 300 -11.82 28.95 -18.00
N GLY D 301 -11.71 30.13 -18.59
CA GLY D 301 -12.48 31.28 -18.15
C GLY D 301 -11.71 32.29 -17.33
N LEU D 302 -10.47 31.97 -16.91
CA LEU D 302 -9.63 32.86 -16.10
C LEU D 302 -9.09 34.04 -16.92
N PRO D 303 -8.70 35.13 -16.25
CA PRO D 303 -8.22 36.34 -16.96
C PRO D 303 -6.89 36.15 -17.68
N ASN D 304 -6.65 37.04 -18.65
CA ASN D 304 -5.30 37.20 -19.20
C ASN D 304 -4.34 37.62 -18.10
N MET D 305 -3.05 37.39 -18.33
CA MET D 305 -2.04 38.07 -17.54
C MET D 305 -2.18 39.58 -17.74
N THR D 306 -1.99 40.33 -16.65
CA THR D 306 -2.14 41.78 -16.72
C THR D 306 -1.08 42.40 -17.62
N GLU D 307 -1.39 43.57 -18.15
CA GLU D 307 -0.44 44.30 -18.99
C GLU D 307 0.88 44.54 -18.28
N GLY D 308 0.83 44.95 -17.01
CA GLY D 308 2.07 45.14 -16.27
C GLY D 308 2.87 43.87 -16.09
N PHE D 309 2.22 42.71 -16.08
CA PHE D 309 2.97 41.46 -15.99
C PHE D 309 3.92 41.32 -17.17
N TRP D 310 3.38 41.46 -18.38
CA TRP D 310 4.23 41.38 -19.57
C TRP D 310 5.23 42.53 -19.58
N ASN D 311 4.79 43.71 -19.14
CA ASN D 311 5.68 44.86 -19.25
C ASN D 311 6.94 44.62 -18.42
N ASN D 312 6.77 44.36 -17.12
CA ASN D 312 7.90 44.31 -16.20
C ASN D 312 7.92 42.98 -15.43
N SER D 313 8.16 41.89 -16.14
CA SER D 313 8.62 40.62 -15.58
C SER D 313 9.98 40.29 -16.15
N MET D 314 10.71 39.46 -15.43
CA MET D 314 11.94 38.88 -15.94
C MET D 314 11.63 37.43 -16.26
N LEU D 315 11.46 37.15 -17.55
CA LEU D 315 11.15 35.80 -18.02
C LEU D 315 12.36 35.07 -18.56
N THR D 316 13.50 35.74 -18.72
CA THR D 316 14.74 35.11 -19.13
C THR D 316 15.90 35.74 -18.37
N GLU D 317 17.00 35.02 -18.34
CA GLU D 317 18.22 35.58 -17.77
C GLU D 317 18.68 36.72 -18.65
N PRO D 318 18.96 37.88 -18.08
CA PRO D 318 19.40 39.00 -18.92
C PRO D 318 20.77 38.73 -19.51
N GLY D 319 21.05 39.43 -20.60
CA GLY D 319 22.36 39.43 -21.20
C GLY D 319 23.17 40.68 -20.96
N ASP D 320 22.75 41.54 -20.02
CA ASP D 320 23.49 42.78 -19.75
C ASP D 320 24.40 42.68 -18.54
N GLY D 321 24.80 41.47 -18.17
CA GLY D 321 25.73 41.24 -17.08
C GLY D 321 25.19 41.47 -15.69
N ARG D 322 23.91 41.78 -15.55
CA ARG D 322 23.29 41.75 -14.22
C ARG D 322 23.27 40.33 -13.71
N LYS D 323 23.46 40.18 -12.41
CA LYS D 323 23.34 38.90 -11.78
C LYS D 323 21.96 38.85 -11.13
N VAL D 324 21.33 37.68 -11.16
CA VAL D 324 19.96 37.54 -10.71
C VAL D 324 19.77 36.24 -9.96
N VAL D 325 18.57 36.09 -9.42
CA VAL D 325 18.14 34.88 -8.75
C VAL D 325 17.32 34.11 -9.78
N CYS D 326 17.93 33.07 -10.38
CA CYS D 326 17.22 32.23 -11.35
C CYS D 326 16.17 31.33 -10.73
N HIS D 327 16.08 31.29 -9.41
CA HIS D 327 15.08 30.47 -8.76
C HIS D 327 13.68 31.00 -9.09
N PRO D 328 12.78 30.18 -9.62
CA PRO D 328 11.50 30.73 -10.10
C PRO D 328 10.65 31.19 -8.92
N THR D 329 10.15 32.42 -9.03
CA THR D 329 9.23 32.88 -8.01
C THR D 329 8.09 33.67 -8.66
N ALA D 330 6.89 33.48 -8.14
CA ALA D 330 5.75 34.30 -8.53
C ALA D 330 5.52 35.36 -7.46
N TRP D 331 5.42 36.62 -7.88
CA TRP D 331 5.30 37.81 -7.03
C TRP D 331 3.94 38.47 -7.10
N ASP D 332 3.34 38.68 -5.92
CA ASP D 332 2.23 39.60 -5.69
C ASP D 332 2.79 40.83 -4.95
N LEU D 333 3.31 41.79 -5.72
CA LEU D 333 3.91 42.97 -5.10
C LEU D 333 2.87 43.88 -4.44
N GLY D 334 1.64 43.84 -4.93
CA GLY D 334 0.58 44.71 -4.47
C GLY D 334 0.18 45.74 -5.51
N LYS D 335 -0.88 46.48 -5.18
CA LYS D 335 -1.41 47.47 -6.08
C LYS D 335 -1.68 46.89 -7.47
N GLY D 336 -2.08 45.62 -7.52
CA GLY D 336 -2.32 45.01 -8.81
C GLY D 336 -1.07 44.63 -9.57
N ASP D 337 0.09 44.62 -8.92
CA ASP D 337 1.35 44.35 -9.59
C ASP D 337 1.71 42.88 -9.40
N PHE D 338 1.66 42.14 -10.50
CA PHE D 338 1.95 40.70 -10.51
C PHE D 338 3.10 40.44 -11.47
N ARG D 339 4.09 39.68 -11.02
CA ARG D 339 5.28 39.47 -11.83
C ARG D 339 5.79 38.05 -11.60
N ILE D 340 6.55 37.54 -12.56
CA ILE D 340 7.24 36.27 -12.45
C ILE D 340 8.72 36.49 -12.69
N LYS D 341 9.58 35.80 -11.91
CA LYS D 341 11.02 35.89 -12.10
C LYS D 341 11.57 34.49 -12.28
N MET D 342 12.00 34.18 -13.50
CA MET D 342 12.75 32.95 -13.75
C MET D 342 13.60 33.08 -15.01
N CYS D 343 14.63 32.26 -15.09
CA CYS D 343 15.49 32.18 -16.29
C CYS D 343 15.04 30.99 -17.12
N THR D 344 14.31 31.28 -18.19
CA THR D 344 13.53 30.27 -18.90
C THR D 344 14.40 29.64 -19.98
N LYS D 345 14.66 28.35 -19.82
CA LYS D 345 15.26 27.53 -20.86
C LYS D 345 14.14 26.82 -21.62
N VAL D 346 14.35 26.59 -22.92
CA VAL D 346 13.37 25.88 -23.73
C VAL D 346 13.45 24.38 -23.47
N THR D 347 12.80 23.93 -22.40
CA THR D 347 12.64 22.55 -22.04
C THR D 347 11.20 22.33 -21.60
N MET D 348 10.78 21.07 -21.57
CA MET D 348 9.44 20.79 -21.08
C MET D 348 9.32 21.10 -19.60
N GLU D 349 10.40 20.93 -18.84
CA GLU D 349 10.37 21.24 -17.42
C GLU D 349 9.95 22.68 -17.19
N ASP D 350 10.54 23.60 -17.95
CA ASP D 350 10.23 24.99 -17.74
C ASP D 350 8.89 25.34 -18.31
N PHE D 351 8.45 24.63 -19.35
CA PHE D 351 7.09 24.79 -19.86
C PHE D 351 6.08 24.52 -18.74
N LEU D 352 6.14 23.31 -18.18
CA LEU D 352 5.37 22.97 -16.99
C LEU D 352 5.55 23.99 -15.84
N THR D 353 6.80 24.30 -15.49
CA THR D 353 7.08 25.35 -14.50
C THR D 353 6.27 26.60 -14.81
N ALA D 354 6.25 27.02 -16.07
CA ALA D 354 5.60 28.27 -16.41
C ALA D 354 4.13 28.18 -16.11
N HIS D 355 3.52 27.01 -16.34
CA HIS D 355 2.13 26.87 -15.88
C HIS D 355 2.03 26.95 -14.36
N HIS D 356 2.97 26.34 -13.63
CA HIS D 356 2.93 26.32 -12.17
C HIS D 356 3.02 27.73 -11.59
N GLU D 357 3.96 28.51 -12.09
CA GLU D 357 4.15 29.88 -11.63
C GLU D 357 2.99 30.77 -12.06
N MET D 358 2.52 30.61 -13.30
CA MET D 358 1.34 31.36 -13.73
C MET D 358 0.13 30.99 -12.88
N GLY D 359 0.11 29.78 -12.35
CA GLY D 359 -0.93 29.39 -11.42
C GLY D 359 -0.82 30.14 -10.11
N HIS D 360 0.40 30.35 -9.61
CA HIS D 360 0.57 31.22 -8.44
C HIS D 360 -0.02 32.60 -8.72
N ILE D 361 0.37 33.21 -9.84
CA ILE D 361 -0.13 34.53 -10.18
C ILE D 361 -1.65 34.52 -10.23
N GLN D 362 -2.24 33.45 -10.79
CA GLN D 362 -3.69 33.49 -11.03
C GLN D 362 -4.43 33.40 -9.69
N TYR D 363 -3.80 32.78 -8.70
CA TYR D 363 -4.37 32.70 -7.36
C TYR D 363 -4.31 34.06 -6.70
N ASP D 364 -3.19 34.77 -6.89
CA ASP D 364 -3.03 36.08 -6.29
C ASP D 364 -4.08 37.04 -6.84
N MET D 365 -4.20 37.13 -8.17
CA MET D 365 -5.18 38.00 -8.80
C MET D 365 -6.59 37.81 -8.22
N ALA D 366 -6.98 36.56 -7.92
CA ALA D 366 -8.37 36.26 -7.59
C ALA D 366 -8.73 36.64 -6.16
N TYR D 367 -7.79 36.50 -5.22
CA TYR D 367 -8.01 37.01 -3.86
C TYR D 367 -7.52 38.44 -3.66
N ALA D 368 -7.30 39.20 -4.74
CA ALA D 368 -6.90 40.60 -4.60
C ALA D 368 -8.01 41.44 -4.01
N THR D 369 -9.27 41.04 -4.18
CA THR D 369 -10.42 41.76 -3.62
C THR D 369 -10.59 41.55 -2.14
N GLN D 370 -9.83 40.63 -1.54
CA GLN D 370 -9.89 40.41 -0.11
C GLN D 370 -9.11 41.51 0.63
N PRO D 371 -9.33 41.68 1.93
CA PRO D 371 -8.53 42.63 2.70
C PRO D 371 -7.06 42.28 2.57
N TYR D 372 -6.19 43.28 2.87
CA TYR D 372 -4.76 43.08 2.71
C TYR D 372 -4.29 41.83 3.42
N LEU D 373 -4.62 41.74 4.70
CA LEU D 373 -4.17 40.66 5.58
C LEU D 373 -4.63 39.28 5.13
N LEU D 374 -5.73 39.20 4.36
CA LEU D 374 -6.34 37.94 3.98
C LEU D 374 -5.94 37.50 2.59
N ARG D 375 -5.04 38.23 1.95
CA ARG D 375 -4.61 37.91 0.60
C ARG D 375 -3.50 36.87 0.71
N ASN D 376 -3.91 35.60 0.70
CA ASN D 376 -3.00 34.49 0.90
C ASN D 376 -3.75 33.23 0.58
N GLY D 377 -3.05 32.22 0.07
CA GLY D 377 -3.70 30.94 -0.18
C GLY D 377 -4.32 30.37 1.07
N ALA D 378 -5.26 29.45 0.88
CA ALA D 378 -5.91 28.85 2.04
C ALA D 378 -4.90 28.21 2.98
N ASN D 379 -3.80 27.73 2.44
CA ASN D 379 -2.58 27.35 3.16
C ASN D 379 -1.50 27.26 2.10
N GLU D 380 -0.25 27.08 2.53
CA GLU D 380 0.87 27.03 1.57
C GLU D 380 0.63 25.94 0.52
N GLY D 381 0.20 24.75 0.97
CA GLY D 381 -0.10 23.67 0.06
C GLY D 381 -1.05 24.09 -1.04
N PHE D 382 -2.13 24.78 -0.67
CA PHE D 382 -3.11 25.23 -1.66
C PHE D 382 -2.45 26.06 -2.77
N HIS D 383 -1.72 27.10 -2.36
CA HIS D 383 -1.03 27.99 -3.29
C HIS D 383 -0.04 27.23 -4.17
N GLU D 384 0.72 26.29 -3.58
CA GLU D 384 1.61 25.45 -4.38
C GLU D 384 0.85 24.53 -5.32
N ALA D 385 -0.37 24.14 -4.96
CA ALA D 385 -1.07 23.09 -5.70
C ALA D 385 -1.74 23.60 -6.97
N VAL D 386 -2.22 24.85 -6.96
CA VAL D 386 -3.08 25.33 -8.05
C VAL D 386 -2.38 25.19 -9.41
N GLY D 387 -1.22 25.85 -9.55
CA GLY D 387 -0.48 25.74 -10.80
C GLY D 387 -0.25 24.31 -11.24
N GLU D 388 0.10 23.42 -10.30
CA GLU D 388 0.39 22.04 -10.68
C GLU D 388 -0.84 21.36 -11.24
N VAL D 389 -1.99 21.53 -10.56
CA VAL D 389 -3.28 21.06 -11.08
C VAL D 389 -3.43 21.45 -12.53
N MET D 390 -3.11 22.70 -12.87
CA MET D 390 -3.12 23.09 -14.27
C MET D 390 -2.15 22.28 -15.12
N SER D 391 -0.93 22.07 -14.61
CA SER D 391 0.06 21.39 -15.43
C SER D 391 -0.25 19.91 -15.60
N LEU D 392 -1.12 19.32 -14.77
CA LEU D 392 -1.56 17.94 -14.99
C LEU D 392 -2.27 17.82 -16.34
N SER D 393 -3.32 18.62 -16.55
CA SER D 393 -4.04 18.64 -17.82
C SER D 393 -3.12 19.03 -18.96
N VAL D 394 -2.24 20.00 -18.74
CA VAL D 394 -1.33 20.37 -19.82
C VAL D 394 -0.44 19.20 -20.23
N ALA D 395 0.01 18.42 -19.25
CA ALA D 395 1.01 17.39 -19.54
C ALA D 395 0.47 16.28 -20.40
N THR D 396 -0.84 16.12 -20.44
CA THR D 396 -1.49 14.99 -21.10
C THR D 396 -1.07 14.89 -22.57
N PRO D 397 -0.67 13.70 -23.05
CA PRO D 397 -0.35 13.58 -24.48
C PRO D 397 -1.46 14.04 -25.38
N LYS D 398 -2.72 13.79 -24.98
CA LYS D 398 -3.84 14.29 -25.76
C LYS D 398 -3.77 15.82 -25.90
N HIS D 399 -3.54 16.53 -24.77
CA HIS D 399 -3.42 18.00 -24.81
C HIS D 399 -2.21 18.43 -25.59
N LEU D 400 -1.10 17.71 -25.43
CA LEU D 400 0.14 18.02 -26.14
C LEU D 400 -0.06 17.93 -27.64
N LYS D 401 -0.83 16.94 -28.09
CA LYS D 401 -1.03 16.74 -29.52
C LYS D 401 -1.67 17.98 -30.13
N THR D 402 -2.58 18.61 -29.40
CA THR D 402 -3.35 19.70 -29.98
C THR D 402 -2.51 20.95 -30.21
N MET D 403 -1.34 21.05 -29.62
CA MET D 403 -0.59 22.29 -29.79
C MET D 403 0.78 22.01 -30.39
N GLY D 404 0.80 21.38 -31.57
CA GLY D 404 2.07 20.97 -32.11
C GLY D 404 2.65 19.89 -31.22
N LEU D 405 3.95 19.92 -31.02
CA LEU D 405 4.63 19.16 -29.96
C LEU D 405 4.63 17.63 -30.14
N LEU D 406 3.47 17.00 -30.42
CA LEU D 406 3.42 15.60 -30.83
C LEU D 406 2.76 15.50 -32.19
N SER D 407 3.35 14.68 -33.08
CA SER D 407 2.87 14.61 -34.46
C SER D 407 1.38 14.23 -34.46
N PRO D 408 0.58 14.82 -35.35
CA PRO D 408 -0.88 14.64 -35.24
C PRO D 408 -1.36 13.20 -35.39
N ASP D 409 -0.68 12.34 -36.15
CA ASP D 409 -1.08 10.93 -36.18
C ASP D 409 -0.86 10.28 -34.81
N PHE D 410 0.37 10.35 -34.29
CA PHE D 410 0.73 9.83 -32.97
C PHE D 410 0.18 8.42 -32.71
N LEU D 411 -1.09 8.39 -32.25
CA LEU D 411 -1.88 7.23 -31.81
C LEU D 411 -1.54 6.84 -30.37
N GLU D 412 -2.44 7.18 -29.45
CA GLU D 412 -2.35 6.74 -28.07
C GLU D 412 -2.84 5.31 -27.90
N ASP D 413 -2.21 4.59 -26.98
CA ASP D 413 -2.64 3.26 -26.60
C ASP D 413 -2.13 3.00 -25.19
N ASN D 414 -1.98 1.73 -24.81
CA ASN D 414 -1.60 1.50 -23.43
C ASN D 414 -0.11 1.61 -23.21
N GLU D 415 0.71 1.47 -24.26
CA GLU D 415 2.14 1.70 -24.07
C GLU D 415 2.42 3.18 -23.82
N THR D 416 1.87 4.07 -24.66
CA THR D 416 2.07 5.51 -24.47
C THR D 416 1.48 5.99 -23.15
N GLU D 417 0.30 5.48 -22.78
CA GLU D 417 -0.19 5.57 -21.40
C GLU D 417 0.89 5.29 -20.36
N ILE D 418 1.46 4.08 -20.39
CA ILE D 418 2.43 3.68 -19.38
C ILE D 418 3.64 4.62 -19.41
N ASN D 419 4.15 4.94 -20.61
CA ASN D 419 5.24 5.92 -20.71
C ASN D 419 4.90 7.18 -19.94
N PHE D 420 3.72 7.74 -20.19
CA PHE D 420 3.36 9.02 -19.59
C PHE D 420 3.24 8.90 -18.07
N LEU D 421 2.53 7.88 -17.59
CA LEU D 421 2.35 7.73 -16.16
C LEU D 421 3.64 7.37 -15.45
N LEU D 422 4.59 6.74 -16.15
CA LEU D 422 5.91 6.52 -15.57
C LEU D 422 6.66 7.84 -15.46
N LYS D 423 6.59 8.70 -16.49
CA LYS D 423 7.22 10.01 -16.34
C LYS D 423 6.64 10.78 -15.17
N GLN D 424 5.31 10.94 -15.16
CA GLN D 424 4.68 11.61 -14.04
C GLN D 424 5.14 11.02 -12.72
N ALA D 425 5.07 9.68 -12.61
CA ALA D 425 5.44 9.03 -11.36
C ALA D 425 6.84 9.41 -10.93
N LEU D 426 7.80 9.44 -11.87
CA LEU D 426 9.13 9.92 -11.50
C LEU D 426 9.05 11.29 -10.86
N ASN D 427 8.25 12.18 -11.45
CA ASN D 427 8.24 13.53 -10.91
C ASN D 427 7.49 13.61 -9.58
N ILE D 428 6.32 12.96 -9.49
CA ILE D 428 5.37 13.23 -8.40
C ILE D 428 5.51 12.23 -7.24
N VAL D 429 5.49 10.93 -7.56
CA VAL D 429 5.64 9.90 -6.52
C VAL D 429 7.05 9.92 -5.93
N GLY D 430 8.07 9.96 -6.80
CA GLY D 430 9.42 9.92 -6.32
C GLY D 430 9.72 11.01 -5.31
N THR D 431 9.00 12.12 -5.37
CA THR D 431 9.32 13.23 -4.49
C THR D 431 8.64 13.14 -3.12
N LEU D 432 7.63 12.26 -2.96
CA LEU D 432 6.87 12.29 -1.72
C LEU D 432 7.71 11.81 -0.55
N PRO D 433 8.32 10.63 -0.57
CA PRO D 433 9.15 10.24 0.58
C PRO D 433 10.31 11.17 0.79
N PHE D 434 10.85 11.72 -0.29
CA PHE D 434 11.95 12.67 -0.12
C PHE D 434 11.49 13.87 0.69
N THR D 435 10.48 14.59 0.16
CA THR D 435 9.97 15.77 0.85
C THR D 435 9.60 15.43 2.30
N TYR D 436 8.90 14.31 2.48
CA TYR D 436 8.51 13.86 3.82
C TYR D 436 9.71 13.70 4.74
N MET D 437 10.72 12.94 4.30
CA MET D 437 11.88 12.65 5.13
C MET D 437 12.65 13.92 5.47
N LEU D 438 12.82 14.80 4.49
CA LEU D 438 13.55 16.04 4.74
C LEU D 438 12.87 16.82 5.84
N GLU D 439 11.57 17.15 5.65
CA GLU D 439 10.86 17.96 6.66
C GLU D 439 10.75 17.25 7.99
N LYS D 440 10.55 15.94 7.99
CA LYS D 440 10.52 15.25 9.27
C LYS D 440 11.84 15.43 10.01
N TRP D 441 12.97 15.23 9.31
CA TRP D 441 14.26 15.39 9.95
C TRP D 441 14.42 16.81 10.50
N ARG D 442 14.00 17.80 9.73
CA ARG D 442 14.00 19.15 10.26
C ARG D 442 13.14 19.26 11.50
N TRP D 443 11.86 18.89 11.38
CA TRP D 443 10.93 18.97 12.51
C TRP D 443 11.51 18.34 13.79
N MET D 444 12.01 17.11 13.71
CA MET D 444 12.61 16.47 14.88
C MET D 444 13.85 17.21 15.37
N VAL D 445 14.69 17.71 14.45
CA VAL D 445 15.85 18.49 14.91
C VAL D 445 15.37 19.71 15.69
N PHE D 446 14.35 20.40 15.18
CA PHE D 446 13.77 21.54 15.86
C PHE D 446 13.20 21.16 17.21
N ARG D 447 12.62 19.97 17.33
CA ARG D 447 12.05 19.53 18.60
C ARG D 447 13.11 19.01 19.57
N GLY D 448 14.38 19.00 19.15
CA GLY D 448 15.45 18.49 19.98
C GLY D 448 15.49 16.99 20.05
N GLU D 449 14.73 16.32 19.19
CA GLU D 449 14.72 14.87 19.22
C GLU D 449 16.02 14.31 18.68
N ILE D 450 16.75 15.09 17.90
CA ILE D 450 18.02 14.67 17.32
C ILE D 450 19.08 15.65 17.77
N PRO D 451 20.08 15.22 18.53
CA PRO D 451 21.15 16.12 18.95
C PRO D 451 22.16 16.33 17.83
N LYS D 452 22.97 17.37 17.98
CA LYS D 452 23.99 17.69 16.99
C LYS D 452 24.83 16.46 16.67
N GLU D 453 25.26 15.76 17.72
CA GLU D 453 26.21 14.67 17.59
C GLU D 453 25.71 13.51 16.72
N GLU D 454 24.42 13.47 16.36
CA GLU D 454 23.89 12.39 15.55
C GLU D 454 23.27 12.88 14.24
N TRP D 455 23.44 14.18 13.93
CA TRP D 455 22.63 14.85 12.92
C TRP D 455 22.73 14.18 11.54
N MET D 456 23.97 13.98 11.06
CA MET D 456 24.10 13.29 9.76
C MET D 456 23.72 11.84 9.93
N LYS D 457 24.15 11.23 11.04
CA LYS D 457 23.84 9.83 11.26
C LYS D 457 22.34 9.59 11.12
N LYS D 458 21.56 10.19 12.01
CA LYS D 458 20.10 10.13 11.92
C LYS D 458 19.59 10.46 10.53
N TRP D 459 20.11 11.52 9.91
CA TRP D 459 19.66 11.92 8.58
C TRP D 459 19.75 10.74 7.62
N TRP D 460 20.93 10.12 7.57
CA TRP D 460 21.09 9.02 6.62
C TRP D 460 20.27 7.81 7.03
N GLU D 461 20.09 7.55 8.34
CA GLU D 461 19.18 6.48 8.73
C GLU D 461 17.81 6.71 8.12
N MET D 462 17.32 7.95 8.18
CA MET D 462 15.98 8.20 7.66
C MET D 462 15.99 8.13 6.14
N LYS D 463 17.07 8.59 5.50
CA LYS D 463 17.16 8.38 4.06
C LYS D 463 17.10 6.91 3.75
N ARG D 464 17.84 6.11 4.51
CA ARG D 464 17.76 4.68 4.25
C ARG D 464 16.36 4.16 4.52
N ASP D 465 15.76 4.57 5.63
CA ASP D 465 14.58 3.85 6.08
C ASP D 465 13.33 4.34 5.34
N LEU D 466 13.14 5.65 5.26
CA LEU D 466 11.91 6.18 4.69
C LEU D 466 11.95 6.30 3.17
N VAL D 467 13.08 6.73 2.62
CA VAL D 467 13.19 7.09 1.23
C VAL D 467 13.71 5.90 0.43
N GLY D 468 14.45 5.01 1.09
CA GLY D 468 15.13 3.92 0.41
C GLY D 468 16.28 4.37 -0.45
N VAL D 469 17.01 5.38 0.00
CA VAL D 469 18.09 6.00 -0.72
C VAL D 469 19.30 6.04 0.21
N VAL D 470 20.43 5.45 -0.21
CA VAL D 470 21.62 5.33 0.64
C VAL D 470 22.76 6.24 0.16
N GLU D 471 23.52 6.79 1.14
CA GLU D 471 24.63 7.65 0.75
C GLU D 471 25.76 6.81 0.18
N PRO D 472 26.39 7.25 -0.91
CA PRO D 472 27.53 6.49 -1.46
C PRO D 472 28.80 6.62 -0.63
N VAL D 473 28.94 7.67 0.17
CA VAL D 473 30.16 7.85 0.96
C VAL D 473 29.73 8.12 2.40
N PRO D 474 30.39 7.54 3.38
CA PRO D 474 30.03 7.82 4.77
C PRO D 474 30.30 9.27 5.15
N HIS D 475 29.35 9.91 5.83
CA HIS D 475 29.41 11.32 6.19
C HIS D 475 29.34 11.49 7.70
N ASP D 476 30.39 12.05 8.30
CA ASP D 476 30.38 12.34 9.71
C ASP D 476 29.74 13.70 9.98
N GLU D 477 29.89 14.22 11.19
CA GLU D 477 29.08 15.35 11.57
C GLU D 477 29.64 16.69 11.07
N THR D 478 30.78 16.69 10.36
CA THR D 478 31.25 17.94 9.76
C THR D 478 30.42 18.34 8.55
N TYR D 479 29.77 17.36 7.91
CA TYR D 479 28.81 17.57 6.82
C TYR D 479 27.51 18.19 7.34
N CYS D 480 26.74 18.74 6.39
CA CYS D 480 25.40 19.21 6.68
C CYS D 480 24.65 19.09 5.37
N ASP D 481 24.35 17.84 5.01
CA ASP D 481 23.69 17.58 3.73
C ASP D 481 22.27 18.10 3.63
N PRO D 482 21.47 18.17 4.70
CA PRO D 482 20.17 18.83 4.53
C PRO D 482 20.32 20.24 4.01
N ALA D 483 21.32 20.95 4.49
CA ALA D 483 21.52 22.33 4.10
C ALA D 483 22.01 22.51 2.68
N SER D 484 22.45 21.43 2.00
CA SER D 484 22.96 21.59 0.63
C SER D 484 21.87 21.63 -0.42
N LEU D 485 20.61 21.58 0.02
CA LEU D 485 19.43 21.88 -0.78
C LEU D 485 18.99 23.31 -0.52
N PHE D 486 18.59 24.01 -1.59
CA PHE D 486 18.29 25.44 -1.53
C PHE D 486 17.29 25.78 -0.42
N HIS D 487 16.21 25.04 -0.31
CA HIS D 487 15.15 25.39 0.63
C HIS D 487 15.60 25.31 2.09
N VAL D 488 16.55 24.44 2.40
CA VAL D 488 16.93 24.29 3.80
C VAL D 488 17.87 25.41 4.23
N ALA D 489 18.85 25.74 3.39
CA ALA D 489 19.81 26.79 3.70
C ALA D 489 19.26 28.19 3.46
N ASN D 490 18.13 28.32 2.76
CA ASN D 490 17.46 29.60 2.58
C ASN D 490 16.24 29.74 3.47
N ASP D 491 16.09 28.84 4.44
CA ASP D 491 15.12 29.01 5.51
C ASP D 491 13.66 28.96 5.05
N TYR D 492 13.31 28.06 4.11
CA TYR D 492 11.92 27.86 3.73
C TYR D 492 11.43 26.55 4.29
N SER D 493 10.16 26.51 4.72
CA SER D 493 9.59 25.22 5.04
C SER D 493 9.45 24.42 3.76
N PHE D 494 9.33 23.11 3.92
CA PHE D 494 9.36 22.20 2.80
C PHE D 494 8.16 21.28 2.74
N ILE D 495 7.34 21.23 3.79
CA ILE D 495 6.16 20.36 3.74
C ILE D 495 5.18 20.86 2.70
N ARG D 496 5.26 22.14 2.30
CA ARG D 496 4.37 22.62 1.26
C ARG D 496 4.44 21.74 0.03
N TYR D 497 5.62 21.20 -0.30
CA TYR D 497 5.77 20.39 -1.51
C TYR D 497 5.18 19.00 -1.40
N TYR D 498 4.73 18.60 -0.22
CA TYR D 498 4.10 17.31 -0.02
C TYR D 498 2.58 17.45 -0.02
N THR D 499 2.05 18.28 0.87
CA THR D 499 0.61 18.51 0.90
C THR D 499 0.10 18.94 -0.47
N ARG D 500 0.78 19.92 -1.07
CA ARG D 500 0.49 20.33 -2.44
C ARG D 500 0.18 19.14 -3.31
N THR D 501 1.10 18.18 -3.39
CA THR D 501 0.92 17.00 -4.23
C THR D 501 -0.44 16.35 -3.99
N ILE D 502 -0.73 16.01 -2.73
CA ILE D 502 -2.04 15.47 -2.37
C ILE D 502 -3.15 16.39 -2.86
N PHE D 503 -3.16 17.65 -2.42
CA PHE D 503 -4.24 18.56 -2.80
C PHE D 503 -4.41 18.57 -4.32
N GLU D 504 -3.28 18.54 -5.04
CA GLU D 504 -3.35 18.73 -6.46
C GLU D 504 -4.31 17.72 -7.06
N PHE D 505 -4.19 16.45 -6.65
CA PHE D 505 -5.00 15.46 -7.32
C PHE D 505 -6.44 15.57 -6.87
N GLN D 506 -6.69 15.95 -5.61
CA GLN D 506 -8.07 16.19 -5.22
C GLN D 506 -8.65 17.28 -6.09
N PHE D 507 -7.89 18.35 -6.29
CA PHE D 507 -8.37 19.40 -7.17
C PHE D 507 -8.67 18.85 -8.55
N HIS D 508 -7.70 18.13 -9.12
CA HIS D 508 -7.83 17.61 -10.47
C HIS D 508 -9.12 16.79 -10.59
N GLU D 509 -9.35 15.91 -9.61
CA GLU D 509 -10.51 15.03 -9.70
C GLU D 509 -11.79 15.81 -9.60
N ALA D 510 -11.89 16.77 -8.67
CA ALA D 510 -13.07 17.61 -8.62
C ALA D 510 -13.30 18.29 -9.97
N LEU D 511 -12.25 18.94 -10.51
CA LEU D 511 -12.41 19.76 -11.71
C LEU D 511 -12.72 18.90 -12.93
N CYS D 512 -12.01 17.78 -13.08
CA CYS D 512 -12.32 16.83 -14.14
C CYS D 512 -13.78 16.38 -14.07
N ARG D 513 -14.30 16.15 -12.86
CA ARG D 513 -15.68 15.70 -12.80
C ARG D 513 -16.64 16.84 -13.16
N ILE D 514 -16.25 18.07 -12.86
CA ILE D 514 -17.06 19.21 -13.27
C ILE D 514 -16.95 19.40 -14.77
N ALA D 515 -15.81 19.06 -15.36
CA ALA D 515 -15.68 19.03 -16.81
C ALA D 515 -16.47 17.90 -17.45
N GLN D 516 -17.14 17.06 -16.66
CA GLN D 516 -17.82 15.83 -17.15
C GLN D 516 -16.86 14.92 -17.94
N HIS D 517 -15.67 14.73 -17.40
CA HIS D 517 -14.70 13.82 -18.00
C HIS D 517 -15.18 12.37 -17.92
N ASP D 518 -15.38 11.77 -19.09
CA ASP D 518 -15.83 10.38 -19.23
C ASP D 518 -14.60 9.49 -19.32
N GLY D 519 -14.12 9.01 -18.17
CA GLY D 519 -13.07 8.02 -18.20
C GLY D 519 -12.00 8.18 -17.15
N PRO D 520 -10.82 7.59 -17.40
CA PRO D 520 -9.78 7.51 -16.36
C PRO D 520 -9.26 8.89 -15.98
N LEU D 521 -8.95 9.04 -14.68
CA LEU D 521 -8.52 10.33 -14.16
C LEU D 521 -7.38 10.89 -15.00
N HIS D 522 -6.48 10.01 -15.48
CA HIS D 522 -5.23 10.49 -16.03
C HIS D 522 -5.35 10.84 -17.50
N LYS D 523 -6.51 10.67 -18.10
CA LYS D 523 -6.67 11.15 -19.47
C LYS D 523 -7.32 12.50 -19.50
N CYS D 524 -7.73 12.99 -18.34
CA CYS D 524 -8.53 14.20 -18.27
C CYS D 524 -7.70 15.42 -18.63
N ASP D 525 -8.26 16.30 -19.46
CA ASP D 525 -7.67 17.60 -19.78
C ASP D 525 -8.77 18.67 -19.70
N ILE D 526 -8.71 19.55 -18.68
CA ILE D 526 -9.83 20.46 -18.44
C ILE D 526 -9.78 21.69 -19.36
N SER D 527 -9.03 21.64 -20.46
CA SER D 527 -8.95 22.81 -21.34
C SER D 527 -10.34 23.15 -21.87
N ASN D 528 -10.55 24.42 -22.20
CA ASN D 528 -11.86 24.86 -22.70
C ASN D 528 -13.02 24.58 -21.70
N SER D 529 -12.78 24.31 -20.42
CA SER D 529 -13.91 23.84 -19.61
C SER D 529 -14.84 24.96 -19.14
N THR D 530 -14.30 26.03 -18.54
CA THR D 530 -15.08 27.17 -18.05
C THR D 530 -15.84 26.85 -16.77
N ASP D 531 -16.69 25.83 -16.75
CA ASP D 531 -17.28 25.45 -15.46
C ASP D 531 -16.18 25.04 -14.50
N ALA D 532 -15.22 24.25 -14.99
CA ALA D 532 -14.01 23.99 -14.21
C ALA D 532 -13.38 25.30 -13.76
N GLY D 533 -13.15 26.21 -14.71
CA GLY D 533 -12.48 27.45 -14.37
C GLY D 533 -13.24 28.26 -13.34
N LYS D 534 -14.58 28.32 -13.46
CA LYS D 534 -15.38 29.11 -12.54
C LYS D 534 -15.35 28.51 -11.15
N LYS D 535 -15.39 27.17 -11.05
CA LYS D 535 -15.35 26.52 -9.74
C LYS D 535 -14.01 26.77 -9.07
N LEU D 536 -12.94 26.66 -9.85
CA LEU D 536 -11.59 26.90 -9.32
C LEU D 536 -11.44 28.34 -8.88
N HIS D 537 -11.97 29.28 -9.65
CA HIS D 537 -11.85 30.69 -9.31
C HIS D 537 -12.70 31.05 -8.11
N GLN D 538 -13.88 30.42 -7.98
CA GLN D 538 -14.65 30.49 -6.73
C GLN D 538 -13.78 30.08 -5.55
N MET D 539 -12.95 29.05 -5.72
CA MET D 539 -12.03 28.73 -4.63
C MET D 539 -10.99 29.81 -4.42
N LEU D 540 -10.32 30.21 -5.50
CA LEU D 540 -9.18 31.11 -5.37
C LEU D 540 -9.56 32.43 -4.73
N SER D 541 -10.77 32.93 -5.03
CA SER D 541 -11.23 34.23 -4.53
C SER D 541 -11.25 34.30 -3.01
N VAL D 542 -11.42 33.16 -2.34
CA VAL D 542 -11.59 33.19 -0.90
C VAL D 542 -10.28 33.56 -0.21
N GLY D 543 -9.14 33.31 -0.86
CA GLY D 543 -7.91 33.59 -0.19
C GLY D 543 -7.86 32.80 1.10
N LYS D 544 -7.31 33.44 2.12
CA LYS D 544 -7.30 32.90 3.48
C LYS D 544 -8.42 33.49 4.32
N SER D 545 -9.43 34.10 3.69
CA SER D 545 -10.50 34.73 4.46
C SER D 545 -11.34 33.71 5.22
N GLN D 546 -11.11 32.41 4.99
CA GLN D 546 -11.93 31.30 5.39
C GLN D 546 -11.06 30.06 5.58
N PRO D 547 -11.33 29.26 6.66
CA PRO D 547 -10.54 28.06 6.98
C PRO D 547 -10.31 27.12 5.82
N TRP D 548 -9.05 26.91 5.47
CA TRP D 548 -8.74 26.09 4.32
C TRP D 548 -9.54 24.81 4.28
N THR D 549 -9.94 24.28 5.44
CA THR D 549 -10.80 23.09 5.38
C THR D 549 -12.17 23.44 4.79
N VAL D 550 -12.75 24.55 5.20
CA VAL D 550 -14.08 24.86 4.68
C VAL D 550 -14.05 25.11 3.18
N THR D 551 -13.03 25.83 2.69
CA THR D 551 -13.01 26.08 1.26
C THR D 551 -12.62 24.83 0.51
N LEU D 552 -11.84 23.94 1.13
CA LEU D 552 -11.59 22.65 0.50
C LEU D 552 -12.88 21.88 0.32
N LYS D 553 -13.72 21.88 1.35
CA LYS D 553 -15.00 21.20 1.29
C LYS D 553 -15.86 21.78 0.16
N ASP D 554 -15.75 23.09 -0.08
CA ASP D 554 -16.54 23.68 -1.16
C ASP D 554 -16.12 23.21 -2.55
N ILE D 555 -14.91 22.66 -2.71
CA ILE D 555 -14.48 22.13 -4.02
C ILE D 555 -14.63 20.62 -4.13
N VAL D 556 -13.92 19.87 -3.28
CA VAL D 556 -13.87 18.42 -3.43
C VAL D 556 -14.89 17.73 -2.54
N ASP D 557 -15.79 18.50 -1.93
CA ASP D 557 -16.82 17.96 -1.05
C ASP D 557 -16.20 17.11 0.04
N SER D 558 -15.02 17.51 0.49
CA SER D 558 -14.40 16.87 1.63
C SER D 558 -13.62 17.92 2.39
N ARG D 559 -13.42 17.67 3.67
CA ARG D 559 -12.69 18.61 4.49
C ARG D 559 -11.25 18.15 4.72
N ASN D 560 -10.88 16.96 4.26
CA ASN D 560 -9.64 16.31 4.66
C ASN D 560 -8.69 16.09 3.50
N MET D 561 -7.38 16.08 3.79
CA MET D 561 -6.39 15.71 2.78
C MET D 561 -6.59 14.25 2.41
N ASP D 562 -6.47 13.94 1.13
CA ASP D 562 -6.80 12.59 0.67
C ASP D 562 -5.92 12.22 -0.51
N VAL D 563 -5.21 11.10 -0.39
CA VAL D 563 -4.45 10.58 -1.52
C VAL D 563 -5.23 9.59 -2.36
N GLY D 564 -6.50 9.36 -2.04
CA GLY D 564 -7.35 8.55 -2.85
C GLY D 564 -7.21 8.96 -4.30
N PRO D 565 -7.39 10.24 -4.58
CA PRO D 565 -7.23 10.67 -5.98
C PRO D 565 -5.83 10.43 -6.54
N LEU D 566 -4.76 10.80 -5.84
CA LEU D 566 -3.42 10.47 -6.37
C LEU D 566 -3.32 8.97 -6.70
N LEU D 567 -3.86 8.13 -5.82
CA LEU D 567 -3.76 6.69 -6.01
C LEU D 567 -4.53 6.21 -7.24
N ARG D 568 -5.75 6.74 -7.44
CA ARG D 568 -6.52 6.35 -8.60
C ARG D 568 -5.88 6.86 -9.89
N TYR D 569 -5.31 8.07 -9.81
CA TYR D 569 -4.59 8.62 -10.95
C TYR D 569 -3.46 7.70 -11.39
N PHE D 570 -2.73 7.11 -10.46
CA PHE D 570 -1.64 6.23 -10.87
C PHE D 570 -2.01 4.77 -10.96
N GLU D 571 -3.24 4.37 -10.63
CA GLU D 571 -3.56 2.95 -10.53
C GLU D 571 -3.20 2.16 -11.79
N PRO D 572 -3.40 2.66 -13.03
CA PRO D 572 -2.88 1.96 -14.22
C PRO D 572 -1.39 1.65 -14.14
N LEU D 573 -0.59 2.69 -13.87
CA LEU D 573 0.84 2.46 -13.68
C LEU D 573 1.08 1.44 -12.59
N TYR D 574 0.33 1.54 -11.48
CA TYR D 574 0.58 0.64 -10.35
C TYR D 574 0.37 -0.82 -10.75
N THR D 575 -0.76 -1.17 -11.37
CA THR D 575 -0.88 -2.58 -11.70
C THR D 575 0.18 -2.99 -12.72
N TRP D 576 0.57 -2.08 -13.62
CA TRP D 576 1.62 -2.44 -14.58
C TRP D 576 2.93 -2.75 -13.83
N LEU D 577 3.42 -1.80 -13.03
CA LEU D 577 4.59 -2.03 -12.18
C LEU D 577 4.50 -3.36 -11.45
N GLN D 578 3.29 -3.70 -10.97
CA GLN D 578 3.13 -4.95 -10.24
C GLN D 578 3.56 -6.12 -11.11
N GLU D 579 3.12 -6.13 -12.38
CA GLU D 579 3.55 -7.21 -13.26
C GLU D 579 5.06 -7.13 -13.53
N GLN D 580 5.58 -5.93 -13.78
CA GLN D 580 6.99 -5.81 -14.14
C GLN D 580 7.95 -6.24 -13.03
N ASN D 581 7.51 -6.13 -11.78
CA ASN D 581 8.36 -6.48 -10.65
C ASN D 581 8.15 -7.91 -10.17
N ARG D 582 7.40 -8.72 -10.91
CA ARG D 582 7.18 -10.08 -10.47
C ARG D 582 8.49 -10.81 -10.29
N LYS D 583 9.52 -10.41 -11.03
CA LYS D 583 10.80 -11.09 -10.92
C LYS D 583 11.88 -10.15 -10.42
N SER D 584 11.49 -9.07 -9.76
CA SER D 584 12.37 -8.20 -9.00
C SER D 584 12.07 -8.37 -7.51
N TYR D 585 12.97 -7.88 -6.68
CA TYR D 585 12.65 -7.69 -5.28
C TYR D 585 11.99 -6.35 -5.13
N VAL D 586 11.00 -6.25 -4.25
CA VAL D 586 10.33 -4.98 -3.94
C VAL D 586 10.59 -4.62 -2.48
N GLY D 587 11.04 -3.38 -2.25
CA GLY D 587 11.45 -2.94 -0.94
C GLY D 587 12.95 -3.02 -0.79
N TRP D 588 13.45 -2.61 0.37
CA TRP D 588 14.87 -2.47 0.48
C TRP D 588 15.39 -2.84 1.86
N ASN D 589 16.70 -3.13 1.89
CA ASN D 589 17.47 -3.52 3.07
C ASN D 589 18.37 -2.37 3.48
N THR D 590 17.98 -1.65 4.53
CA THR D 590 18.75 -0.48 4.95
C THR D 590 20.16 -0.83 5.46
N ASP D 591 20.62 -2.06 5.36
CA ASP D 591 21.98 -2.27 5.83
C ASP D 591 23.00 -2.25 4.70
N TRP D 592 22.58 -2.48 3.45
CA TRP D 592 23.55 -2.43 2.35
C TRP D 592 23.94 -0.99 2.04
N SER D 593 25.21 -0.79 1.71
CA SER D 593 25.77 0.47 1.24
C SER D 593 26.81 0.21 0.16
N PRO D 594 27.10 1.21 -0.68
CA PRO D 594 28.18 1.05 -1.68
C PRO D 594 29.60 1.18 -1.13
N TYR D 595 29.82 1.58 0.13
CA TYR D 595 31.18 1.55 0.71
C TYR D 595 31.42 0.36 1.64
N SER D 596 30.46 -0.55 1.77
CA SER D 596 30.61 -1.72 2.63
C SER D 596 29.57 -2.76 2.17
N ASP D 597 30.04 -3.82 1.50
CA ASP D 597 29.16 -4.88 0.99
C ASP D 597 29.19 -6.13 1.86
#